data_7CU8
#
_entry.id   7CU8
#
_cell.length_a   198.002
_cell.length_b   198.002
_cell.length_c   364.108
_cell.angle_alpha   90.000
_cell.angle_beta   90.000
_cell.angle_gamma   120.000
#
_symmetry.space_group_name_H-M   'P 61 2 2'
#
loop_
_entity.id
_entity.type
_entity.pdbx_description
1 polymer 'Tube-forming protein in Mycobacterial Envelope (TiME)'
2 non-polymer 'SULFATE ION'
#
_entity_poly.entity_id   1
_entity_poly.type   'polypeptide(L)'
_entity_poly.pdbx_seq_one_letter_code
;HPSEPGVVSYAVLGKGSVGNIVGAPMGWEAVFTRPFQAFWVELPACNNWVDIGLPEVYDDPDLASFNGATTQTSATDQTH
LVKQAVGVFASNDAADRAFHRVVDRTVGCSGQTTAIHLDDGTTQVWSFAGGPSTGTDEAWTKQEAGTDRRCFVQTRLREN
VLLQAKVCQSGNAGPAVNVLAGAMQNTLGKLAAALEHHHHHH
;
_entity_poly.pdbx_strand_id   A,B,C,D,E,F,G
#
loop_
_chem_comp.id
_chem_comp.type
_chem_comp.name
_chem_comp.formula
SO4 non-polymer 'SULFATE ION' 'O4 S -2'
#
# COMPACT_ATOMS: atom_id res chain seq x y z
N HIS A 1 20.66 -0.98 31.68
CA HIS A 1 20.72 -2.11 32.68
C HIS A 1 21.40 -3.29 32.00
N PRO A 2 21.89 -4.32 32.72
CA PRO A 2 22.72 -5.35 32.10
C PRO A 2 22.04 -5.93 30.84
N SER A 3 22.71 -5.85 29.69
CA SER A 3 22.18 -6.27 28.37
C SER A 3 21.90 -7.77 28.36
N GLU A 4 20.82 -8.18 27.71
CA GLU A 4 20.44 -9.61 27.50
C GLU A 4 21.40 -10.22 26.47
N PRO A 5 21.56 -11.55 26.43
CA PRO A 5 22.45 -12.20 25.46
C PRO A 5 22.11 -11.91 23.99
N GLY A 6 20.84 -11.58 23.71
CA GLY A 6 20.29 -11.39 22.36
C GLY A 6 20.89 -10.20 21.61
N VAL A 7 21.48 -9.24 22.32
CA VAL A 7 21.95 -7.95 21.73
C VAL A 7 23.07 -8.20 20.71
N VAL A 8 23.88 -9.25 20.90
CA VAL A 8 25.10 -9.54 20.09
C VAL A 8 24.75 -9.60 18.60
N SER A 9 23.56 -10.10 18.25
CA SER A 9 23.11 -10.29 16.84
C SER A 9 22.71 -8.95 16.20
N TYR A 10 22.44 -7.91 17.00
CA TYR A 10 22.09 -6.54 16.55
C TYR A 10 23.28 -5.58 16.71
N ALA A 11 24.15 -5.83 17.68
CA ALA A 11 25.30 -4.95 18.03
C ALA A 11 26.38 -5.02 16.96
N VAL A 12 26.47 -6.13 16.21
CA VAL A 12 27.38 -6.29 15.03
C VAL A 12 26.65 -5.77 13.79
N LEU A 13 27.09 -4.62 13.26
CA LEU A 13 26.44 -3.91 12.13
C LEU A 13 26.81 -4.62 10.82
N GLY A 14 25.89 -4.60 9.84
CA GLY A 14 26.10 -5.18 8.50
C GLY A 14 27.02 -4.32 7.65
N LYS A 15 27.41 -4.82 6.48
CA LYS A 15 28.37 -4.16 5.55
C LYS A 15 27.81 -2.80 5.11
N GLY A 16 26.51 -2.72 4.87
CA GLY A 16 25.80 -1.48 4.47
C GLY A 16 26.07 -0.33 5.45
N SER A 17 25.82 -0.58 6.74
CA SER A 17 26.00 0.40 7.86
C SER A 17 27.49 0.74 8.03
N VAL A 18 28.35 -0.28 7.98
CA VAL A 18 29.83 -0.14 8.15
C VAL A 18 30.36 0.79 7.04
N GLY A 19 29.90 0.59 5.80
CA GLY A 19 30.24 1.43 4.64
C GLY A 19 29.87 2.89 4.87
N ASN A 20 28.68 3.13 5.42
CA ASN A 20 28.15 4.50 5.70
C ASN A 20 28.94 5.16 6.83
N ILE A 21 29.61 4.39 7.68
CA ILE A 21 30.40 4.91 8.85
C ILE A 21 31.80 5.30 8.38
N VAL A 22 32.46 4.46 7.56
CA VAL A 22 33.83 4.70 7.02
C VAL A 22 33.76 5.64 5.81
N GLY A 23 32.58 5.77 5.18
CA GLY A 23 32.36 6.64 4.01
C GLY A 23 33.05 6.10 2.77
N ALA A 24 32.72 4.86 2.40
CA ALA A 24 33.29 4.12 1.25
C ALA A 24 32.48 2.84 1.02
N PRO A 25 32.51 2.25 -0.19
CA PRO A 25 31.79 1.00 -0.44
C PRO A 25 32.41 -0.17 0.34
N MET A 26 31.55 -0.99 0.96
CA MET A 26 31.92 -2.26 1.65
C MET A 26 30.98 -3.36 1.16
N GLY A 27 31.46 -4.20 0.23
CA GLY A 27 30.65 -5.19 -0.51
C GLY A 27 30.72 -6.58 0.11
N TRP A 28 31.77 -6.87 0.89
CA TRP A 28 32.04 -8.21 1.46
C TRP A 28 32.05 -8.15 2.99
N GLU A 29 31.34 -9.09 3.63
CA GLU A 29 31.37 -9.32 5.11
C GLU A 29 31.38 -10.84 5.37
N ALA A 30 31.81 -11.24 6.57
CA ALA A 30 31.82 -12.65 7.03
C ALA A 30 31.59 -12.67 8.55
N VAL A 31 30.39 -13.09 8.96
CA VAL A 31 29.96 -13.17 10.39
C VAL A 31 30.61 -14.40 11.02
N PHE A 32 31.26 -14.23 12.18
CA PHE A 32 31.82 -15.33 13.01
C PHE A 32 31.09 -15.32 14.37
N THR A 33 30.60 -16.48 14.79
CA THR A 33 29.73 -16.68 15.98
C THR A 33 30.54 -17.21 17.17
N ARG A 34 31.84 -17.41 16.99
CA ARG A 34 32.76 -18.05 17.98
C ARG A 34 34.10 -17.30 17.96
N PRO A 35 34.66 -16.90 19.12
CA PRO A 35 35.96 -16.24 19.15
C PRO A 35 37.04 -17.17 18.56
N PHE A 36 37.90 -16.63 17.68
CA PHE A 36 39.02 -17.38 17.03
C PHE A 36 40.29 -16.55 17.04
N GLN A 37 41.44 -17.23 16.91
CA GLN A 37 42.78 -16.63 16.71
C GLN A 37 43.47 -17.35 15.56
N ALA A 38 43.62 -16.68 14.42
CA ALA A 38 44.21 -17.20 13.17
C ALA A 38 45.61 -16.60 12.96
N PHE A 39 46.46 -16.68 14.00
CA PHE A 39 47.85 -16.17 14.00
C PHE A 39 48.58 -16.57 15.29
N TRP A 40 49.88 -16.28 15.34
CA TRP A 40 50.71 -16.20 16.58
C TRP A 40 51.74 -15.09 16.40
N VAL A 41 52.01 -14.31 17.46
CA VAL A 41 52.91 -13.12 17.45
C VAL A 41 54.21 -13.50 18.18
N GLU A 42 55.35 -12.94 17.73
CA GLU A 42 56.70 -13.22 18.28
C GLU A 42 56.80 -12.64 19.69
N LEU A 43 56.71 -11.30 19.82
CA LEU A 43 56.59 -10.61 21.13
C LEU A 43 55.21 -10.94 21.70
N PRO A 44 55.10 -11.83 22.72
CA PRO A 44 53.81 -12.39 23.12
C PRO A 44 52.90 -11.42 23.90
N ALA A 45 53.46 -10.31 24.40
CA ALA A 45 52.71 -9.25 25.12
C ALA A 45 51.74 -8.53 24.18
N CYS A 46 52.03 -8.53 22.87
CA CYS A 46 51.23 -7.83 21.82
C CYS A 46 50.09 -8.70 21.30
N ASN A 47 49.95 -9.95 21.79
CA ASN A 47 48.96 -10.94 21.30
C ASN A 47 47.57 -10.31 21.24
N ASN A 48 47.11 -9.70 22.35
CA ASN A 48 45.72 -9.24 22.55
C ASN A 48 45.49 -7.85 21.92
N TRP A 49 46.52 -7.29 21.27
CA TRP A 49 46.42 -6.04 20.46
C TRP A 49 46.47 -6.35 18.96
N VAL A 50 47.00 -7.51 18.57
CA VAL A 50 47.14 -7.94 17.14
C VAL A 50 45.75 -7.91 16.48
N ASP A 51 44.74 -8.49 17.14
CA ASP A 51 43.38 -8.67 16.59
C ASP A 51 42.35 -8.61 17.73
N ILE A 52 41.06 -8.64 17.38
CA ILE A 52 39.91 -8.59 18.33
C ILE A 52 39.10 -9.88 18.20
N GLY A 53 38.22 -10.16 19.16
CA GLY A 53 37.40 -11.37 19.22
C GLY A 53 38.24 -12.61 19.46
N LEU A 54 39.22 -12.52 20.36
CA LEU A 54 40.22 -13.59 20.64
C LEU A 54 39.70 -14.50 21.74
N PRO A 55 39.82 -15.84 21.59
CA PRO A 55 39.44 -16.79 22.64
C PRO A 55 40.02 -16.41 24.02
N GLU A 56 41.31 -16.06 24.06
CA GLU A 56 42.05 -15.67 25.29
C GLU A 56 41.25 -14.62 26.08
N VAL A 57 40.59 -13.70 25.37
CA VAL A 57 39.86 -12.53 25.95
C VAL A 57 38.44 -12.96 26.36
N TYR A 58 37.72 -13.64 25.46
CA TYR A 58 36.24 -13.83 25.53
C TYR A 58 35.89 -15.18 26.19
N ASP A 59 36.59 -16.26 25.85
CA ASP A 59 36.34 -17.63 26.39
C ASP A 59 36.30 -17.55 27.93
N ASP A 60 35.16 -17.92 28.52
CA ASP A 60 34.87 -17.80 29.98
C ASP A 60 33.65 -18.67 30.28
N PRO A 61 33.61 -19.38 31.43
CA PRO A 61 32.42 -20.11 31.84
C PRO A 61 31.15 -19.24 31.93
N ASP A 62 31.30 -17.91 32.07
CA ASP A 62 30.18 -16.94 32.23
C ASP A 62 29.91 -16.18 30.93
N LEU A 63 30.49 -16.61 29.80
CA LEU A 63 30.19 -16.02 28.47
C LEU A 63 28.79 -16.48 28.05
N ALA A 64 27.81 -15.58 28.05
CA ALA A 64 26.39 -15.85 27.74
C ALA A 64 26.22 -16.03 26.23
N SER A 65 26.66 -15.03 25.45
CA SER A 65 26.58 -15.00 23.96
C SER A 65 27.78 -14.24 23.40
N PHE A 66 28.10 -14.50 22.13
CA PHE A 66 29.19 -13.84 21.37
C PHE A 66 28.81 -13.79 19.88
N ASN A 67 29.17 -12.69 19.22
CA ASN A 67 28.96 -12.48 17.76
C ASN A 67 30.01 -11.48 17.26
N GLY A 68 30.40 -11.60 15.99
CA GLY A 68 31.36 -10.70 15.33
C GLY A 68 31.24 -10.79 13.83
N ALA A 69 31.93 -9.90 13.10
CA ALA A 69 31.92 -9.87 11.62
C ALA A 69 33.11 -9.06 11.10
N THR A 70 33.86 -9.63 10.16
CA THR A 70 34.92 -8.95 9.37
C THR A 70 34.28 -8.41 8.08
N THR A 71 34.44 -7.12 7.81
CA THR A 71 33.90 -6.41 6.62
C THR A 71 35.07 -5.85 5.80
N GLN A 72 35.00 -5.98 4.47
CA GLN A 72 36.03 -5.48 3.52
C GLN A 72 35.36 -4.73 2.36
N THR A 73 36.16 -3.98 1.59
CA THR A 73 35.73 -3.26 0.36
C THR A 73 35.10 -4.26 -0.61
N SER A 74 35.78 -5.38 -0.87
CA SER A 74 35.28 -6.54 -1.63
C SER A 74 35.98 -7.82 -1.15
N ALA A 75 35.71 -8.96 -1.79
CA ALA A 75 36.33 -10.27 -1.51
C ALA A 75 37.84 -10.20 -1.74
N THR A 76 38.27 -9.45 -2.76
CA THR A 76 39.67 -9.38 -3.25
C THR A 76 40.30 -8.03 -2.92
N ASP A 77 39.57 -7.12 -2.25
CA ASP A 77 39.98 -5.72 -1.98
C ASP A 77 39.96 -5.47 -0.46
N GLN A 78 41.03 -4.85 0.06
CA GLN A 78 41.21 -4.57 1.52
C GLN A 78 41.52 -3.08 1.74
N THR A 79 41.09 -2.19 0.83
CA THR A 79 41.23 -0.71 0.96
C THR A 79 40.76 -0.32 2.37
N HIS A 80 39.56 -0.77 2.73
CA HIS A 80 38.99 -0.74 4.11
C HIS A 80 38.81 -2.17 4.61
N LEU A 81 39.37 -2.49 5.79
CA LEU A 81 39.07 -3.73 6.55
C LEU A 81 38.54 -3.33 7.92
N VAL A 82 37.25 -3.62 8.18
CA VAL A 82 36.56 -3.34 9.48
C VAL A 82 36.26 -4.69 10.13
N LYS A 83 36.49 -4.80 11.45
CA LYS A 83 36.13 -5.99 12.26
C LYS A 83 35.40 -5.53 13.53
N GLN A 84 34.34 -6.26 13.91
CA GLN A 84 33.54 -6.02 15.14
C GLN A 84 33.46 -7.31 15.94
N ALA A 85 33.47 -7.22 17.27
CA ALA A 85 33.28 -8.34 18.21
C ALA A 85 32.50 -7.85 19.44
N VAL A 86 31.42 -8.52 19.79
CA VAL A 86 30.54 -8.21 20.95
C VAL A 86 30.32 -9.49 21.75
N GLY A 87 30.64 -9.47 23.05
CA GLY A 87 30.40 -10.57 23.99
C GLY A 87 29.57 -10.10 25.17
N VAL A 88 28.46 -10.78 25.45
CA VAL A 88 27.62 -10.56 26.67
C VAL A 88 28.01 -11.63 27.70
N PHE A 89 28.20 -11.23 28.95
CA PHE A 89 28.62 -12.10 30.08
C PHE A 89 27.50 -12.17 31.12
N ALA A 90 27.43 -13.29 31.85
CA ALA A 90 26.40 -13.58 32.87
C ALA A 90 26.44 -12.52 33.98
N SER A 91 27.65 -12.06 34.34
CA SER A 91 27.90 -11.05 35.41
C SER A 91 28.74 -9.89 34.86
N ASN A 92 28.69 -8.73 35.52
CA ASN A 92 29.51 -7.52 35.21
C ASN A 92 30.98 -7.84 35.48
N ASP A 93 31.26 -8.66 36.50
CA ASP A 93 32.64 -9.04 36.91
C ASP A 93 33.28 -9.90 35.82
N ALA A 94 32.52 -10.81 35.22
CA ALA A 94 32.98 -11.74 34.15
C ALA A 94 33.47 -10.92 32.95
N ALA A 95 32.73 -9.87 32.58
CA ALA A 95 33.05 -8.93 31.49
C ALA A 95 34.25 -8.05 31.89
N ASP A 96 34.29 -7.61 33.14
CA ASP A 96 35.35 -6.73 33.70
C ASP A 96 36.69 -7.48 33.68
N ARG A 97 36.68 -8.76 34.09
CA ARG A 97 37.88 -9.65 34.07
C ARG A 97 38.35 -9.83 32.62
N ALA A 98 37.40 -10.03 31.69
CA ALA A 98 37.64 -10.21 30.24
C ALA A 98 38.22 -8.93 29.63
N PHE A 99 37.79 -7.77 30.13
CA PHE A 99 38.32 -6.44 29.72
C PHE A 99 39.78 -6.32 30.17
N HIS A 100 40.07 -6.71 31.41
CA HIS A 100 41.41 -6.60 32.05
C HIS A 100 42.37 -7.65 31.47
N ARG A 101 41.85 -8.67 30.79
CA ARG A 101 42.69 -9.66 30.05
C ARG A 101 43.29 -8.99 28.80
N VAL A 102 42.78 -7.82 28.40
CA VAL A 102 43.30 -7.01 27.25
C VAL A 102 44.29 -5.97 27.78
N VAL A 103 43.97 -5.28 28.89
CA VAL A 103 44.76 -4.11 29.38
C VAL A 103 46.02 -4.63 30.09
N ASP A 104 45.88 -5.65 30.94
CA ASP A 104 46.96 -6.18 31.82
C ASP A 104 48.00 -6.93 30.98
N ARG A 105 47.55 -7.77 30.03
CA ARG A 105 48.42 -8.72 29.28
C ARG A 105 49.11 -8.02 28.11
N THR A 106 48.83 -6.73 27.86
CA THR A 106 49.42 -5.93 26.75
C THR A 106 50.30 -4.80 27.31
N VAL A 107 50.75 -4.91 28.56
CA VAL A 107 51.79 -4.01 29.16
C VAL A 107 53.12 -4.37 28.48
N GLY A 108 53.84 -3.36 27.98
CA GLY A 108 55.14 -3.51 27.32
C GLY A 108 55.02 -3.90 25.85
N CYS A 109 53.85 -3.65 25.25
CA CYS A 109 53.60 -3.80 23.78
C CYS A 109 53.67 -2.42 23.10
N SER A 110 53.29 -1.36 23.83
CA SER A 110 53.28 0.05 23.35
C SER A 110 54.67 0.44 22.84
N GLY A 111 54.74 0.95 21.62
CA GLY A 111 55.98 1.49 21.00
C GLY A 111 56.93 0.40 20.51
N GLN A 112 56.44 -0.84 20.36
CA GLN A 112 57.24 -2.00 19.89
C GLN A 112 56.83 -2.36 18.46
N THR A 113 57.74 -3.00 17.71
CA THR A 113 57.50 -3.63 16.39
C THR A 113 57.76 -5.13 16.52
N THR A 114 56.97 -5.96 15.85
CA THR A 114 57.04 -7.45 15.93
C THR A 114 56.36 -8.08 14.70
N ALA A 115 56.72 -9.34 14.40
CA ALA A 115 56.21 -10.12 13.27
C ALA A 115 55.00 -10.95 13.72
N ILE A 116 54.03 -11.15 12.81
CA ILE A 116 52.74 -11.87 13.07
C ILE A 116 52.59 -12.96 12.00
N HIS A 117 52.70 -14.22 12.39
CA HIS A 117 52.64 -15.42 11.50
C HIS A 117 51.20 -15.88 11.36
N LEU A 118 50.58 -15.63 10.20
CA LEU A 118 49.17 -15.99 9.90
C LEU A 118 49.07 -17.49 9.63
N ASP A 119 47.88 -18.07 9.82
CA ASP A 119 47.60 -19.53 9.70
C ASP A 119 47.81 -20.00 8.25
N ASP A 120 47.50 -19.14 7.27
CA ASP A 120 47.60 -19.46 5.82
C ASP A 120 49.07 -19.63 5.41
N GLY A 121 50.01 -19.10 6.22
CA GLY A 121 51.47 -19.31 6.04
C GLY A 121 52.24 -18.00 5.94
N THR A 122 51.55 -16.90 5.59
CA THR A 122 52.15 -15.55 5.37
C THR A 122 52.75 -15.02 6.68
N THR A 123 53.53 -13.94 6.58
CA THR A 123 54.08 -13.16 7.73
C THR A 123 53.97 -11.67 7.42
N GLN A 124 53.53 -10.87 8.42
CA GLN A 124 53.43 -9.39 8.34
C GLN A 124 54.09 -8.79 9.58
N VAL A 125 54.69 -7.61 9.44
CA VAL A 125 55.34 -6.85 10.55
C VAL A 125 54.47 -5.62 10.84
N TRP A 126 54.07 -5.44 12.10
CA TRP A 126 53.19 -4.34 12.58
C TRP A 126 53.84 -3.63 13.76
N SER A 127 53.75 -2.29 13.78
CA SER A 127 54.27 -1.40 14.85
C SER A 127 53.09 -0.91 15.70
N PHE A 128 53.02 -1.33 16.96
CA PHE A 128 51.91 -1.04 17.91
C PHE A 128 52.21 0.25 18.69
N ALA A 129 51.15 0.89 19.20
CA ALA A 129 51.21 2.17 19.96
C ALA A 129 49.93 2.35 20.77
N GLY A 130 50.05 2.42 22.10
CA GLY A 130 48.92 2.58 23.04
C GLY A 130 48.23 3.92 22.87
N GLY A 131 46.91 3.96 23.09
CA GLY A 131 46.06 5.16 22.96
C GLY A 131 45.39 5.53 24.28
N PRO A 132 44.35 6.38 24.27
CA PRO A 132 43.67 6.79 25.51
C PRO A 132 42.88 5.62 26.13
N SER A 133 43.16 5.33 27.40
CA SER A 133 42.55 4.19 28.16
C SER A 133 42.11 4.64 29.56
N THR A 134 40.79 4.65 29.79
CA THR A 134 40.14 4.85 31.12
C THR A 134 39.98 3.48 31.78
N GLY A 135 39.08 3.36 32.77
CA GLY A 135 38.78 2.10 33.47
C GLY A 135 37.87 1.20 32.64
N THR A 136 37.04 1.78 31.77
CA THR A 136 36.00 1.06 30.97
C THR A 136 36.31 1.16 29.46
N ASP A 137 37.40 1.83 29.06
CA ASP A 137 37.80 2.01 27.65
C ASP A 137 39.30 1.69 27.48
N GLU A 138 39.67 1.10 26.35
CA GLU A 138 41.06 0.83 25.92
C GLU A 138 41.14 0.94 24.40
N ALA A 139 41.83 1.98 23.90
CA ALA A 139 42.08 2.22 22.47
C ALA A 139 43.58 2.05 22.20
N TRP A 140 43.93 1.62 20.98
CA TRP A 140 45.34 1.47 20.51
C TRP A 140 45.37 1.49 18.98
N THR A 141 46.52 1.85 18.41
CA THR A 141 46.77 1.88 16.93
C THR A 141 47.93 0.94 16.60
N LYS A 142 47.77 0.11 15.57
CA LYS A 142 48.85 -0.74 15.00
C LYS A 142 49.05 -0.33 13.54
N GLN A 143 50.30 -0.10 13.14
CA GLN A 143 50.70 0.38 11.79
C GLN A 143 51.56 -0.69 11.11
N GLU A 144 51.17 -1.11 9.90
CA GLU A 144 51.92 -2.09 9.07
C GLU A 144 53.21 -1.42 8.58
N ALA A 145 54.37 -1.98 8.94
CA ALA A 145 55.72 -1.44 8.66
C ALA A 145 55.93 -1.39 7.14
N GLY A 146 56.29 -0.21 6.62
CA GLY A 146 56.60 0.03 5.19
C GLY A 146 55.39 0.42 4.38
N THR A 147 54.32 0.91 5.04
CA THR A 147 53.07 1.40 4.40
C THR A 147 52.43 2.50 5.25
N ASP A 148 51.48 3.24 4.67
CA ASP A 148 50.71 4.32 5.34
C ASP A 148 49.44 3.73 5.98
N ARG A 149 49.23 2.42 5.83
CA ARG A 149 48.06 1.67 6.37
C ARG A 149 48.16 1.59 7.90
N ARG A 150 47.14 2.07 8.60
CA ARG A 150 47.00 2.03 10.08
C ARG A 150 45.64 1.44 10.46
N CYS A 151 45.60 0.66 11.53
CA CYS A 151 44.36 0.09 12.14
C CYS A 151 44.14 0.73 13.52
N PHE A 152 43.08 1.53 13.65
CA PHE A 152 42.60 2.11 14.94
C PHE A 152 41.62 1.11 15.57
N VAL A 153 41.83 0.76 16.85
CA VAL A 153 41.00 -0.23 17.60
C VAL A 153 40.45 0.46 18.85
N GLN A 154 39.26 0.04 19.29
CA GLN A 154 38.60 0.50 20.55
C GLN A 154 37.96 -0.71 21.25
N THR A 155 38.32 -0.93 22.52
CA THR A 155 37.68 -1.91 23.43
C THR A 155 36.88 -1.14 24.48
N ARG A 156 35.58 -1.42 24.59
CA ARG A 156 34.65 -0.74 25.53
C ARG A 156 33.98 -1.78 26.44
N LEU A 157 34.09 -1.59 27.75
CA LEU A 157 33.42 -2.40 28.81
C LEU A 157 32.16 -1.66 29.27
N ARG A 158 30.99 -2.09 28.80
CA ARG A 158 29.67 -1.50 29.15
C ARG A 158 28.86 -2.53 29.94
N GLU A 159 28.76 -2.34 31.27
CA GLU A 159 27.99 -3.20 32.20
C GLU A 159 28.50 -4.64 32.12
N ASN A 160 27.81 -5.52 31.39
CA ASN A 160 28.14 -6.96 31.26
C ASN A 160 28.48 -7.29 29.79
N VAL A 161 28.82 -6.26 29.00
CA VAL A 161 29.13 -6.38 27.55
C VAL A 161 30.57 -5.87 27.31
N LEU A 162 31.34 -6.61 26.51
CA LEU A 162 32.68 -6.19 26.02
C LEU A 162 32.60 -5.99 24.50
N LEU A 163 32.67 -4.73 24.04
CA LEU A 163 32.72 -4.35 22.60
C LEU A 163 34.18 -4.28 22.15
N GLN A 164 34.45 -4.67 20.91
CA GLN A 164 35.74 -4.45 20.21
C GLN A 164 35.43 -4.05 18.75
N ALA A 165 36.02 -2.95 18.29
CA ALA A 165 35.85 -2.39 16.93
C ALA A 165 37.22 -2.04 16.36
N LYS A 166 37.51 -2.49 15.13
CA LYS A 166 38.78 -2.25 14.39
C LYS A 166 38.45 -1.68 13.01
N VAL A 167 39.13 -0.60 12.61
CA VAL A 167 39.01 0.03 11.27
C VAL A 167 40.42 0.20 10.69
N CYS A 168 40.72 -0.51 9.59
CA CYS A 168 42.04 -0.50 8.88
C CYS A 168 41.90 0.21 7.53
N GLN A 169 42.81 1.15 7.24
CA GLN A 169 42.80 1.99 6.01
C GLN A 169 43.99 2.95 6.03
N SER A 170 44.37 3.46 4.86
CA SER A 170 45.32 4.60 4.70
C SER A 170 44.67 5.86 5.29
N GLY A 171 45.48 6.86 5.63
CA GLY A 171 45.02 8.06 6.35
C GLY A 171 44.68 7.72 7.79
N ASN A 172 43.61 8.32 8.32
CA ASN A 172 43.26 8.30 9.77
C ASN A 172 41.90 7.61 9.96
N ALA A 173 41.90 6.41 10.55
CA ALA A 173 40.68 5.61 10.85
C ALA A 173 40.12 5.98 12.24
N GLY A 174 40.81 6.86 12.98
CA GLY A 174 40.48 7.25 14.37
C GLY A 174 39.04 7.69 14.53
N PRO A 175 38.56 8.67 13.73
CA PRO A 175 37.16 9.12 13.81
C PRO A 175 36.17 8.00 13.46
N ALA A 176 36.48 7.18 12.46
CA ALA A 176 35.62 6.12 11.90
C ALA A 176 35.35 5.03 12.95
N VAL A 177 36.39 4.58 13.67
CA VAL A 177 36.29 3.48 14.68
C VAL A 177 35.46 3.96 15.88
N ASN A 178 35.58 5.24 16.24
CA ASN A 178 34.85 5.85 17.39
C ASN A 178 33.35 5.90 17.08
N VAL A 179 32.99 6.23 15.84
CA VAL A 179 31.58 6.24 15.34
C VAL A 179 31.04 4.80 15.39
N LEU A 180 31.81 3.84 14.85
CA LEU A 180 31.44 2.41 14.78
C LEU A 180 31.18 1.88 16.20
N ALA A 181 32.15 2.04 17.10
CA ALA A 181 32.08 1.62 18.53
C ALA A 181 30.81 2.22 19.16
N GLY A 182 30.54 3.50 18.90
CA GLY A 182 29.37 4.24 19.41
C GLY A 182 28.06 3.70 18.84
N ALA A 183 28.05 3.38 17.54
CA ALA A 183 26.89 2.82 16.81
C ALA A 183 26.55 1.43 17.35
N MET A 184 27.58 0.61 17.61
CA MET A 184 27.45 -0.74 18.21
C MET A 184 26.87 -0.63 19.62
N GLN A 185 27.34 0.36 20.39
CA GLN A 185 26.98 0.58 21.81
C GLN A 185 25.51 1.02 21.92
N ASN A 186 24.98 1.73 20.93
CA ASN A 186 23.59 2.26 20.91
C ASN A 186 22.59 1.11 20.92
N THR A 187 22.88 0.02 20.20
CA THR A 187 21.99 -1.16 20.03
C THR A 187 21.76 -1.85 21.38
N LEU A 188 22.64 -1.65 22.36
CA LEU A 188 22.50 -2.22 23.73
C LEU A 188 21.34 -1.53 24.44
N HIS B 1 -5.02 -14.59 36.27
CA HIS B 1 -6.19 -15.20 35.55
C HIS B 1 -5.81 -16.56 34.99
N PRO B 2 -6.76 -17.52 34.89
CA PRO B 2 -6.51 -18.78 34.20
C PRO B 2 -6.48 -18.57 32.68
N SER B 3 -5.42 -19.04 32.02
CA SER B 3 -5.22 -18.94 30.55
C SER B 3 -6.20 -19.89 29.84
N GLU B 4 -6.65 -19.49 28.65
CA GLU B 4 -7.46 -20.36 27.74
C GLU B 4 -6.54 -21.42 27.13
N PRO B 5 -7.07 -22.57 26.66
CA PRO B 5 -6.25 -23.61 26.05
C PRO B 5 -5.42 -23.14 24.84
N GLY B 6 -5.88 -22.10 24.16
CA GLY B 6 -5.32 -21.62 22.88
C GLY B 6 -3.94 -21.00 22.99
N VAL B 7 -3.52 -20.61 24.19
CA VAL B 7 -2.24 -19.86 24.44
C VAL B 7 -1.03 -20.73 24.02
N VAL B 8 -1.14 -22.06 24.14
CA VAL B 8 -0.02 -23.02 23.90
C VAL B 8 0.58 -22.80 22.50
N SER B 9 -0.25 -22.47 21.51
CA SER B 9 0.15 -22.30 20.09
C SER B 9 0.97 -21.02 19.90
N TYR B 10 0.82 -20.03 20.79
CA TYR B 10 1.54 -18.72 20.75
C TYR B 10 2.70 -18.71 21.76
N ALA B 11 2.57 -19.44 22.87
CA ALA B 11 3.52 -19.47 24.00
C ALA B 11 4.85 -20.11 23.58
N VAL B 12 4.80 -21.11 22.69
CA VAL B 12 6.01 -21.76 22.09
C VAL B 12 6.52 -20.85 20.97
N LEU B 13 7.68 -20.23 21.16
CA LEU B 13 8.29 -19.25 20.21
C LEU B 13 8.98 -20.01 19.08
N GLY B 14 8.89 -19.48 17.85
CA GLY B 14 9.55 -20.04 16.66
C GLY B 14 11.06 -19.87 16.72
N LYS B 15 11.78 -20.52 15.81
CA LYS B 15 13.27 -20.57 15.77
C LYS B 15 13.83 -19.15 15.61
N GLY B 16 13.15 -18.29 14.85
CA GLY B 16 13.53 -16.88 14.63
C GLY B 16 13.65 -16.12 15.94
N SER B 17 12.63 -16.22 16.80
CA SER B 17 12.55 -15.57 18.13
C SER B 17 13.59 -16.19 19.08
N VAL B 18 13.69 -17.53 19.08
CA VAL B 18 14.63 -18.31 19.93
C VAL B 18 16.07 -17.86 19.60
N GLY B 19 16.37 -17.69 18.30
CA GLY B 19 17.67 -17.20 17.80
C GLY B 19 18.02 -15.83 18.36
N ASN B 20 17.04 -14.92 18.42
CA ASN B 20 17.20 -13.53 18.91
C ASN B 20 17.39 -13.52 20.43
N ILE B 21 16.93 -14.56 21.14
CA ILE B 21 17.00 -14.67 22.63
C ILE B 21 18.38 -15.21 23.04
N VAL B 22 18.84 -16.28 22.40
CA VAL B 22 20.17 -16.91 22.67
C VAL B 22 21.27 -16.09 22.00
N GLY B 23 20.93 -15.28 21.00
CA GLY B 23 21.88 -14.40 20.27
C GLY B 23 22.82 -15.21 19.39
N ALA B 24 22.26 -16.05 18.52
CA ALA B 24 22.97 -16.94 17.59
C ALA B 24 21.98 -17.49 16.56
N PRO B 25 22.45 -17.94 15.37
CA PRO B 25 21.54 -18.47 14.35
C PRO B 25 20.91 -19.79 14.79
N MET B 26 19.60 -19.93 14.60
CA MET B 26 18.80 -21.15 14.88
C MET B 26 17.96 -21.48 13.65
N GLY B 27 18.42 -22.43 12.82
CA GLY B 27 17.88 -22.71 11.48
C GLY B 27 16.89 -23.86 11.48
N TRP B 28 17.00 -24.78 12.43
CA TRP B 28 16.17 -26.03 12.51
C TRP B 28 15.28 -25.99 13.75
N GLU B 29 14.00 -26.32 13.59
CA GLU B 29 13.03 -26.54 14.70
C GLU B 29 12.08 -27.69 14.31
N ALA B 30 11.52 -28.37 15.32
CA ALA B 30 10.52 -29.44 15.18
C ALA B 30 9.48 -29.30 16.29
N VAL B 31 8.25 -28.90 15.93
CA VAL B 31 7.10 -28.69 16.88
C VAL B 31 6.52 -30.06 17.24
N PHE B 32 6.34 -30.34 18.54
CA PHE B 32 5.68 -31.56 19.06
C PHE B 32 4.43 -31.16 19.84
N THR B 33 3.29 -31.76 19.49
CA THR B 33 1.93 -31.41 19.99
C THR B 33 1.52 -32.34 21.14
N ARG B 34 2.35 -33.33 21.47
CA ARG B 34 2.05 -34.41 22.45
C ARG B 34 3.28 -34.63 23.32
N PRO B 35 3.15 -34.64 24.67
CA PRO B 35 4.29 -34.96 25.55
C PRO B 35 4.89 -36.33 25.21
N PHE B 36 6.22 -36.41 25.18
CA PHE B 36 6.99 -37.67 24.91
C PHE B 36 8.22 -37.75 25.82
N GLN B 37 8.70 -38.98 26.02
CA GLN B 37 9.97 -39.29 26.74
C GLN B 37 10.76 -40.29 25.89
N ALA B 38 11.81 -39.82 25.21
CA ALA B 38 12.65 -40.62 24.28
C ALA B 38 13.95 -41.04 24.97
N PHE B 39 13.85 -41.58 26.19
CA PHE B 39 15.00 -42.02 27.02
C PHE B 39 14.52 -42.74 28.29
N TRP B 40 15.46 -43.35 29.00
CA TRP B 40 15.32 -43.81 30.42
C TRP B 40 16.64 -43.56 31.15
N VAL B 41 16.57 -43.19 32.44
CA VAL B 41 17.74 -42.78 33.27
C VAL B 41 17.99 -43.86 34.33
N GLU B 42 19.26 -44.14 34.64
CA GLU B 42 19.68 -45.19 35.61
C GLU B 42 19.17 -44.81 37.00
N LEU B 43 19.68 -43.72 37.58
CA LEU B 43 19.13 -43.11 38.82
C LEU B 43 17.76 -42.54 38.51
N PRO B 44 16.65 -43.22 38.91
CA PRO B 44 15.32 -42.89 38.42
C PRO B 44 14.72 -41.61 39.01
N ALA B 45 15.31 -41.09 40.09
CA ALA B 45 14.91 -39.83 40.76
C ALA B 45 15.13 -38.64 39.81
N CYS B 46 16.14 -38.73 38.93
CA CYS B 46 16.56 -37.64 38.00
C CYS B 46 15.66 -37.60 36.75
N ASN B 47 14.77 -38.58 36.57
CA ASN B 47 13.93 -38.76 35.35
C ASN B 47 13.35 -37.42 34.88
N ASN B 48 12.72 -36.66 35.78
CA ASN B 48 11.92 -35.45 35.45
C ASN B 48 12.81 -34.19 35.36
N TRP B 49 14.13 -34.35 35.53
CA TRP B 49 15.14 -33.27 35.33
C TRP B 49 15.92 -33.50 34.02
N VAL B 50 15.94 -34.73 33.50
CA VAL B 50 16.69 -35.10 32.26
C VAL B 50 16.17 -34.25 31.09
N ASP B 51 14.85 -34.10 30.96
CA ASP B 51 14.20 -33.43 29.81
C ASP B 51 12.93 -32.72 30.28
N ILE B 52 12.23 -32.05 29.36
CA ILE B 52 10.95 -31.31 29.61
C ILE B 52 9.89 -31.79 28.62
N GLY B 53 8.61 -31.51 28.92
CA GLY B 53 7.45 -31.98 28.14
C GLY B 53 7.26 -33.48 28.27
N LEU B 54 7.46 -34.01 29.48
CA LEU B 54 7.43 -35.47 29.77
C LEU B 54 5.99 -35.92 30.05
N PRO B 55 5.54 -37.07 29.50
CA PRO B 55 4.21 -37.62 29.81
C PRO B 55 3.97 -37.74 31.31
N GLU B 56 4.96 -38.24 32.06
CA GLU B 56 4.93 -38.41 33.54
C GLU B 56 4.44 -37.12 34.21
N VAL B 57 4.82 -35.96 33.67
CA VAL B 57 4.55 -34.61 34.26
C VAL B 57 3.20 -34.08 33.74
N TYR B 58 2.95 -34.16 32.44
CA TYR B 58 1.87 -33.41 31.74
C TYR B 58 0.61 -34.28 31.55
N ASP B 59 0.76 -35.58 31.24
CA ASP B 59 -0.38 -36.51 31.01
C ASP B 59 -1.27 -36.53 32.26
N ASP B 60 -2.51 -36.04 32.12
CA ASP B 60 -3.50 -35.86 33.21
C ASP B 60 -4.88 -35.79 32.56
N PRO B 61 -5.94 -36.38 33.16
CA PRO B 61 -7.31 -36.22 32.64
C PRO B 61 -7.73 -34.76 32.44
N ASP B 62 -7.15 -33.82 33.21
CA ASP B 62 -7.52 -32.38 33.23
C ASP B 62 -6.58 -31.56 32.33
N LEU B 63 -5.68 -32.21 31.57
CA LEU B 63 -4.82 -31.53 30.57
C LEU B 63 -5.71 -31.04 29.40
N ALA B 64 -5.90 -29.72 29.29
CA ALA B 64 -6.77 -29.10 28.27
C ALA B 64 -6.05 -29.11 26.91
N SER B 65 -4.88 -28.48 26.84
CA SER B 65 -4.04 -28.36 25.62
C SER B 65 -2.55 -28.45 25.99
N PHE B 66 -1.71 -28.78 25.02
CA PHE B 66 -0.24 -28.90 25.16
C PHE B 66 0.41 -28.61 23.79
N ASN B 67 1.56 -27.92 23.83
CA ASN B 67 2.40 -27.63 22.64
C ASN B 67 3.85 -27.41 23.10
N GLY B 68 4.80 -27.83 22.27
CA GLY B 68 6.24 -27.65 22.51
C GLY B 68 7.01 -27.65 21.20
N ALA B 69 8.31 -27.32 21.24
CA ALA B 69 9.20 -27.29 20.05
C ALA B 69 10.66 -27.37 20.51
N THR B 70 11.41 -28.30 19.90
CA THR B 70 12.89 -28.39 20.01
C THR B 70 13.51 -27.57 18.87
N THR B 71 14.44 -26.67 19.20
CA THR B 71 15.14 -25.75 18.26
C THR B 71 16.64 -26.01 18.34
N GLN B 72 17.35 -25.93 17.21
CA GLN B 72 18.82 -26.16 17.10
C GLN B 72 19.44 -25.16 16.13
N THR B 73 20.77 -25.05 16.15
CA THR B 73 21.60 -24.24 15.21
C THR B 73 21.26 -24.66 13.77
N SER B 74 21.31 -25.96 13.50
CA SER B 74 20.90 -26.59 12.21
C SER B 74 20.48 -28.04 12.46
N ALA B 75 20.11 -28.77 11.40
CA ALA B 75 19.72 -30.20 11.44
C ALA B 75 20.89 -31.05 11.95
N THR B 76 22.13 -30.63 11.68
CA THR B 76 23.38 -31.37 11.97
C THR B 76 24.11 -30.76 13.18
N ASP B 77 23.91 -29.46 13.44
CA ASP B 77 24.67 -28.65 14.44
C ASP B 77 23.84 -28.50 15.72
N GLN B 78 24.46 -28.73 16.88
CA GLN B 78 23.80 -28.65 18.23
C GLN B 78 24.53 -27.64 19.11
N THR B 79 25.25 -26.67 18.53
CA THR B 79 25.95 -25.58 19.26
C THR B 79 25.01 -25.01 20.33
N HIS B 80 23.82 -24.59 19.90
CA HIS B 80 22.66 -24.21 20.75
C HIS B 80 21.53 -25.23 20.54
N LEU B 81 21.08 -25.88 21.62
CA LEU B 81 19.83 -26.68 21.64
C LEU B 81 18.88 -26.05 22.66
N VAL B 82 17.75 -25.52 22.18
CA VAL B 82 16.66 -24.92 23.01
C VAL B 82 15.41 -25.80 22.86
N LYS B 83 14.71 -26.05 23.98
CA LYS B 83 13.43 -26.80 24.00
C LYS B 83 12.41 -26.03 24.85
N GLN B 84 11.14 -26.03 24.43
CA GLN B 84 10.01 -25.38 25.13
C GLN B 84 8.85 -26.38 25.26
N ALA B 85 8.10 -26.31 26.35
CA ALA B 85 6.87 -27.09 26.61
C ALA B 85 5.91 -26.24 27.44
N VAL B 86 4.67 -26.08 26.94
CA VAL B 86 3.59 -25.30 27.62
C VAL B 86 2.32 -26.18 27.66
N GLY B 87 1.78 -26.39 28.86
CA GLY B 87 0.53 -27.15 29.08
C GLY B 87 -0.49 -26.31 29.85
N VAL B 88 -1.70 -26.20 29.30
CA VAL B 88 -2.88 -25.56 29.97
C VAL B 88 -3.75 -26.67 30.55
N PHE B 89 -4.14 -26.53 31.83
CA PHE B 89 -4.96 -27.51 32.58
C PHE B 89 -6.34 -26.90 32.86
N ALA B 90 -7.36 -27.75 33.06
CA ALA B 90 -8.76 -27.37 33.30
C ALA B 90 -8.88 -26.54 34.58
N SER B 91 -8.13 -26.92 35.62
CA SER B 91 -8.12 -26.28 36.97
C SER B 91 -6.68 -25.93 37.38
N ASN B 92 -6.52 -24.94 38.25
CA ASN B 92 -5.23 -24.51 38.85
C ASN B 92 -4.61 -25.67 39.62
N ASP B 93 -5.44 -26.49 40.28
CA ASP B 93 -5.03 -27.63 41.14
C ASP B 93 -4.33 -28.70 40.27
N ALA B 94 -4.89 -28.99 39.09
CA ALA B 94 -4.37 -29.98 38.12
C ALA B 94 -2.95 -29.57 37.67
N ALA B 95 -2.76 -28.28 37.36
CA ALA B 95 -1.47 -27.68 36.95
C ALA B 95 -0.49 -27.70 38.13
N ASP B 96 -1.00 -27.42 39.34
CA ASP B 96 -0.19 -27.40 40.60
C ASP B 96 0.33 -28.81 40.88
N ARG B 97 -0.52 -29.83 40.71
CA ARG B 97 -0.14 -31.26 40.89
C ARG B 97 0.94 -31.64 39.87
N ALA B 98 0.78 -31.19 38.62
CA ALA B 98 1.72 -31.44 37.50
C ALA B 98 3.09 -30.81 37.82
N PHE B 99 3.09 -29.61 38.40
CA PHE B 99 4.31 -28.89 38.85
C PHE B 99 5.01 -29.69 39.96
N HIS B 100 4.24 -30.22 40.90
CA HIS B 100 4.75 -30.97 42.10
C HIS B 100 5.17 -32.38 41.70
N ARG B 101 4.84 -32.86 40.50
CA ARG B 101 5.36 -34.14 39.94
C ARG B 101 6.80 -33.94 39.46
N VAL B 102 7.25 -32.69 39.35
CA VAL B 102 8.65 -32.32 38.97
C VAL B 102 9.50 -32.12 40.23
N VAL B 103 8.97 -31.45 41.25
CA VAL B 103 9.77 -31.03 42.45
C VAL B 103 9.90 -32.23 43.41
N ASP B 104 8.80 -32.96 43.64
CA ASP B 104 8.72 -34.03 44.67
C ASP B 104 9.50 -35.27 44.20
N ARG B 105 9.36 -35.64 42.92
CA ARG B 105 9.93 -36.90 42.35
C ARG B 105 11.42 -36.74 42.02
N THR B 106 11.96 -35.51 42.08
CA THR B 106 13.38 -35.20 41.77
C THR B 106 14.14 -34.84 43.05
N VAL B 107 13.67 -35.31 44.21
CA VAL B 107 14.42 -35.25 45.50
C VAL B 107 15.52 -36.31 45.44
N GLY B 108 16.77 -35.91 45.72
CA GLY B 108 17.93 -36.80 45.75
C GLY B 108 18.65 -36.90 44.42
N CYS B 109 18.23 -36.12 43.41
CA CYS B 109 18.87 -36.04 42.07
C CYS B 109 19.96 -34.97 42.08
N SER B 110 19.79 -33.90 42.86
CA SER B 110 20.74 -32.78 43.02
C SER B 110 22.12 -33.31 43.43
N GLY B 111 23.17 -32.89 42.72
CA GLY B 111 24.58 -33.23 43.02
C GLY B 111 24.94 -34.65 42.61
N GLN B 112 24.13 -35.30 41.76
CA GLN B 112 24.34 -36.69 41.29
C GLN B 112 24.75 -36.68 39.81
N THR B 113 25.52 -37.69 39.41
CA THR B 113 25.89 -38.00 38.00
C THR B 113 25.29 -39.36 37.63
N THR B 114 24.57 -39.45 36.51
CA THR B 114 23.87 -40.68 36.05
C THR B 114 23.92 -40.76 34.52
N ALA B 115 23.85 -41.99 34.00
CA ALA B 115 23.78 -42.29 32.54
C ALA B 115 22.33 -42.16 32.07
N ILE B 116 22.14 -41.80 30.80
CA ILE B 116 20.81 -41.59 30.15
C ILE B 116 20.82 -42.33 28.81
N HIS B 117 20.03 -43.41 28.69
CA HIS B 117 19.95 -44.29 27.50
C HIS B 117 18.87 -43.77 26.55
N LEU B 118 19.28 -43.16 25.44
CA LEU B 118 18.37 -42.57 24.41
C LEU B 118 17.75 -43.70 23.58
N ASP B 119 16.59 -43.45 22.98
CA ASP B 119 15.82 -44.42 22.15
C ASP B 119 16.68 -44.90 20.97
N ASP B 120 17.43 -43.99 20.34
CA ASP B 120 18.24 -44.25 19.12
C ASP B 120 19.39 -45.23 19.43
N GLY B 121 19.65 -45.52 20.72
CA GLY B 121 20.60 -46.54 21.16
C GLY B 121 21.77 -45.95 21.94
N THR B 122 22.09 -44.67 21.69
CA THR B 122 23.24 -43.93 22.28
C THR B 122 23.06 -43.80 23.80
N THR B 123 24.15 -43.54 24.52
CA THR B 123 24.17 -43.27 25.98
C THR B 123 24.97 -41.98 26.24
N GLN B 124 24.52 -41.17 27.20
CA GLN B 124 25.17 -39.90 27.62
C GLN B 124 25.14 -39.82 29.15
N VAL B 125 26.21 -39.30 29.76
CA VAL B 125 26.33 -39.09 31.23
C VAL B 125 26.22 -37.59 31.50
N TRP B 126 25.31 -37.21 32.42
CA TRP B 126 25.03 -35.79 32.80
C TRP B 126 25.08 -35.65 34.33
N SER B 127 25.73 -34.59 34.82
CA SER B 127 25.79 -34.19 36.25
C SER B 127 24.73 -33.13 36.52
N PHE B 128 23.75 -33.43 37.38
CA PHE B 128 22.60 -32.55 37.72
C PHE B 128 22.95 -31.71 38.96
N ALA B 129 22.24 -30.58 39.13
CA ALA B 129 22.42 -29.63 40.24
C ALA B 129 21.20 -28.69 40.32
N GLY B 130 20.45 -28.76 41.42
CA GLY B 130 19.23 -27.96 41.64
C GLY B 130 19.54 -26.48 41.81
N GLY B 131 18.68 -25.62 41.27
CA GLY B 131 18.81 -24.15 41.35
C GLY B 131 17.76 -23.55 42.28
N PRO B 132 17.48 -22.22 42.18
CA PRO B 132 16.48 -21.59 43.04
C PRO B 132 15.06 -22.09 42.74
N SER B 133 14.30 -22.44 43.79
CA SER B 133 12.96 -23.05 43.69
C SER B 133 12.02 -22.50 44.77
N THR B 134 11.06 -21.66 44.35
CA THR B 134 9.92 -21.16 45.19
C THR B 134 8.77 -22.16 45.07
N GLY B 135 7.55 -21.73 45.41
CA GLY B 135 6.32 -22.56 45.32
C GLY B 135 5.82 -22.69 43.88
N THR B 136 6.07 -21.66 43.05
CA THR B 136 5.55 -21.55 41.65
C THR B 136 6.70 -21.66 40.63
N ASP B 137 7.95 -21.75 41.08
CA ASP B 137 9.15 -21.81 40.21
C ASP B 137 10.07 -22.95 40.68
N GLU B 138 10.74 -23.62 39.74
CA GLU B 138 11.73 -24.70 39.98
C GLU B 138 12.75 -24.69 38.85
N ALA B 139 13.94 -24.14 39.13
CA ALA B 139 15.08 -24.05 38.19
C ALA B 139 16.15 -25.07 38.58
N TRP B 140 16.72 -25.77 37.58
CA TRP B 140 17.87 -26.69 37.76
C TRP B 140 18.77 -26.63 36.51
N THR B 141 20.04 -27.00 36.66
CA THR B 141 21.08 -26.97 35.59
C THR B 141 21.79 -28.32 35.56
N LYS B 142 21.86 -28.94 34.38
CA LYS B 142 22.54 -30.26 34.13
C LYS B 142 23.73 -30.03 33.19
N GLN B 143 24.86 -30.69 33.47
CA GLN B 143 26.14 -30.54 32.73
C GLN B 143 26.60 -31.92 32.22
N GLU B 144 26.80 -32.05 30.90
CA GLU B 144 27.32 -33.28 30.25
C GLU B 144 28.76 -33.52 30.72
N ALA B 145 28.99 -34.66 31.38
CA ALA B 145 30.27 -35.04 32.01
C ALA B 145 31.40 -34.98 30.98
N GLY B 146 32.47 -34.24 31.29
CA GLY B 146 33.67 -34.11 30.43
C GLY B 146 33.72 -32.76 29.72
N THR B 147 32.59 -32.30 29.19
CA THR B 147 32.48 -31.06 28.36
C THR B 147 32.07 -29.86 29.23
N ASP B 148 32.23 -28.65 28.68
CA ASP B 148 31.82 -27.35 29.30
C ASP B 148 30.39 -27.01 28.91
N ARG B 149 29.72 -27.90 28.15
CA ARG B 149 28.31 -27.78 27.72
C ARG B 149 27.39 -27.96 28.93
N ARG B 150 26.51 -26.97 29.18
CA ARG B 150 25.51 -26.99 30.28
C ARG B 150 24.12 -26.67 29.71
N CYS B 151 23.08 -27.28 30.28
CA CYS B 151 21.65 -26.94 30.03
C CYS B 151 21.05 -26.33 31.30
N PHE B 152 20.66 -25.05 31.24
CA PHE B 152 19.86 -24.36 32.27
C PHE B 152 18.38 -24.56 31.94
N VAL B 153 17.60 -25.04 32.91
CA VAL B 153 16.14 -25.32 32.75
C VAL B 153 15.37 -24.47 33.76
N GLN B 154 14.18 -24.01 33.37
CA GLN B 154 13.19 -23.34 34.26
C GLN B 154 11.83 -24.02 34.08
N THR B 155 11.16 -24.34 35.20
CA THR B 155 9.76 -24.82 35.26
C THR B 155 8.94 -23.80 36.03
N ARG B 156 7.94 -23.19 35.39
CA ARG B 156 7.11 -22.10 35.97
C ARG B 156 5.64 -22.54 36.01
N LEU B 157 5.04 -22.51 37.20
CA LEU B 157 3.58 -22.73 37.43
C LEU B 157 2.90 -21.36 37.48
N ARG B 158 2.16 -21.00 36.42
CA ARG B 158 1.40 -19.74 36.31
C ARG B 158 -0.10 -20.05 36.19
N GLU B 159 -0.78 -20.13 37.34
CA GLU B 159 -2.23 -20.41 37.47
C GLU B 159 -2.51 -21.83 36.98
N ASN B 160 -3.14 -22.00 35.81
CA ASN B 160 -3.53 -23.31 35.24
C ASN B 160 -2.55 -23.69 34.12
N VAL B 161 -1.42 -22.99 34.00
CA VAL B 161 -0.37 -23.22 32.96
C VAL B 161 0.90 -23.72 33.65
N LEU B 162 1.60 -24.66 33.00
CA LEU B 162 2.94 -25.14 33.41
C LEU B 162 3.91 -24.93 32.23
N LEU B 163 4.79 -23.93 32.34
CA LEU B 163 5.87 -23.63 31.37
C LEU B 163 7.11 -24.46 31.71
N GLN B 164 7.86 -24.89 30.70
CA GLN B 164 9.21 -25.48 30.83
C GLN B 164 10.08 -24.95 29.69
N ALA B 165 11.22 -24.34 30.03
CA ALA B 165 12.20 -23.78 29.07
C ALA B 165 13.58 -24.38 29.35
N LYS B 166 14.25 -24.88 28.32
CA LYS B 166 15.62 -25.47 28.38
C LYS B 166 16.49 -24.78 27.32
N VAL B 167 17.70 -24.33 27.71
CA VAL B 167 18.72 -23.76 26.79
C VAL B 167 20.06 -24.47 27.05
N CYS B 168 20.56 -25.23 26.08
CA CYS B 168 21.84 -25.97 26.12
C CYS B 168 22.88 -25.28 25.22
N GLN B 169 24.08 -25.06 25.74
CA GLN B 169 25.20 -24.37 25.05
C GLN B 169 26.43 -24.37 25.97
N SER B 170 27.62 -24.11 25.41
CA SER B 170 28.86 -23.81 26.18
C SER B 170 28.67 -22.46 26.89
N GLY B 171 29.54 -22.14 27.85
CA GLY B 171 29.42 -20.92 28.66
C GLY B 171 28.24 -21.00 29.62
N ASN B 172 27.40 -19.96 29.65
CA ASN B 172 26.31 -19.78 30.66
C ASN B 172 24.98 -19.49 29.94
N ALA B 173 24.08 -20.48 29.90
CA ALA B 173 22.73 -20.38 29.30
C ALA B 173 21.74 -19.76 30.30
N GLY B 174 22.19 -19.49 31.53
CA GLY B 174 21.35 -18.96 32.62
C GLY B 174 20.55 -17.73 32.21
N PRO B 175 21.19 -16.64 31.74
CA PRO B 175 20.48 -15.45 31.28
C PRO B 175 19.49 -15.74 30.14
N ALA B 176 19.89 -16.58 29.18
CA ALA B 176 19.14 -16.90 27.94
C ALA B 176 17.82 -17.62 28.27
N VAL B 177 17.86 -18.59 29.20
CA VAL B 177 16.67 -19.43 29.57
C VAL B 177 15.66 -18.56 30.34
N ASN B 178 16.14 -17.58 31.11
CA ASN B 178 15.29 -16.67 31.92
C ASN B 178 14.54 -15.71 31.00
N VAL B 179 15.19 -15.24 29.93
CA VAL B 179 14.58 -14.36 28.88
C VAL B 179 13.52 -15.16 28.13
N LEU B 180 13.87 -16.40 27.72
CA LEU B 180 12.97 -17.32 26.98
C LEU B 180 11.71 -17.58 27.83
N ALA B 181 11.89 -18.10 29.05
CA ALA B 181 10.80 -18.40 30.01
C ALA B 181 9.91 -17.16 30.20
N GLY B 182 10.54 -15.97 30.32
CA GLY B 182 9.85 -14.68 30.48
C GLY B 182 9.07 -14.29 29.23
N ALA B 183 9.65 -14.53 28.05
CA ALA B 183 9.03 -14.23 26.73
C ALA B 183 7.82 -15.15 26.51
N MET B 184 7.96 -16.44 26.85
CA MET B 184 6.87 -17.45 26.76
C MET B 184 5.72 -17.03 27.68
N GLN B 185 6.05 -16.57 28.88
CA GLN B 185 5.08 -16.19 29.95
C GLN B 185 4.26 -14.96 29.51
N ASN B 186 4.85 -14.04 28.74
CA ASN B 186 4.21 -12.77 28.31
C ASN B 186 3.04 -13.05 27.36
N THR B 187 3.10 -14.15 26.59
CA THR B 187 2.07 -14.53 25.60
C THR B 187 0.79 -14.99 26.31
N LEU B 188 0.87 -15.33 27.61
CA LEU B 188 -0.29 -15.72 28.45
C LEU B 188 -1.11 -14.47 28.77
N HIS C 1 -31.12 -7.25 20.94
CA HIS C 1 -31.93 -7.14 19.69
C HIS C 1 -31.97 -8.50 19.01
N PRO C 2 -33.16 -9.05 18.65
CA PRO C 2 -33.23 -10.38 18.03
C PRO C 2 -32.31 -10.48 16.80
N SER C 3 -31.26 -11.31 16.91
CA SER C 3 -30.19 -11.49 15.89
C SER C 3 -30.81 -11.66 14.50
N GLU C 4 -30.28 -10.93 13.50
CA GLU C 4 -30.69 -11.03 12.08
C GLU C 4 -30.28 -12.40 11.55
N PRO C 5 -30.98 -12.95 10.52
CA PRO C 5 -30.62 -14.26 9.96
C PRO C 5 -29.16 -14.38 9.52
N GLY C 6 -28.55 -13.26 9.09
CA GLY C 6 -27.20 -13.19 8.51
C GLY C 6 -26.11 -13.70 9.44
N VAL C 7 -26.29 -13.58 10.76
CA VAL C 7 -25.24 -13.87 11.79
C VAL C 7 -24.67 -15.28 11.57
N VAL C 8 -25.51 -16.25 11.19
CA VAL C 8 -25.14 -17.70 11.10
C VAL C 8 -23.84 -17.86 10.31
N SER C 9 -23.65 -17.08 9.24
CA SER C 9 -22.48 -17.19 8.32
C SER C 9 -21.19 -16.73 9.02
N TYR C 10 -21.29 -15.87 10.04
CA TYR C 10 -20.15 -15.31 10.82
C TYR C 10 -20.01 -16.03 12.17
N ALA C 11 -21.10 -16.56 12.73
CA ALA C 11 -21.15 -17.21 14.06
C ALA C 11 -20.38 -18.53 14.03
N VAL C 12 -20.30 -19.18 12.87
CA VAL C 12 -19.49 -20.43 12.65
C VAL C 12 -18.06 -20.01 12.30
N LEU C 13 -17.11 -20.31 13.20
CA LEU C 13 -15.67 -19.94 13.06
C LEU C 13 -15.00 -20.92 12.09
N GLY C 14 -13.99 -20.45 11.36
CA GLY C 14 -13.20 -21.26 10.41
C GLY C 14 -12.14 -22.09 11.14
N LYS C 15 -11.46 -22.98 10.41
CA LYS C 15 -10.50 -23.97 10.97
C LYS C 15 -9.32 -23.26 11.65
N GLY C 16 -8.93 -22.08 11.15
CA GLY C 16 -7.86 -21.25 11.74
C GLY C 16 -8.20 -20.84 13.16
N SER C 17 -9.37 -20.22 13.36
CA SER C 17 -9.89 -19.73 14.66
C SER C 17 -10.13 -20.91 15.62
N VAL C 18 -10.63 -22.04 15.11
CA VAL C 18 -10.92 -23.28 15.89
C VAL C 18 -9.60 -23.83 16.42
N GLY C 19 -8.54 -23.81 15.60
CA GLY C 19 -7.19 -24.26 15.97
C GLY C 19 -6.58 -23.42 17.08
N ASN C 20 -6.87 -22.11 17.08
CA ASN C 20 -6.33 -21.14 18.07
C ASN C 20 -7.15 -21.18 19.37
N ILE C 21 -8.29 -21.87 19.37
CA ILE C 21 -9.17 -22.03 20.58
C ILE C 21 -8.81 -23.33 21.29
N VAL C 22 -8.62 -24.42 20.55
CA VAL C 22 -8.21 -25.75 21.08
C VAL C 22 -6.69 -25.78 21.32
N GLY C 23 -5.95 -24.88 20.67
CA GLY C 23 -4.48 -24.80 20.78
C GLY C 23 -3.81 -26.02 20.18
N ALA C 24 -4.05 -26.25 18.88
CA ALA C 24 -3.53 -27.40 18.09
C ALA C 24 -3.82 -27.16 16.61
N PRO C 25 -3.08 -27.81 15.69
CA PRO C 25 -3.33 -27.64 14.26
C PRO C 25 -4.68 -28.24 13.84
N MET C 26 -5.44 -27.51 13.03
CA MET C 26 -6.75 -27.94 12.45
C MET C 26 -6.74 -27.61 10.96
N GLY C 27 -6.37 -28.60 10.13
CA GLY C 27 -6.13 -28.45 8.68
C GLY C 27 -7.37 -28.70 7.84
N TRP C 28 -8.30 -29.52 8.33
CA TRP C 28 -9.53 -29.94 7.60
C TRP C 28 -10.77 -29.33 8.26
N GLU C 29 -11.71 -28.84 7.44
CA GLU C 29 -13.08 -28.43 7.86
C GLU C 29 -14.07 -28.76 6.74
N ALA C 30 -15.36 -28.73 7.04
CA ALA C 30 -16.48 -28.96 6.09
C ALA C 30 -17.71 -28.20 6.58
N VAL C 31 -18.11 -27.15 5.87
CA VAL C 31 -19.29 -26.29 6.20
C VAL C 31 -20.56 -27.01 5.71
N PHE C 32 -21.55 -27.16 6.59
CA PHE C 32 -22.90 -27.69 6.25
C PHE C 32 -23.94 -26.59 6.53
N THR C 33 -24.79 -26.31 5.55
CA THR C 33 -25.78 -25.18 5.56
C THR C 33 -27.17 -25.71 5.94
N ARG C 34 -27.31 -27.01 6.13
CA ARG C 34 -28.61 -27.72 6.37
C ARG C 34 -28.42 -28.72 7.51
N PRO C 35 -29.30 -28.70 8.54
CA PRO C 35 -29.22 -29.69 9.63
C PRO C 35 -29.29 -31.12 9.09
N PHE C 36 -28.41 -32.00 9.58
CA PHE C 36 -28.35 -33.44 9.17
C PHE C 36 -28.11 -34.31 10.41
N GLN C 37 -28.48 -35.59 10.29
CA GLN C 37 -28.15 -36.68 11.25
C GLN C 37 -27.54 -37.84 10.46
N ALA C 38 -26.26 -38.13 10.67
CA ALA C 38 -25.48 -39.14 9.93
C ALA C 38 -25.19 -40.35 10.84
N PHE C 39 -26.21 -40.83 11.56
CA PHE C 39 -26.12 -41.96 12.52
C PHE C 39 -27.52 -42.37 13.01
N TRP C 40 -27.57 -43.48 13.76
CA TRP C 40 -28.71 -43.86 14.64
C TRP C 40 -28.13 -44.52 15.91
N VAL C 41 -28.82 -44.36 17.04
CA VAL C 41 -28.33 -44.79 18.39
C VAL C 41 -29.28 -45.88 18.94
N GLU C 42 -28.73 -46.87 19.65
CA GLU C 42 -29.47 -48.05 20.17
C GLU C 42 -30.44 -47.61 21.27
N LEU C 43 -29.95 -46.88 22.28
CA LEU C 43 -30.80 -46.20 23.29
C LEU C 43 -31.26 -44.87 22.72
N PRO C 44 -32.51 -44.76 22.20
CA PRO C 44 -32.89 -43.62 21.38
C PRO C 44 -33.16 -42.33 22.18
N ALA C 45 -33.11 -42.40 23.52
CA ALA C 45 -33.22 -41.24 24.44
C ALA C 45 -31.97 -40.36 24.31
N CYS C 46 -30.84 -40.93 23.90
CA CYS C 46 -29.51 -40.26 23.79
C CYS C 46 -29.32 -39.61 22.41
N ASN C 47 -30.32 -39.70 21.53
CA ASN C 47 -30.23 -39.24 20.12
C ASN C 47 -29.69 -37.81 20.05
N ASN C 48 -30.29 -36.89 20.81
CA ASN C 48 -30.05 -35.43 20.71
C ASN C 48 -28.80 -35.03 21.52
N TRP C 49 -28.12 -35.99 22.17
CA TRP C 49 -26.82 -35.79 22.87
C TRP C 49 -25.68 -36.39 22.05
N VAL C 50 -25.96 -37.33 21.14
CA VAL C 50 -24.92 -38.00 20.29
C VAL C 50 -24.15 -36.92 19.52
N ASP C 51 -24.87 -36.03 18.83
CA ASP C 51 -24.28 -35.01 17.92
C ASP C 51 -25.08 -33.70 18.03
N ILE C 52 -24.69 -32.69 17.27
CA ILE C 52 -25.32 -31.34 17.24
C ILE C 52 -25.73 -30.99 15.80
N GLY C 53 -26.58 -29.98 15.62
CA GLY C 53 -27.12 -29.55 14.32
C GLY C 53 -28.03 -30.60 13.72
N LEU C 54 -28.89 -31.21 14.54
CA LEU C 54 -29.77 -32.34 14.16
C LEU C 54 -31.10 -31.79 13.63
N PRO C 55 -31.63 -32.34 12.52
CA PRO C 55 -32.93 -31.92 11.98
C PRO C 55 -34.03 -31.91 13.05
N GLU C 56 -34.07 -32.96 13.86
CA GLU C 56 -35.02 -33.14 14.99
C GLU C 56 -35.12 -31.85 15.83
N VAL C 57 -33.98 -31.18 16.04
CA VAL C 57 -33.83 -30.01 16.96
C VAL C 57 -34.13 -28.71 16.22
N TYR C 58 -33.56 -28.52 15.03
CA TYR C 58 -33.49 -27.21 14.31
C TYR C 58 -34.66 -27.05 13.33
N ASP C 59 -34.93 -28.07 12.50
CA ASP C 59 -36.02 -28.04 11.49
C ASP C 59 -37.31 -27.58 12.17
N ASP C 60 -37.94 -26.54 11.63
CA ASP C 60 -39.06 -25.78 12.25
C ASP C 60 -39.58 -24.80 11.20
N PRO C 61 -40.91 -24.57 11.10
CA PRO C 61 -41.44 -23.57 10.17
C PRO C 61 -41.02 -22.12 10.50
N ASP C 62 -40.42 -21.89 11.68
CA ASP C 62 -39.93 -20.56 12.13
C ASP C 62 -38.39 -20.49 12.09
N LEU C 63 -37.71 -21.49 11.51
CA LEU C 63 -36.25 -21.47 11.31
C LEU C 63 -35.92 -20.49 10.17
N ALA C 64 -35.28 -19.35 10.49
CA ALA C 64 -34.98 -18.25 9.54
C ALA C 64 -33.73 -18.61 8.71
N SER C 65 -32.64 -18.96 9.39
CA SER C 65 -31.34 -19.33 8.78
C SER C 65 -30.61 -20.33 9.67
N PHE C 66 -29.77 -21.17 9.06
CA PHE C 66 -28.94 -22.19 9.75
C PHE C 66 -27.58 -22.27 9.05
N ASN C 67 -26.52 -22.51 9.84
CA ASN C 67 -25.13 -22.74 9.35
C ASN C 67 -24.36 -23.52 10.43
N GLY C 68 -23.37 -24.31 10.01
CA GLY C 68 -22.51 -25.11 10.89
C GLY C 68 -21.27 -25.60 10.15
N ALA C 69 -20.34 -26.23 10.86
CA ALA C 69 -19.08 -26.75 10.29
C ALA C 69 -18.44 -27.77 11.23
N THR C 70 -17.94 -28.87 10.66
CA THR C 70 -17.10 -29.89 11.35
C THR C 70 -15.63 -29.60 11.03
N THR C 71 -14.79 -29.49 12.06
CA THR C 71 -13.33 -29.21 11.96
C THR C 71 -12.55 -30.38 12.55
N GLN C 72 -11.46 -30.79 11.89
CA GLN C 72 -10.58 -31.91 12.34
C GLN C 72 -9.11 -31.49 12.21
N THR C 73 -8.22 -32.24 12.86
CA THR C 73 -6.74 -32.12 12.74
C THR C 73 -6.37 -32.15 11.25
N SER C 74 -6.67 -33.25 10.57
CA SER C 74 -6.55 -33.44 9.10
C SER C 74 -7.76 -34.23 8.60
N ALA C 75 -7.78 -34.57 7.31
CA ALA C 75 -8.82 -35.42 6.68
C ALA C 75 -8.74 -36.85 7.22
N THR C 76 -7.54 -37.30 7.61
CA THR C 76 -7.24 -38.69 8.04
C THR C 76 -6.84 -38.74 9.52
N ASP C 77 -7.06 -37.64 10.26
CA ASP C 77 -6.69 -37.51 11.70
C ASP C 77 -7.83 -36.81 12.46
N GLN C 78 -8.20 -37.34 13.63
CA GLN C 78 -9.31 -36.82 14.48
C GLN C 78 -8.81 -36.58 15.92
N THR C 79 -7.51 -36.35 16.10
CA THR C 79 -6.90 -36.01 17.42
C THR C 79 -7.78 -34.97 18.10
N HIS C 80 -8.14 -33.91 17.35
CA HIS C 80 -9.17 -32.90 17.70
C HIS C 80 -10.29 -32.97 16.66
N LEU C 81 -11.54 -33.16 17.12
CA LEU C 81 -12.77 -33.04 16.29
C LEU C 81 -13.69 -32.01 16.95
N VAL C 82 -13.83 -30.84 16.30
CA VAL C 82 -14.70 -29.71 16.74
C VAL C 82 -15.88 -29.62 15.77
N LYS C 83 -17.09 -29.38 16.28
CA LYS C 83 -18.31 -29.15 15.47
C LYS C 83 -19.08 -27.95 16.04
N GLN C 84 -19.62 -27.12 15.15
CA GLN C 84 -20.44 -25.93 15.50
C GLN C 84 -21.74 -25.96 14.71
N ALA C 85 -22.84 -25.49 15.32
CA ALA C 85 -24.16 -25.32 14.67
C ALA C 85 -24.84 -24.07 15.25
N VAL C 86 -25.33 -23.19 14.37
CA VAL C 86 -26.02 -21.91 14.74
C VAL C 86 -27.31 -21.82 13.93
N GLY C 87 -28.44 -21.68 14.62
CA GLY C 87 -29.77 -21.47 14.01
C GLY C 87 -30.43 -20.22 14.54
N VAL C 88 -30.83 -19.31 13.63
CA VAL C 88 -31.63 -18.09 13.94
C VAL C 88 -33.10 -18.41 13.66
N PHE C 89 -33.99 -18.10 14.61
CA PHE C 89 -35.44 -18.37 14.54
C PHE C 89 -36.20 -17.05 14.44
N ALA C 90 -37.38 -17.08 13.80
CA ALA C 90 -38.25 -15.90 13.53
C ALA C 90 -38.68 -15.25 14.83
N SER C 91 -38.91 -16.04 15.90
CA SER C 91 -39.31 -15.59 17.25
C SER C 91 -38.43 -16.23 18.32
N ASN C 92 -38.42 -15.65 19.52
CA ASN C 92 -37.68 -16.16 20.71
C ASN C 92 -38.27 -17.52 21.14
N ASP C 93 -39.60 -17.67 21.05
CA ASP C 93 -40.33 -18.88 21.50
C ASP C 93 -39.96 -20.07 20.61
N ALA C 94 -39.87 -19.86 19.29
CA ALA C 94 -39.49 -20.88 18.30
C ALA C 94 -38.13 -21.48 18.68
N ALA C 95 -37.18 -20.63 19.08
CA ALA C 95 -35.82 -21.00 19.53
C ALA C 95 -35.90 -21.71 20.89
N ASP C 96 -36.72 -21.17 21.81
CA ASP C 96 -36.94 -21.70 23.18
C ASP C 96 -37.48 -23.13 23.09
N ARG C 97 -38.37 -23.40 22.14
CA ARG C 97 -38.95 -24.74 21.89
C ARG C 97 -37.86 -25.69 21.35
N ALA C 98 -37.07 -25.21 20.39
CA ALA C 98 -35.94 -25.94 19.75
C ALA C 98 -34.90 -26.30 20.81
N PHE C 99 -34.66 -25.40 21.77
CA PHE C 99 -33.75 -25.62 22.93
C PHE C 99 -34.28 -26.77 23.78
N HIS C 100 -35.59 -26.76 24.08
CA HIS C 100 -36.27 -27.76 24.94
C HIS C 100 -36.41 -29.10 24.22
N ARG C 101 -36.30 -29.12 22.87
CA ARG C 101 -36.28 -30.37 22.07
C ARG C 101 -34.97 -31.13 22.31
N VAL C 102 -33.98 -30.48 22.93
CA VAL C 102 -32.71 -31.11 23.38
C VAL C 102 -32.89 -31.62 24.82
N VAL C 103 -33.38 -30.79 25.73
CA VAL C 103 -33.36 -31.04 27.20
C VAL C 103 -34.45 -32.07 27.56
N ASP C 104 -35.61 -31.99 26.91
CA ASP C 104 -36.81 -32.82 27.23
C ASP C 104 -36.64 -34.24 26.69
N ARG C 105 -36.10 -34.38 25.47
CA ARG C 105 -36.04 -35.67 24.73
C ARG C 105 -34.79 -36.47 25.14
N THR C 106 -33.96 -35.96 26.05
CA THR C 106 -32.69 -36.59 26.50
C THR C 106 -32.78 -36.98 27.98
N VAL C 107 -33.98 -36.95 28.57
CA VAL C 107 -34.22 -37.42 29.97
C VAL C 107 -33.98 -38.94 30.00
N GLY C 108 -33.16 -39.41 30.95
CA GLY C 108 -32.84 -40.84 31.15
C GLY C 108 -31.55 -41.24 30.48
N CYS C 109 -31.02 -40.41 29.57
CA CYS C 109 -29.76 -40.66 28.80
C CYS C 109 -28.53 -40.54 29.71
N SER C 110 -28.56 -39.61 30.67
CA SER C 110 -27.47 -39.36 31.64
C SER C 110 -27.07 -40.67 32.33
N GLY C 111 -25.77 -40.97 32.38
CA GLY C 111 -25.19 -42.14 33.07
C GLY C 111 -25.50 -43.45 32.36
N GLN C 112 -25.77 -43.42 31.06
CA GLN C 112 -26.05 -44.61 30.22
C GLN C 112 -24.93 -44.78 29.18
N THR C 113 -24.67 -46.02 28.78
CA THR C 113 -23.74 -46.41 27.68
C THR C 113 -24.57 -47.03 26.55
N THR C 114 -24.29 -46.65 25.30
CA THR C 114 -25.04 -47.11 24.10
C THR C 114 -24.13 -47.08 22.87
N ALA C 115 -24.36 -47.96 21.90
CA ALA C 115 -23.66 -48.05 20.61
C ALA C 115 -24.28 -47.07 19.62
N ILE C 116 -23.46 -46.50 18.73
CA ILE C 116 -23.85 -45.48 17.72
C ILE C 116 -23.37 -45.95 16.34
N HIS C 117 -24.31 -46.31 15.46
CA HIS C 117 -24.05 -46.83 14.09
C HIS C 117 -23.98 -45.64 13.12
N LEU C 118 -22.79 -45.34 12.61
CA LEU C 118 -22.52 -44.21 11.68
C LEU C 118 -22.89 -44.64 10.25
N ASP C 119 -23.19 -43.66 9.38
CA ASP C 119 -23.66 -43.87 7.98
C ASP C 119 -22.58 -44.58 7.16
N ASP C 120 -21.30 -44.34 7.46
CA ASP C 120 -20.14 -44.91 6.71
C ASP C 120 -20.02 -46.42 6.99
N GLY C 121 -20.72 -46.92 8.02
CA GLY C 121 -20.84 -48.37 8.32
C GLY C 121 -20.15 -48.76 9.61
N THR C 122 -19.42 -47.84 10.24
CA THR C 122 -18.67 -48.06 11.51
C THR C 122 -19.65 -48.07 12.70
N THR C 123 -19.21 -48.57 13.85
CA THR C 123 -19.95 -48.57 15.14
C THR C 123 -19.01 -48.12 16.27
N GLN C 124 -19.46 -47.20 17.11
CA GLN C 124 -18.71 -46.66 18.28
C GLN C 124 -19.61 -46.69 19.52
N VAL C 125 -19.06 -47.12 20.66
CA VAL C 125 -19.76 -47.16 21.98
C VAL C 125 -19.32 -45.92 22.78
N TRP C 126 -20.29 -45.11 23.22
CA TRP C 126 -20.08 -43.88 24.02
C TRP C 126 -20.91 -43.93 25.30
N SER C 127 -20.32 -43.52 26.43
CA SER C 127 -20.99 -43.37 27.75
C SER C 127 -21.32 -41.89 27.98
N PHE C 128 -22.60 -41.56 28.17
CA PHE C 128 -23.11 -40.17 28.31
C PHE C 128 -23.23 -39.80 29.80
N ALA C 129 -23.14 -38.50 30.10
CA ALA C 129 -23.23 -37.93 31.46
C ALA C 129 -23.61 -36.45 31.38
N GLY C 130 -24.77 -36.08 31.92
CA GLY C 130 -25.30 -34.70 31.92
C GLY C 130 -24.42 -33.78 32.73
N GLY C 131 -24.30 -32.51 32.30
CA GLY C 131 -23.51 -31.45 32.97
C GLY C 131 -24.40 -30.34 33.49
N PRO C 132 -23.84 -29.15 33.81
CA PRO C 132 -24.62 -28.03 34.34
C PRO C 132 -25.60 -27.50 33.28
N SER C 133 -26.85 -27.24 33.67
CA SER C 133 -27.96 -26.83 32.77
C SER C 133 -28.91 -25.86 33.49
N THR C 134 -28.93 -24.60 33.04
CA THR C 134 -29.88 -23.55 33.46
C THR C 134 -31.06 -23.54 32.47
N GLY C 135 -31.89 -22.49 32.48
CA GLY C 135 -33.04 -22.34 31.57
C GLY C 135 -32.61 -22.01 30.14
N THR C 136 -31.42 -21.41 29.98
CA THR C 136 -30.89 -20.90 28.68
C THR C 136 -29.57 -21.60 28.30
N ASP C 137 -29.12 -22.58 29.10
CA ASP C 137 -27.86 -23.34 28.86
C ASP C 137 -28.11 -24.84 29.14
N GLU C 138 -27.48 -25.71 28.34
CA GLU C 138 -27.48 -27.18 28.52
C GLU C 138 -26.13 -27.73 28.05
N ALA C 139 -25.30 -28.15 28.99
CA ALA C 139 -23.97 -28.76 28.76
C ALA C 139 -24.02 -30.24 29.16
N TRP C 140 -23.40 -31.11 28.36
CA TRP C 140 -23.21 -32.56 28.65
C TRP C 140 -21.86 -33.00 28.10
N THR C 141 -21.38 -34.17 28.53
CA THR C 141 -20.09 -34.77 28.13
C THR C 141 -20.30 -36.27 27.87
N LYS C 142 -19.87 -36.75 26.69
CA LYS C 142 -19.93 -38.18 26.30
C LYS C 142 -18.48 -38.70 26.17
N GLN C 143 -18.21 -39.90 26.69
CA GLN C 143 -16.87 -40.54 26.71
C GLN C 143 -16.89 -41.84 25.90
N GLU C 144 -16.04 -41.94 24.88
CA GLU C 144 -15.84 -43.16 24.05
C GLU C 144 -15.31 -44.28 24.96
N ALA C 145 -16.04 -45.39 25.06
CA ALA C 145 -15.75 -46.54 25.95
C ALA C 145 -14.42 -47.17 25.55
N GLY C 146 -13.53 -47.38 26.53
CA GLY C 146 -12.22 -48.04 26.36
C GLY C 146 -11.13 -47.09 25.88
N THR C 147 -11.35 -45.78 26.01
CA THR C 147 -10.37 -44.70 25.67
C THR C 147 -10.54 -43.53 26.64
N ASP C 148 -9.56 -42.62 26.65
CA ASP C 148 -9.54 -41.38 27.47
C ASP C 148 -10.18 -40.23 26.68
N ARG C 149 -10.62 -40.50 25.45
CA ARG C 149 -11.28 -39.52 24.54
C ARG C 149 -12.66 -39.15 25.09
N ARG C 150 -12.93 -37.85 25.21
CA ARG C 150 -14.24 -37.29 25.67
C ARG C 150 -14.63 -36.14 24.74
N CYS C 151 -15.95 -35.94 24.55
CA CYS C 151 -16.54 -34.80 23.81
C CYS C 151 -17.38 -33.96 24.77
N PHE C 152 -16.91 -32.75 25.11
CA PHE C 152 -17.66 -31.73 25.88
C PHE C 152 -18.51 -30.93 24.90
N VAL C 153 -19.82 -30.85 25.15
CA VAL C 153 -20.80 -30.12 24.28
C VAL C 153 -21.46 -29.02 25.12
N GLN C 154 -21.82 -27.92 24.46
CA GLN C 154 -22.59 -26.79 25.05
C GLN C 154 -23.69 -26.36 24.07
N THR C 155 -24.95 -26.43 24.50
CA THR C 155 -26.12 -25.82 23.83
C THR C 155 -26.44 -24.51 24.57
N ARG C 156 -26.57 -23.41 23.85
CA ARG C 156 -26.86 -22.06 24.41
C ARG C 156 -28.05 -21.45 23.68
N LEU C 157 -29.10 -21.08 24.43
CA LEU C 157 -30.28 -20.33 23.92
C LEU C 157 -30.07 -18.84 24.22
N ARG C 158 -29.79 -18.05 23.19
CA ARG C 158 -29.57 -16.58 23.28
C ARG C 158 -30.63 -15.87 22.44
N GLU C 159 -31.73 -15.47 23.07
CA GLU C 159 -32.89 -14.76 22.45
C GLU C 159 -33.52 -15.69 21.40
N ASN C 160 -33.34 -15.40 20.11
CA ASN C 160 -33.93 -16.16 18.98
C ASN C 160 -32.85 -17.00 18.29
N VAL C 161 -31.71 -17.23 18.96
CA VAL C 161 -30.55 -18.01 18.42
C VAL C 161 -30.34 -19.23 19.31
N LEU C 162 -30.11 -20.39 18.69
CA LEU C 162 -29.70 -21.65 19.37
C LEU C 162 -28.29 -22.02 18.90
N LEU C 163 -27.29 -21.85 19.78
CA LEU C 163 -25.87 -22.23 19.54
C LEU C 163 -25.65 -23.66 20.03
N GLN C 164 -24.82 -24.41 19.30
CA GLN C 164 -24.31 -25.74 19.72
C GLN C 164 -22.83 -25.85 19.33
N ALA C 165 -21.97 -26.16 20.31
CA ALA C 165 -20.50 -26.30 20.14
C ALA C 165 -20.05 -27.62 20.78
N LYS C 166 -19.30 -28.43 20.02
CA LYS C 166 -18.73 -29.74 20.46
C LYS C 166 -17.22 -29.71 20.23
N VAL C 167 -16.44 -30.17 21.21
CA VAL C 167 -14.95 -30.34 21.13
C VAL C 167 -14.60 -31.75 21.63
N CYS C 168 -14.01 -32.57 20.77
CA CYS C 168 -13.63 -33.98 21.06
C CYS C 168 -12.11 -34.12 21.05
N GLN C 169 -11.54 -34.67 22.13
CA GLN C 169 -10.08 -34.84 22.33
C GLN C 169 -9.83 -35.59 23.63
N SER C 170 -8.64 -36.21 23.77
CA SER C 170 -8.13 -36.77 25.04
C SER C 170 -7.97 -35.63 26.05
N GLY C 171 -7.77 -35.95 27.33
CA GLY C 171 -7.73 -34.95 28.42
C GLY C 171 -9.09 -34.29 28.59
N ASN C 172 -9.11 -32.96 28.70
CA ASN C 172 -10.32 -32.17 29.10
C ASN C 172 -10.61 -31.09 28.04
N ALA C 173 -11.69 -31.27 27.28
CA ALA C 173 -12.17 -30.32 26.24
C ALA C 173 -13.13 -29.30 26.86
N GLY C 174 -13.34 -29.36 28.18
CA GLY C 174 -14.27 -28.49 28.94
C GLY C 174 -13.96 -27.01 28.76
N PRO C 175 -12.71 -26.56 29.05
CA PRO C 175 -12.33 -25.16 28.85
C PRO C 175 -12.42 -24.72 27.38
N ALA C 176 -12.04 -25.61 26.45
CA ALA C 176 -11.95 -25.35 25.00
C ALA C 176 -13.35 -25.05 24.42
N VAL C 177 -14.35 -25.85 24.77
CA VAL C 177 -15.75 -25.73 24.23
C VAL C 177 -16.40 -24.46 24.77
N ASN C 178 -16.12 -24.09 26.02
CA ASN C 178 -16.69 -22.88 26.69
C ASN C 178 -16.17 -21.62 25.99
N VAL C 179 -14.90 -21.64 25.55
CA VAL C 179 -14.27 -20.52 24.79
C VAL C 179 -14.92 -20.45 23.40
N LEU C 180 -15.04 -21.60 22.72
CA LEU C 180 -15.64 -21.72 21.36
C LEU C 180 -17.08 -21.21 21.38
N ALA C 181 -17.90 -21.71 22.31
CA ALA C 181 -19.30 -21.29 22.53
C ALA C 181 -19.37 -19.76 22.67
N GLY C 182 -18.54 -19.20 23.56
CA GLY C 182 -18.45 -17.75 23.84
C GLY C 182 -18.00 -16.95 22.63
N ALA C 183 -17.04 -17.49 21.87
CA ALA C 183 -16.49 -16.88 20.63
C ALA C 183 -17.59 -16.77 19.57
N MET C 184 -18.41 -17.82 19.43
CA MET C 184 -19.56 -17.89 18.49
C MET C 184 -20.62 -16.87 18.91
N GLN C 185 -20.84 -16.74 20.23
CA GLN C 185 -21.89 -15.89 20.84
C GLN C 185 -21.58 -14.41 20.62
N ASN C 186 -20.29 -14.04 20.65
CA ASN C 186 -19.81 -12.63 20.52
C ASN C 186 -20.16 -12.07 19.14
N THR C 187 -20.21 -12.92 18.11
CA THR C 187 -20.51 -12.53 16.71
C THR C 187 -21.97 -12.09 16.58
N LEU C 188 -22.83 -12.47 17.53
CA LEU C 188 -24.25 -12.03 17.60
C LEU C 188 -24.30 -10.59 18.09
N HIS D 1 -37.73 15.28 -0.17
CA HIS D 1 -36.71 15.30 -1.25
C HIS D 1 -36.95 14.10 -2.16
N PRO D 2 -37.41 14.32 -3.42
CA PRO D 2 -37.66 13.22 -4.35
C PRO D 2 -36.36 12.55 -4.80
N SER D 3 -36.17 11.28 -4.46
CA SER D 3 -34.99 10.44 -4.83
C SER D 3 -34.69 10.60 -6.32
N GLU D 4 -33.42 10.78 -6.67
CA GLU D 4 -32.95 10.93 -8.08
C GLU D 4 -33.11 9.58 -8.79
N PRO D 5 -33.39 9.55 -10.11
CA PRO D 5 -33.52 8.30 -10.84
C PRO D 5 -32.36 7.30 -10.66
N GLY D 6 -31.15 7.81 -10.41
CA GLY D 6 -29.90 7.03 -10.31
C GLY D 6 -29.91 6.00 -9.19
N VAL D 7 -30.71 6.22 -8.14
CA VAL D 7 -30.70 5.37 -6.89
C VAL D 7 -30.94 3.90 -7.25
N VAL D 8 -31.73 3.63 -8.30
CA VAL D 8 -32.17 2.26 -8.71
C VAL D 8 -30.95 1.35 -8.88
N SER D 9 -29.83 1.87 -9.38
CA SER D 9 -28.60 1.10 -9.71
C SER D 9 -27.83 0.72 -8.43
N TYR D 10 -28.05 1.45 -7.33
CA TYR D 10 -27.42 1.20 -5.99
C TYR D 10 -28.41 0.49 -5.05
N ALA D 11 -29.71 0.72 -5.24
CA ALA D 11 -30.81 0.21 -4.37
C ALA D 11 -30.98 -1.30 -4.55
N VAL D 12 -30.63 -1.84 -5.73
CA VAL D 12 -30.63 -3.31 -6.02
C VAL D 12 -29.29 -3.88 -5.55
N LEU D 13 -29.30 -4.63 -4.44
CA LEU D 13 -28.07 -5.19 -3.81
C LEU D 13 -27.59 -6.40 -4.63
N GLY D 14 -26.28 -6.63 -4.66
CA GLY D 14 -25.64 -7.75 -5.37
C GLY D 14 -25.78 -9.05 -4.60
N LYS D 15 -25.36 -10.16 -5.20
CA LYS D 15 -25.53 -11.54 -4.66
C LYS D 15 -24.75 -11.70 -3.35
N GLY D 16 -23.60 -11.04 -3.23
CA GLY D 16 -22.76 -11.04 -2.01
C GLY D 16 -23.53 -10.52 -0.81
N SER D 17 -24.12 -9.32 -0.93
CA SER D 17 -24.92 -8.63 0.11
C SER D 17 -26.16 -9.46 0.46
N VAL D 18 -26.88 -9.94 -0.56
CA VAL D 18 -28.11 -10.77 -0.41
C VAL D 18 -27.78 -12.02 0.40
N GLY D 19 -26.64 -12.67 0.09
CA GLY D 19 -26.14 -13.86 0.79
C GLY D 19 -25.92 -13.60 2.28
N ASN D 20 -25.46 -12.40 2.64
CA ASN D 20 -25.19 -11.98 4.03
C ASN D 20 -26.50 -11.68 4.76
N ILE D 21 -27.55 -11.30 4.03
CA ILE D 21 -28.89 -10.95 4.60
C ILE D 21 -29.65 -12.24 4.93
N VAL D 22 -29.76 -13.17 3.96
CA VAL D 22 -30.48 -14.47 4.11
C VAL D 22 -29.63 -15.42 4.96
N GLY D 23 -28.30 -15.21 5.01
CA GLY D 23 -27.36 -16.02 5.80
C GLY D 23 -27.13 -17.38 5.18
N ALA D 24 -26.78 -17.40 3.89
CA ALA D 24 -26.54 -18.62 3.08
C ALA D 24 -25.82 -18.23 1.78
N PRO D 25 -25.11 -19.17 1.11
CA PRO D 25 -24.39 -18.85 -0.12
C PRO D 25 -25.37 -18.53 -1.28
N MET D 26 -25.11 -17.43 -1.99
CA MET D 26 -25.87 -16.98 -3.18
C MET D 26 -24.88 -16.75 -4.32
N GLY D 27 -24.68 -17.76 -5.17
CA GLY D 27 -23.65 -17.79 -6.22
C GLY D 27 -24.12 -17.19 -7.52
N TRP D 28 -25.43 -17.23 -7.80
CA TRP D 28 -26.04 -16.80 -9.09
C TRP D 28 -26.91 -15.56 -8.89
N GLU D 29 -26.85 -14.61 -9.84
CA GLU D 29 -27.75 -13.43 -9.91
C GLU D 29 -27.89 -13.01 -11.38
N ALA D 30 -29.01 -12.38 -11.72
CA ALA D 30 -29.33 -11.85 -13.07
C ALA D 30 -30.09 -10.53 -12.92
N VAL D 31 -29.49 -9.43 -13.37
CA VAL D 31 -30.07 -8.05 -13.32
C VAL D 31 -31.05 -7.91 -14.48
N PHE D 32 -32.23 -7.33 -14.23
CA PHE D 32 -33.24 -6.97 -15.27
C PHE D 32 -33.52 -5.47 -15.17
N THR D 33 -33.38 -4.77 -16.30
CA THR D 33 -33.39 -3.28 -16.41
C THR D 33 -34.80 -2.78 -16.75
N ARG D 34 -35.72 -3.69 -17.11
CA ARG D 34 -37.09 -3.38 -17.60
C ARG D 34 -38.09 -4.23 -16.82
N PRO D 35 -39.24 -3.67 -16.37
CA PRO D 35 -40.31 -4.48 -15.78
C PRO D 35 -40.77 -5.57 -16.75
N PHE D 36 -41.00 -6.78 -16.24
CA PHE D 36 -41.35 -7.99 -17.05
C PHE D 36 -42.25 -8.92 -16.23
N GLN D 37 -43.20 -9.57 -16.91
CA GLN D 37 -44.11 -10.61 -16.35
C GLN D 37 -43.97 -11.87 -17.21
N ALA D 38 -43.26 -12.88 -16.70
CA ALA D 38 -42.94 -14.15 -17.40
C ALA D 38 -43.90 -15.25 -16.91
N PHE D 39 -45.20 -14.96 -16.83
CA PHE D 39 -46.25 -15.89 -16.35
C PHE D 39 -47.65 -15.31 -16.62
N TRP D 40 -48.67 -16.16 -16.51
CA TRP D 40 -50.10 -15.77 -16.36
C TRP D 40 -50.75 -16.65 -15.28
N VAL D 41 -51.64 -16.08 -14.48
CA VAL D 41 -52.28 -16.73 -13.29
C VAL D 41 -53.76 -17.00 -13.61
N GLU D 42 -54.30 -18.12 -13.13
CA GLU D 42 -55.69 -18.58 -13.40
C GLU D 42 -56.67 -17.62 -12.71
N LEU D 43 -56.56 -17.47 -11.39
CA LEU D 43 -57.31 -16.43 -10.62
C LEU D 43 -56.60 -15.09 -10.84
N PRO D 44 -57.15 -14.17 -11.67
CA PRO D 44 -56.40 -13.01 -12.13
C PRO D 44 -56.25 -11.89 -11.08
N ALA D 45 -56.99 -11.98 -9.97
CA ALA D 45 -56.91 -11.04 -8.82
C ALA D 45 -55.57 -11.21 -8.08
N CYS D 46 -54.90 -12.36 -8.25
CA CYS D 46 -53.62 -12.70 -7.58
C CYS D 46 -52.42 -12.29 -8.45
N ASN D 47 -52.67 -11.71 -9.63
CA ASN D 47 -51.62 -11.38 -10.65
C ASN D 47 -50.47 -10.61 -9.99
N ASN D 48 -50.79 -9.54 -9.26
CA ASN D 48 -49.81 -8.55 -8.74
C ASN D 48 -49.25 -8.97 -7.38
N TRP D 49 -49.57 -10.19 -6.91
CA TRP D 49 -48.96 -10.83 -5.71
C TRP D 49 -48.06 -12.00 -6.12
N VAL D 50 -48.23 -12.54 -7.33
CA VAL D 50 -47.45 -13.70 -7.85
C VAL D 50 -45.96 -13.35 -7.82
N ASP D 51 -45.59 -12.20 -8.40
CA ASP D 51 -44.19 -11.74 -8.56
C ASP D 51 -44.11 -10.23 -8.34
N ILE D 52 -42.91 -9.66 -8.44
CA ILE D 52 -42.62 -8.20 -8.26
C ILE D 52 -41.96 -7.68 -9.54
N GLY D 53 -41.92 -6.36 -9.72
CA GLY D 53 -41.36 -5.69 -10.89
C GLY D 53 -42.18 -5.99 -12.15
N LEU D 54 -43.51 -5.89 -12.01
CA LEU D 54 -44.48 -6.25 -13.08
C LEU D 54 -44.82 -5.01 -13.89
N PRO D 55 -44.84 -5.09 -15.25
CA PRO D 55 -45.23 -3.96 -16.10
C PRO D 55 -46.53 -3.29 -15.63
N GLU D 56 -47.55 -4.09 -15.32
CA GLU D 56 -48.89 -3.63 -14.84
C GLU D 56 -48.71 -2.63 -13.69
N VAL D 57 -47.71 -2.82 -12.83
CA VAL D 57 -47.47 -2.03 -11.58
C VAL D 57 -46.62 -0.79 -11.90
N TYR D 58 -45.53 -0.96 -12.67
CA TYR D 58 -44.44 0.04 -12.81
C TYR D 58 -44.63 0.88 -14.08
N ASP D 59 -44.87 0.24 -15.24
CA ASP D 59 -45.02 0.94 -16.56
C ASP D 59 -46.00 2.10 -16.40
N ASP D 60 -45.56 3.30 -16.73
CA ASP D 60 -46.28 4.59 -16.52
C ASP D 60 -45.52 5.67 -17.28
N PRO D 61 -46.20 6.68 -17.89
CA PRO D 61 -45.48 7.78 -18.54
C PRO D 61 -44.62 8.63 -17.60
N ASP D 62 -44.79 8.47 -16.28
CA ASP D 62 -44.02 9.22 -15.23
C ASP D 62 -42.97 8.30 -14.58
N LEU D 63 -42.76 7.09 -15.11
CA LEU D 63 -41.66 6.18 -14.65
C LEU D 63 -40.33 6.74 -15.15
N ALA D 64 -39.50 7.24 -14.24
CA ALA D 64 -38.18 7.88 -14.54
C ALA D 64 -37.15 6.80 -14.82
N SER D 65 -36.89 5.93 -13.83
CA SER D 65 -35.89 4.84 -13.89
C SER D 65 -36.45 3.59 -13.19
N PHE D 66 -35.98 2.41 -13.61
CA PHE D 66 -36.32 1.09 -13.02
C PHE D 66 -35.09 0.18 -13.09
N ASN D 67 -34.90 -0.63 -12.04
CA ASN D 67 -33.84 -1.66 -11.96
C ASN D 67 -34.25 -2.73 -10.95
N GLY D 68 -33.84 -3.97 -11.21
CA GLY D 68 -34.09 -5.14 -10.34
C GLY D 68 -33.12 -6.27 -10.64
N ALA D 69 -33.12 -7.32 -9.81
CA ALA D 69 -32.25 -8.50 -9.96
C ALA D 69 -32.84 -9.70 -9.21
N THR D 70 -32.84 -10.87 -9.86
CA THR D 70 -33.16 -12.19 -9.26
C THR D 70 -31.85 -12.83 -8.80
N THR D 71 -31.81 -13.29 -7.54
CA THR D 71 -30.64 -13.94 -6.89
C THR D 71 -31.04 -15.36 -6.47
N GLN D 72 -30.12 -16.33 -6.63
CA GLN D 72 -30.33 -17.76 -6.28
C GLN D 72 -29.08 -18.34 -5.63
N THR D 73 -29.21 -19.51 -4.99
CA THR D 73 -28.11 -20.30 -4.38
C THR D 73 -27.05 -20.58 -5.44
N SER D 74 -27.48 -21.17 -6.56
CA SER D 74 -26.66 -21.39 -7.79
C SER D 74 -27.56 -21.23 -9.02
N ALA D 75 -27.01 -21.48 -10.21
CA ALA D 75 -27.75 -21.45 -11.50
C ALA D 75 -28.75 -22.62 -11.55
N THR D 76 -28.46 -23.72 -10.84
CA THR D 76 -29.23 -24.99 -10.87
C THR D 76 -29.94 -25.24 -9.53
N ASP D 77 -29.74 -24.38 -8.53
CA ASP D 77 -30.26 -24.54 -7.14
C ASP D 77 -31.10 -23.31 -6.77
N GLN D 78 -32.25 -23.53 -6.11
CA GLN D 78 -33.20 -22.47 -5.69
C GLN D 78 -33.50 -22.58 -4.19
N THR D 79 -32.63 -23.22 -3.40
CA THR D 79 -32.76 -23.35 -1.93
C THR D 79 -33.21 -21.99 -1.37
N HIS D 80 -32.51 -20.93 -1.77
CA HIS D 80 -32.87 -19.50 -1.57
C HIS D 80 -33.08 -18.85 -2.94
N LEU D 81 -34.24 -18.21 -3.16
CA LEU D 81 -34.50 -17.33 -4.33
C LEU D 81 -34.94 -15.96 -3.80
N VAL D 82 -34.14 -14.92 -4.08
CA VAL D 82 -34.42 -13.51 -3.69
C VAL D 82 -34.61 -12.69 -4.97
N LYS D 83 -35.63 -11.82 -4.99
CA LYS D 83 -35.89 -10.88 -6.10
C LYS D 83 -36.08 -9.47 -5.53
N GLN D 84 -35.52 -8.46 -6.20
CA GLN D 84 -35.61 -7.03 -5.83
C GLN D 84 -36.07 -6.23 -7.07
N ALA D 85 -36.90 -5.22 -6.86
CA ALA D 85 -37.39 -4.28 -7.90
C ALA D 85 -37.52 -2.87 -7.30
N VAL D 86 -36.84 -1.90 -7.91
CA VAL D 86 -36.87 -0.47 -7.50
C VAL D 86 -37.21 0.37 -8.73
N GLY D 87 -38.23 1.24 -8.61
CA GLY D 87 -38.68 2.16 -9.66
C GLY D 87 -38.82 3.58 -9.11
N VAL D 88 -38.21 4.56 -9.78
CA VAL D 88 -38.29 6.01 -9.43
C VAL D 88 -39.26 6.68 -10.41
N PHE D 89 -40.17 7.51 -9.90
CA PHE D 89 -41.24 8.19 -10.66
C PHE D 89 -41.03 9.70 -10.62
N ALA D 90 -41.50 10.41 -11.64
CA ALA D 90 -41.32 11.87 -11.85
C ALA D 90 -42.01 12.66 -10.74
N SER D 91 -43.06 12.10 -10.11
CA SER D 91 -43.82 12.72 -9.00
C SER D 91 -44.12 11.68 -7.91
N ASN D 92 -44.54 12.14 -6.73
CA ASN D 92 -44.96 11.29 -5.59
C ASN D 92 -46.29 10.59 -5.91
N ASP D 93 -47.17 11.28 -6.66
CA ASP D 93 -48.51 10.77 -7.06
C ASP D 93 -48.35 9.58 -8.00
N ALA D 94 -47.46 9.69 -9.00
CA ALA D 94 -47.17 8.64 -10.01
C ALA D 94 -46.72 7.35 -9.32
N ALA D 95 -45.97 7.47 -8.22
CA ALA D 95 -45.46 6.35 -7.39
C ALA D 95 -46.59 5.82 -6.49
N ASP D 96 -47.40 6.72 -5.93
CA ASP D 96 -48.54 6.40 -5.02
C ASP D 96 -49.62 5.64 -5.80
N ARG D 97 -49.85 5.99 -7.06
CA ARG D 97 -50.80 5.29 -7.98
C ARG D 97 -50.26 3.89 -8.29
N ALA D 98 -48.95 3.78 -8.54
CA ALA D 98 -48.24 2.51 -8.84
C ALA D 98 -48.29 1.57 -7.63
N PHE D 99 -48.24 2.12 -6.41
CA PHE D 99 -48.37 1.39 -5.13
C PHE D 99 -49.78 0.82 -5.01
N HIS D 100 -50.79 1.66 -5.27
CA HIS D 100 -52.24 1.32 -5.15
C HIS D 100 -52.65 0.34 -6.25
N ARG D 101 -51.90 0.25 -7.36
CA ARG D 101 -52.12 -0.75 -8.43
C ARG D 101 -51.79 -2.15 -7.91
N VAL D 102 -51.07 -2.26 -6.79
CA VAL D 102 -50.77 -3.55 -6.09
C VAL D 102 -51.89 -3.85 -5.08
N VAL D 103 -52.30 -2.85 -4.28
CA VAL D 103 -53.21 -3.07 -3.10
C VAL D 103 -54.65 -3.20 -3.60
N ASP D 104 -55.07 -2.38 -4.57
CA ASP D 104 -56.48 -2.30 -5.07
C ASP D 104 -56.80 -3.54 -5.91
N ARG D 105 -55.87 -3.96 -6.77
CA ARG D 105 -56.09 -5.00 -7.81
C ARG D 105 -55.83 -6.41 -7.25
N THR D 106 -55.47 -6.54 -5.96
CA THR D 106 -55.22 -7.85 -5.29
C THR D 106 -56.21 -8.04 -4.12
N VAL D 107 -57.36 -7.39 -4.18
CA VAL D 107 -58.51 -7.65 -3.25
C VAL D 107 -59.14 -8.98 -3.67
N GLY D 108 -59.36 -9.89 -2.71
CA GLY D 108 -59.98 -11.20 -2.94
C GLY D 108 -58.99 -12.27 -3.39
N CYS D 109 -57.68 -11.99 -3.26
CA CYS D 109 -56.58 -12.97 -3.49
C CYS D 109 -56.16 -13.61 -2.15
N SER D 110 -56.36 -12.89 -1.04
CA SER D 110 -56.01 -13.33 0.33
C SER D 110 -56.78 -14.62 0.67
N GLY D 111 -56.06 -15.69 1.04
CA GLY D 111 -56.62 -16.98 1.48
C GLY D 111 -56.93 -17.92 0.33
N GLN D 112 -56.63 -17.53 -0.92
CA GLN D 112 -56.92 -18.33 -2.14
C GLN D 112 -55.70 -19.18 -2.50
N THR D 113 -55.88 -20.13 -3.41
CA THR D 113 -54.83 -20.99 -4.02
C THR D 113 -55.10 -21.09 -5.53
N THR D 114 -54.10 -20.77 -6.36
CA THR D 114 -54.22 -20.72 -7.84
C THR D 114 -52.94 -21.26 -8.49
N ALA D 115 -53.08 -21.81 -9.70
CA ALA D 115 -51.97 -22.28 -10.56
C ALA D 115 -51.36 -21.07 -11.27
N ILE D 116 -50.08 -21.17 -11.63
CA ILE D 116 -49.28 -20.09 -12.29
C ILE D 116 -48.47 -20.73 -13.43
N HIS D 117 -48.78 -20.35 -14.68
CA HIS D 117 -48.18 -20.92 -15.92
C HIS D 117 -47.01 -20.05 -16.37
N LEU D 118 -45.79 -20.53 -16.17
CA LEU D 118 -44.52 -19.82 -16.49
C LEU D 118 -44.27 -19.90 -18.01
N ASP D 119 -43.49 -18.97 -18.54
CA ASP D 119 -43.21 -18.82 -20.00
C ASP D 119 -42.40 -20.02 -20.51
N ASP D 120 -41.52 -20.59 -19.69
CA ASP D 120 -40.65 -21.73 -20.06
C ASP D 120 -41.50 -23.00 -20.28
N GLY D 121 -42.74 -23.01 -19.77
CA GLY D 121 -43.72 -24.08 -20.03
C GLY D 121 -44.20 -24.75 -18.75
N THR D 122 -43.46 -24.60 -17.64
CA THR D 122 -43.73 -25.23 -16.32
C THR D 122 -45.01 -24.65 -15.72
N THR D 123 -45.56 -25.33 -14.71
CA THR D 123 -46.68 -24.83 -13.85
C THR D 123 -46.31 -25.01 -12.38
N GLN D 124 -46.74 -24.07 -11.53
CA GLN D 124 -46.58 -24.09 -10.05
C GLN D 124 -47.90 -23.59 -9.43
N VAL D 125 -48.31 -24.19 -8.31
CA VAL D 125 -49.52 -23.80 -7.52
C VAL D 125 -49.04 -23.12 -6.23
N TRP D 126 -49.57 -21.92 -5.95
CA TRP D 126 -49.19 -21.08 -4.78
C TRP D 126 -50.45 -20.67 -4.01
N SER D 127 -50.40 -20.83 -2.68
CA SER D 127 -51.44 -20.38 -1.72
C SER D 127 -51.03 -19.03 -1.14
N PHE D 128 -51.80 -17.97 -1.45
CA PHE D 128 -51.51 -16.57 -1.06
C PHE D 128 -52.18 -16.25 0.29
N ALA D 129 -51.71 -15.18 0.95
CA ALA D 129 -52.20 -14.72 2.27
C ALA D 129 -51.69 -13.31 2.54
N GLY D 130 -52.60 -12.32 2.63
CA GLY D 130 -52.29 -10.91 2.90
C GLY D 130 -51.61 -10.75 4.26
N GLY D 131 -50.62 -9.86 4.33
CA GLY D 131 -49.87 -9.53 5.56
C GLY D 131 -50.19 -8.12 6.05
N PRO D 132 -49.39 -7.56 6.99
CA PRO D 132 -49.66 -6.21 7.50
C PRO D 132 -49.44 -5.15 6.43
N SER D 133 -50.41 -4.24 6.26
CA SER D 133 -50.41 -3.17 5.22
C SER D 133 -50.89 -1.84 5.82
N THR D 134 -50.04 -0.82 5.75
CA THR D 134 -50.34 0.61 6.09
C THR D 134 -50.57 1.36 4.77
N GLY D 135 -50.56 2.70 4.82
CA GLY D 135 -50.73 3.57 3.64
C GLY D 135 -49.52 3.53 2.72
N THR D 136 -48.32 3.27 3.27
CA THR D 136 -47.01 3.34 2.55
C THR D 136 -46.31 1.97 2.54
N ASP D 137 -46.95 0.93 3.09
CA ASP D 137 -46.41 -0.46 3.15
C ASP D 137 -47.50 -1.46 2.77
N GLU D 138 -47.12 -2.53 2.06
CA GLU D 138 -48.02 -3.67 1.69
C GLU D 138 -47.19 -4.95 1.65
N ALA D 139 -47.25 -5.72 2.74
CA ALA D 139 -46.58 -7.04 2.89
C ALA D 139 -47.61 -8.15 2.67
N TRP D 140 -47.21 -9.20 1.94
CA TRP D 140 -47.98 -10.46 1.77
C TRP D 140 -47.01 -11.64 1.76
N THR D 141 -47.52 -12.84 2.00
CA THR D 141 -46.75 -14.12 1.99
C THR D 141 -47.50 -15.14 1.12
N LYS D 142 -46.78 -15.79 0.19
CA LYS D 142 -47.32 -16.86 -0.69
C LYS D 142 -46.56 -18.16 -0.39
N GLN D 143 -47.29 -19.28 -0.30
CA GLN D 143 -46.75 -20.62 0.03
C GLN D 143 -47.00 -21.59 -1.13
N GLU D 144 -45.95 -22.25 -1.61
CA GLU D 144 -46.04 -23.29 -2.67
C GLU D 144 -46.78 -24.50 -2.10
N ALA D 145 -47.92 -24.85 -2.69
CA ALA D 145 -48.84 -25.93 -2.23
C ALA D 145 -48.12 -27.28 -2.32
N GLY D 146 -48.01 -27.99 -1.19
CA GLY D 146 -47.41 -29.34 -1.10
C GLY D 146 -45.95 -29.31 -0.67
N THR D 147 -45.47 -28.16 -0.15
CA THR D 147 -44.09 -27.99 0.39
C THR D 147 -44.12 -27.00 1.56
N ASP D 148 -43.02 -26.92 2.32
CA ASP D 148 -42.82 -25.97 3.44
C ASP D 148 -42.17 -24.68 2.92
N ARG D 149 -41.98 -24.57 1.60
CA ARG D 149 -41.38 -23.39 0.92
C ARG D 149 -42.38 -22.23 0.94
N ARG D 150 -41.94 -21.06 1.43
CA ARG D 150 -42.74 -19.81 1.50
C ARG D 150 -41.90 -18.63 0.98
N CYS D 151 -42.56 -17.71 0.27
CA CYS D 151 -41.99 -16.41 -0.17
C CYS D 151 -42.68 -15.27 0.59
N PHE D 152 -41.93 -14.57 1.45
CA PHE D 152 -42.36 -13.31 2.10
C PHE D 152 -41.98 -12.14 1.18
N VAL D 153 -42.93 -11.25 0.92
CA VAL D 153 -42.76 -10.08 0.00
C VAL D 153 -43.15 -8.80 0.75
N GLN D 154 -42.38 -7.72 0.56
CA GLN D 154 -42.67 -6.35 1.06
C GLN D 154 -42.67 -5.39 -0.13
N THR D 155 -43.71 -4.55 -0.22
CA THR D 155 -43.83 -3.42 -1.18
C THR D 155 -43.88 -2.12 -0.37
N ARG D 156 -42.89 -1.24 -0.56
CA ARG D 156 -42.72 0.02 0.21
C ARG D 156 -42.81 1.21 -0.75
N LEU D 157 -43.69 2.18 -0.43
CA LEU D 157 -43.83 3.48 -1.14
C LEU D 157 -43.07 4.54 -0.33
N ARG D 158 -41.96 5.04 -0.86
CA ARG D 158 -41.08 6.05 -0.21
C ARG D 158 -40.94 7.27 -1.14
N GLU D 159 -41.71 8.32 -0.87
CA GLU D 159 -41.81 9.55 -1.69
C GLU D 159 -42.18 9.17 -3.13
N ASN D 160 -41.22 9.12 -4.05
CA ASN D 160 -41.44 8.88 -5.50
C ASN D 160 -40.77 7.56 -5.91
N VAL D 161 -40.46 6.70 -4.93
CA VAL D 161 -39.81 5.37 -5.14
C VAL D 161 -40.79 4.29 -4.67
N LEU D 162 -40.89 3.20 -5.44
CA LEU D 162 -41.66 1.98 -5.09
C LEU D 162 -40.69 0.80 -4.96
N LEU D 163 -40.38 0.39 -3.73
CA LEU D 163 -39.51 -0.79 -3.43
C LEU D 163 -40.37 -2.06 -3.45
N GLN D 164 -39.79 -3.17 -3.91
CA GLN D 164 -40.38 -4.53 -3.83
C GLN D 164 -39.24 -5.52 -3.57
N ALA D 165 -39.35 -6.30 -2.48
CA ALA D 165 -38.36 -7.31 -2.04
C ALA D 165 -39.08 -8.63 -1.78
N LYS D 166 -38.62 -9.72 -2.42
CA LYS D 166 -39.14 -11.10 -2.26
C LYS D 166 -37.99 -12.01 -1.81
N VAL D 167 -38.23 -12.82 -0.78
CA VAL D 167 -37.26 -13.84 -0.25
C VAL D 167 -38.01 -15.18 -0.13
N CYS D 168 -37.59 -16.19 -0.90
CA CYS D 168 -38.20 -17.55 -0.98
C CYS D 168 -37.25 -18.59 -0.38
N GLN D 169 -37.77 -19.48 0.46
CA GLN D 169 -37.01 -20.53 1.19
C GLN D 169 -37.97 -21.32 2.09
N SER D 170 -37.55 -22.50 2.55
CA SER D 170 -38.21 -23.25 3.65
C SER D 170 -38.11 -22.43 4.94
N GLY D 171 -38.79 -22.87 6.00
CA GLY D 171 -38.86 -22.12 7.27
C GLY D 171 -39.50 -20.76 7.07
N ASN D 172 -38.92 -19.70 7.66
CA ASN D 172 -39.52 -18.33 7.73
C ASN D 172 -38.56 -17.32 7.12
N ALA D 173 -38.92 -16.74 5.97
CA ALA D 173 -38.16 -15.68 5.25
C ALA D 173 -38.62 -14.29 5.71
N GLY D 174 -39.50 -14.22 6.72
CA GLY D 174 -40.09 -12.97 7.24
C GLY D 174 -39.02 -11.98 7.70
N PRO D 175 -38.10 -12.38 8.61
CA PRO D 175 -37.01 -11.50 9.05
C PRO D 175 -36.10 -11.05 7.91
N ALA D 176 -35.71 -11.98 7.04
CA ALA D 176 -34.74 -11.78 5.94
C ALA D 176 -35.23 -10.72 4.95
N VAL D 177 -36.53 -10.74 4.60
CA VAL D 177 -37.12 -9.80 3.60
C VAL D 177 -37.21 -8.39 4.22
N ASN D 178 -37.39 -8.30 5.54
CA ASN D 178 -37.48 -7.00 6.26
C ASN D 178 -36.10 -6.34 6.31
N VAL D 179 -35.05 -7.14 6.49
CA VAL D 179 -33.63 -6.68 6.46
C VAL D 179 -33.31 -6.20 5.04
N LEU D 180 -33.66 -7.01 4.04
CA LEU D 180 -33.39 -6.73 2.59
C LEU D 180 -34.13 -5.45 2.17
N ALA D 181 -35.42 -5.33 2.49
CA ALA D 181 -36.26 -4.14 2.20
C ALA D 181 -35.65 -2.91 2.88
N GLY D 182 -35.17 -3.07 4.12
CA GLY D 182 -34.52 -2.01 4.91
C GLY D 182 -33.18 -1.60 4.32
N ALA D 183 -32.37 -2.56 3.88
CA ALA D 183 -31.04 -2.37 3.27
C ALA D 183 -31.19 -1.59 1.96
N MET D 184 -32.19 -1.94 1.15
CA MET D 184 -32.50 -1.28 -0.15
C MET D 184 -32.95 0.17 0.09
N GLN D 185 -33.68 0.41 1.18
CA GLN D 185 -34.28 1.72 1.52
C GLN D 185 -33.19 2.70 1.97
N ASN D 186 -32.12 2.21 2.60
CA ASN D 186 -30.99 3.03 3.12
C ASN D 186 -30.24 3.69 1.97
N THR D 187 -30.18 3.04 0.80
CA THR D 187 -29.44 3.51 -0.40
C THR D 187 -30.16 4.71 -1.03
N LEU D 188 -31.42 4.96 -0.66
CA LEU D 188 -32.22 6.11 -1.17
C LEU D 188 -31.70 7.42 -0.56
N GLY D 189 -30.91 7.34 0.52
CA GLY D 189 -30.13 8.47 1.07
C GLY D 189 -28.78 8.60 0.38
N LYS D 190 -28.79 8.95 -0.91
CA LYS D 190 -27.59 9.06 -1.78
C LYS D 190 -27.85 10.05 -2.92
N LEU D 191 -27.05 11.11 -3.00
CA LEU D 191 -27.11 12.17 -4.05
C LEU D 191 -25.72 12.30 -4.70
N HIS E 1 13.11 37.59 -4.72
CA HIS E 1 13.85 36.30 -4.87
C HIS E 1 14.05 35.99 -6.35
N PRO E 2 15.28 35.60 -6.77
CA PRO E 2 15.48 35.02 -8.11
C PRO E 2 15.32 33.49 -8.09
N SER E 3 14.71 32.93 -9.15
CA SER E 3 14.53 31.47 -9.34
C SER E 3 15.90 30.81 -9.57
N GLU E 4 16.06 29.57 -9.09
CA GLU E 4 17.28 28.74 -9.33
C GLU E 4 17.20 28.14 -10.74
N PRO E 5 18.33 27.77 -11.36
CA PRO E 5 18.33 27.18 -12.70
C PRO E 5 17.45 25.92 -12.85
N GLY E 6 17.16 25.23 -11.75
CA GLY E 6 16.43 23.94 -11.72
C GLY E 6 14.98 24.06 -12.15
N VAL E 7 14.37 25.24 -12.01
CA VAL E 7 12.88 25.44 -12.18
C VAL E 7 12.47 25.09 -13.62
N VAL E 8 13.37 25.24 -14.59
CA VAL E 8 13.08 25.08 -16.05
C VAL E 8 12.47 23.69 -16.32
N SER E 9 12.98 22.65 -15.66
CA SER E 9 12.56 21.23 -15.87
C SER E 9 11.14 21.00 -15.34
N TYR E 10 10.69 21.80 -14.36
CA TYR E 10 9.33 21.71 -13.73
C TYR E 10 8.38 22.74 -14.34
N ALA E 11 8.90 23.87 -14.83
CA ALA E 11 8.11 25.02 -15.33
C ALA E 11 7.47 24.69 -16.69
N VAL E 12 8.03 23.74 -17.43
CA VAL E 12 7.46 23.19 -18.70
C VAL E 12 6.51 22.04 -18.34
N LEU E 13 5.21 22.24 -18.54
CA LEU E 13 4.14 21.25 -18.20
C LEU E 13 4.15 20.13 -19.25
N GLY E 14 3.69 18.94 -18.86
CA GLY E 14 3.55 17.76 -19.75
C GLY E 14 2.28 17.85 -20.58
N LYS E 15 2.13 16.92 -21.53
CA LYS E 15 1.00 16.90 -22.51
C LYS E 15 -0.33 16.70 -21.78
N GLY E 16 -0.35 15.88 -20.72
CA GLY E 16 -1.54 15.62 -19.88
C GLY E 16 -2.08 16.91 -19.27
N SER E 17 -1.22 17.68 -18.60
CA SER E 17 -1.53 19.00 -17.98
C SER E 17 -2.01 19.97 -19.05
N VAL E 18 -1.24 20.08 -20.15
CA VAL E 18 -1.53 20.98 -21.30
C VAL E 18 -2.93 20.68 -21.84
N GLY E 19 -3.27 19.39 -21.98
CA GLY E 19 -4.59 18.91 -22.42
C GLY E 19 -5.71 19.41 -21.52
N ASN E 20 -5.48 19.38 -20.21
CA ASN E 20 -6.47 19.78 -19.16
C ASN E 20 -6.63 21.31 -19.14
N ILE E 21 -5.66 22.06 -19.68
CA ILE E 21 -5.68 23.55 -19.71
C ILE E 21 -6.47 24.03 -20.94
N VAL E 22 -6.16 23.49 -22.13
CA VAL E 22 -6.83 23.86 -23.42
C VAL E 22 -8.24 23.24 -23.46
N GLY E 23 -8.41 22.06 -22.85
CA GLY E 23 -9.69 21.33 -22.79
C GLY E 23 -9.91 20.51 -24.05
N ALA E 24 -8.95 19.64 -24.37
CA ALA E 24 -8.95 18.75 -25.56
C ALA E 24 -7.82 17.74 -25.44
N PRO E 25 -7.90 16.57 -26.12
CA PRO E 25 -6.84 15.57 -26.04
C PRO E 25 -5.53 16.05 -26.69
N MET E 26 -4.41 15.88 -25.97
CA MET E 26 -3.04 16.23 -26.44
C MET E 26 -2.14 14.99 -26.25
N GLY E 27 -2.01 14.18 -27.31
CA GLY E 27 -1.35 12.87 -27.28
C GLY E 27 0.15 12.95 -27.56
N TRP E 28 0.58 13.95 -28.33
CA TRP E 28 1.98 14.11 -28.80
C TRP E 28 2.63 15.34 -28.16
N GLU E 29 3.87 15.19 -27.68
CA GLU E 29 4.75 16.30 -27.19
C GLU E 29 6.20 15.97 -27.54
N ALA E 30 7.05 17.00 -27.64
CA ALA E 30 8.51 16.89 -27.88
C ALA E 30 9.24 17.97 -27.08
N VAL E 31 10.01 17.54 -26.08
CA VAL E 31 10.79 18.44 -25.16
C VAL E 31 12.07 18.86 -25.88
N PHE E 32 12.35 20.17 -25.94
CA PHE E 32 13.62 20.75 -26.46
C PHE E 32 14.35 21.46 -25.32
N THR E 33 15.64 21.17 -25.16
CA THR E 33 16.49 21.63 -24.02
C THR E 33 17.41 22.78 -24.47
N ARG E 34 17.25 23.24 -25.71
CA ARG E 34 18.12 24.28 -26.36
C ARG E 34 17.25 25.17 -27.23
N PRO E 35 17.35 26.52 -27.13
CA PRO E 35 16.58 27.41 -28.00
C PRO E 35 16.90 27.14 -29.47
N PHE E 36 15.86 27.16 -30.33
CA PHE E 36 15.96 26.83 -31.78
C PHE E 36 14.94 27.65 -32.57
N GLN E 37 15.28 27.94 -33.84
CA GLN E 37 14.40 28.62 -34.82
C GLN E 37 14.35 27.77 -36.10
N ALA E 38 13.20 27.14 -36.36
CA ALA E 38 12.97 26.21 -37.50
C ALA E 38 12.11 26.91 -38.56
N PHE E 39 12.48 28.13 -38.96
CA PHE E 39 11.79 28.94 -40.00
C PHE E 39 12.63 30.19 -40.33
N TRP E 40 12.21 30.90 -41.37
CA TRP E 40 12.58 32.32 -41.65
C TRP E 40 11.35 33.05 -42.18
N VAL E 41 11.17 34.31 -41.79
CA VAL E 41 9.97 35.15 -42.12
C VAL E 41 10.38 36.22 -43.14
N GLU E 42 9.48 36.58 -44.06
CA GLU E 42 9.73 37.56 -45.14
C GLU E 42 9.89 38.96 -44.53
N LEU E 43 8.89 39.42 -43.77
CA LEU E 43 8.97 40.67 -42.96
C LEU E 43 9.75 40.35 -41.69
N PRO E 44 11.05 40.73 -41.60
CA PRO E 44 11.93 40.22 -40.55
C PRO E 44 11.68 40.84 -39.16
N ALA E 45 10.89 41.91 -39.09
CA ALA E 45 10.46 42.58 -37.84
C ALA E 45 9.60 41.62 -37.01
N CYS E 46 8.81 40.78 -37.67
CA CYS E 46 7.86 39.82 -37.05
C CYS E 46 8.56 38.54 -36.57
N ASN E 47 9.88 38.42 -36.81
CA ASN E 47 10.68 37.20 -36.51
C ASN E 47 10.38 36.72 -35.08
N ASN E 48 10.48 37.61 -34.09
CA ASN E 48 10.40 37.26 -32.65
C ASN E 48 8.94 37.20 -32.17
N TRP E 49 7.97 37.32 -33.08
CA TRP E 49 6.52 37.11 -32.81
C TRP E 49 6.03 35.83 -33.50
N VAL E 50 6.76 35.33 -34.50
CA VAL E 50 6.37 34.11 -35.28
C VAL E 50 6.29 32.91 -34.32
N ASP E 51 7.31 32.75 -33.47
CA ASP E 51 7.47 31.58 -32.57
C ASP E 51 8.17 32.02 -31.27
N ILE E 52 8.32 31.09 -30.32
CA ILE E 52 8.94 31.33 -28.98
C ILE E 52 10.12 30.38 -28.80
N GLY E 53 10.93 30.61 -27.76
CA GLY E 53 12.15 29.83 -27.46
C GLY E 53 13.20 30.00 -28.54
N LEU E 54 13.30 31.20 -29.12
CA LEU E 54 14.20 31.53 -30.25
C LEU E 54 15.60 31.84 -29.71
N PRO E 55 16.68 31.33 -30.37
CA PRO E 55 18.06 31.62 -29.97
C PRO E 55 18.34 33.13 -29.87
N GLU E 56 17.81 33.90 -30.81
CA GLU E 56 17.90 35.39 -30.85
C GLU E 56 17.55 35.98 -29.48
N VAL E 57 16.54 35.42 -28.82
CA VAL E 57 15.92 35.96 -27.56
C VAL E 57 16.68 35.42 -26.34
N TYR E 58 16.99 34.11 -26.32
CA TYR E 58 17.43 33.37 -25.11
C TYR E 58 18.95 33.22 -25.05
N ASP E 59 19.62 32.95 -26.18
CA ASP E 59 21.10 32.77 -26.23
C ASP E 59 21.77 34.04 -25.70
N ASP E 60 22.59 33.90 -24.66
CA ASP E 60 23.19 35.02 -23.88
C ASP E 60 24.26 34.42 -22.96
N PRO E 61 25.42 35.09 -22.75
CA PRO E 61 26.42 34.61 -21.80
C PRO E 61 25.90 34.42 -20.36
N ASP E 62 24.74 35.00 -20.03
CA ASP E 62 24.14 34.97 -18.67
C ASP E 62 22.95 33.99 -18.61
N LEU E 63 22.70 33.22 -19.67
CA LEU E 63 21.68 32.13 -19.66
C LEU E 63 22.19 30.99 -18.79
N ALA E 64 21.52 30.74 -17.65
CA ALA E 64 21.92 29.73 -16.63
C ALA E 64 21.37 28.36 -17.03
N SER E 65 20.10 28.30 -17.44
CA SER E 65 19.40 27.06 -17.89
C SER E 65 18.23 27.44 -18.80
N PHE E 66 17.81 26.51 -19.64
CA PHE E 66 16.66 26.66 -20.57
C PHE E 66 15.99 25.30 -20.78
N ASN E 67 14.66 25.31 -20.92
CA ASN E 67 13.83 24.11 -21.21
C ASN E 67 12.52 24.56 -21.85
N GLY E 68 12.02 23.77 -22.81
CA GLY E 68 10.75 24.01 -23.52
C GLY E 68 10.15 22.72 -24.04
N ALA E 69 8.96 22.78 -24.62
CA ALA E 69 8.24 21.61 -25.18
C ALA E 69 7.13 22.08 -26.12
N THR E 70 7.05 21.44 -27.30
CA THR E 70 5.93 21.58 -28.27
C THR E 70 4.95 20.43 -28.03
N THR E 71 3.66 20.73 -27.91
CA THR E 71 2.56 19.75 -27.65
C THR E 71 1.49 19.89 -28.75
N GLN E 72 0.99 18.77 -29.26
CA GLN E 72 -0.02 18.70 -30.35
C GLN E 72 -1.11 17.70 -29.98
N THR E 73 -2.25 17.75 -30.68
CA THR E 73 -3.39 16.81 -30.56
C THR E 73 -2.87 15.38 -30.75
N SER E 74 -2.23 15.12 -31.89
CA SER E 74 -1.48 13.88 -32.20
C SER E 74 -0.22 14.23 -33.00
N ALA E 75 0.54 13.22 -33.43
CA ALA E 75 1.76 13.37 -34.25
C ALA E 75 1.39 13.91 -35.64
N THR E 76 0.19 13.60 -36.13
CA THR E 76 -0.30 13.90 -37.50
C THR E 76 -1.43 14.94 -37.46
N ASP E 77 -1.79 15.46 -36.28
CA ASP E 77 -2.92 16.41 -36.07
C ASP E 77 -2.42 17.64 -35.31
N GLN E 78 -2.91 18.83 -35.68
CA GLN E 78 -2.51 20.13 -35.07
C GLN E 78 -3.77 20.96 -34.71
N THR E 79 -4.92 20.31 -34.51
CA THR E 79 -6.19 20.97 -34.09
C THR E 79 -5.87 21.93 -32.93
N HIS E 80 -5.06 21.47 -31.98
CA HIS E 80 -4.41 22.27 -30.91
C HIS E 80 -2.89 22.11 -31.02
N LEU E 81 -2.16 23.21 -31.19
CA LEU E 81 -0.67 23.26 -31.09
C LEU E 81 -0.29 24.23 -29.96
N VAL E 82 0.26 23.70 -28.87
CA VAL E 82 0.76 24.48 -27.71
C VAL E 82 2.29 24.37 -27.67
N LYS E 83 2.97 25.46 -27.31
CA LYS E 83 4.45 25.51 -27.13
C LYS E 83 4.77 26.30 -25.87
N GLN E 84 5.81 25.87 -25.14
CA GLN E 84 6.31 26.51 -23.90
C GLN E 84 7.83 26.65 -24.00
N ALA E 85 8.38 27.73 -23.43
CA ALA E 85 9.83 28.00 -23.33
C ALA E 85 10.11 28.75 -22.03
N VAL E 86 11.00 28.22 -21.18
CA VAL E 86 11.40 28.82 -19.87
C VAL E 86 12.92 28.92 -19.85
N GLY E 87 13.43 30.14 -19.61
CA GLY E 87 14.88 30.43 -19.47
C GLY E 87 15.17 31.13 -18.16
N VAL E 88 16.13 30.62 -17.39
CA VAL E 88 16.63 31.24 -16.12
C VAL E 88 17.98 31.89 -16.42
N PHE E 89 18.14 33.16 -16.03
CA PHE E 89 19.35 33.99 -16.28
C PHE E 89 20.07 34.25 -14.95
N ALA E 90 21.39 34.45 -15.03
CA ALA E 90 22.29 34.68 -13.87
C ALA E 90 21.86 35.94 -13.10
N SER E 91 21.37 36.96 -13.81
CA SER E 91 20.93 38.26 -13.23
C SER E 91 19.52 38.62 -13.73
N ASN E 92 18.84 39.54 -13.04
CA ASN E 92 17.53 40.11 -13.43
C ASN E 92 17.71 40.94 -14.71
N ASP E 93 18.82 41.67 -14.83
CA ASP E 93 19.14 42.54 -15.98
C ASP E 93 19.29 41.69 -17.25
N ALA E 94 20.01 40.57 -17.16
CA ALA E 94 20.24 39.61 -18.27
C ALA E 94 18.89 39.14 -18.84
N ALA E 95 17.92 38.89 -17.95
CA ALA E 95 16.55 38.45 -18.30
C ALA E 95 15.75 39.62 -18.89
N ASP E 96 15.88 40.81 -18.30
CA ASP E 96 15.19 42.06 -18.74
C ASP E 96 15.61 42.41 -20.17
N ARG E 97 16.90 42.23 -20.50
CA ARG E 97 17.46 42.46 -21.86
C ARG E 97 16.86 41.43 -22.83
N ALA E 98 16.77 40.17 -22.41
CA ALA E 98 16.19 39.05 -23.19
C ALA E 98 14.70 39.30 -23.45
N PHE E 99 14.00 39.89 -22.47
CA PHE E 99 12.58 40.31 -22.61
C PHE E 99 12.47 41.40 -23.68
N HIS E 100 13.30 42.45 -23.56
CA HIS E 100 13.32 43.63 -24.47
C HIS E 100 13.76 43.23 -25.88
N ARG E 101 14.49 42.12 -26.03
CA ARG E 101 14.89 41.55 -27.35
C ARG E 101 13.65 41.04 -28.09
N VAL E 102 12.51 40.88 -27.40
CA VAL E 102 11.19 40.53 -27.99
C VAL E 102 10.43 41.83 -28.33
N VAL E 103 10.34 42.76 -27.38
CA VAL E 103 9.45 43.95 -27.47
C VAL E 103 10.05 44.96 -28.46
N ASP E 104 11.37 45.18 -28.39
CA ASP E 104 12.09 46.22 -29.18
C ASP E 104 12.16 45.81 -30.66
N ARG E 105 12.48 44.54 -30.92
CA ARG E 105 12.81 44.04 -32.29
C ARG E 105 11.53 43.73 -33.08
N THR E 106 10.35 43.87 -32.48
CA THR E 106 9.04 43.52 -33.10
C THR E 106 8.15 44.76 -33.25
N VAL E 107 8.69 45.96 -33.07
CA VAL E 107 7.97 47.25 -33.32
C VAL E 107 7.67 47.32 -34.83
N GLY E 108 6.43 47.65 -35.19
CA GLY E 108 5.97 47.80 -36.58
C GLY E 108 5.33 46.55 -37.14
N CYS E 109 5.60 45.38 -36.54
CA CYS E 109 5.03 44.05 -36.93
C CYS E 109 3.51 44.06 -36.70
N SER E 110 3.04 44.74 -35.66
CA SER E 110 1.61 44.89 -35.29
C SER E 110 0.80 45.37 -36.50
N GLY E 111 -0.19 44.58 -36.93
CA GLY E 111 -1.15 44.95 -37.99
C GLY E 111 -0.70 44.54 -39.38
N GLN E 112 0.39 43.78 -39.49
CA GLN E 112 0.99 43.37 -40.79
C GLN E 112 0.69 41.89 -41.07
N THR E 113 0.86 41.49 -42.34
CA THR E 113 0.76 40.09 -42.83
C THR E 113 2.07 39.74 -43.53
N THR E 114 2.59 38.52 -43.32
CA THR E 114 3.86 38.05 -43.90
C THR E 114 3.83 36.52 -44.05
N ALA E 115 4.50 35.99 -45.07
CA ALA E 115 4.72 34.54 -45.29
C ALA E 115 5.85 34.07 -44.37
N ILE E 116 5.76 32.81 -43.91
CA ILE E 116 6.76 32.15 -43.02
C ILE E 116 7.16 30.82 -43.66
N HIS E 117 8.46 30.66 -43.97
CA HIS E 117 9.02 29.46 -44.64
C HIS E 117 9.60 28.51 -43.58
N LEU E 118 8.94 27.37 -43.37
CA LEU E 118 9.32 26.32 -42.38
C LEU E 118 10.42 25.45 -42.96
N ASP E 119 11.30 24.91 -42.09
CA ASP E 119 12.50 24.11 -42.46
C ASP E 119 12.09 22.86 -43.25
N ASP E 120 10.92 22.29 -42.95
CA ASP E 120 10.40 21.06 -43.63
C ASP E 120 10.14 21.35 -45.11
N GLY E 121 9.86 22.60 -45.47
CA GLY E 121 9.70 23.07 -46.86
C GLY E 121 8.41 23.86 -47.09
N THR E 122 7.43 23.71 -46.20
CA THR E 122 6.08 24.33 -46.30
C THR E 122 6.18 25.85 -46.14
N THR E 123 5.14 26.57 -46.58
CA THR E 123 4.98 28.05 -46.41
C THR E 123 3.57 28.35 -45.90
N GLN E 124 3.47 29.23 -44.89
CA GLN E 124 2.18 29.67 -44.28
C GLN E 124 2.19 31.20 -44.15
N VAL E 125 1.04 31.83 -44.36
CA VAL E 125 0.86 33.32 -44.28
C VAL E 125 0.06 33.64 -43.00
N TRP E 126 0.64 34.45 -42.11
CA TRP E 126 0.08 34.80 -40.78
C TRP E 126 -0.02 36.32 -40.63
N SER E 127 -1.20 36.81 -40.25
CA SER E 127 -1.51 38.23 -39.94
C SER E 127 -1.30 38.48 -38.45
N PHE E 128 -0.35 39.35 -38.07
CA PHE E 128 0.03 39.64 -36.67
C PHE E 128 -0.76 40.85 -36.16
N ALA E 129 -0.85 40.99 -34.83
CA ALA E 129 -1.56 42.09 -34.14
C ALA E 129 -1.16 42.09 -32.65
N GLY E 130 -0.55 43.19 -32.18
CA GLY E 130 -0.06 43.36 -30.81
C GLY E 130 -1.19 43.39 -29.79
N GLY E 131 -0.98 42.79 -28.62
CA GLY E 131 -1.94 42.75 -27.51
C GLY E 131 -1.50 43.65 -26.36
N PRO E 132 -2.04 43.49 -25.13
CA PRO E 132 -1.65 44.30 -23.98
C PRO E 132 -0.21 43.99 -23.55
N SER E 133 0.57 45.02 -23.24
CA SER E 133 2.01 44.93 -22.88
C SER E 133 2.37 45.96 -21.80
N THR E 134 2.76 45.47 -20.61
CA THR E 134 3.33 46.26 -19.49
C THR E 134 4.85 46.16 -19.56
N GLY E 135 5.55 46.54 -18.48
CA GLY E 135 7.03 46.48 -18.39
C GLY E 135 7.54 45.05 -18.26
N THR E 136 6.74 44.16 -17.67
CA THR E 136 7.12 42.76 -17.33
C THR E 136 6.25 41.74 -18.09
N ASP E 137 5.34 42.21 -18.95
CA ASP E 137 4.41 41.34 -19.74
C ASP E 137 4.36 41.85 -21.18
N GLU E 138 4.34 40.93 -22.15
CA GLU E 138 4.15 41.20 -23.59
C GLU E 138 3.32 40.08 -24.20
N ALA E 139 2.07 40.37 -24.59
CA ALA E 139 1.12 39.44 -25.23
C ALA E 139 0.80 39.92 -26.64
N TRP E 140 0.77 39.00 -27.60
CA TRP E 140 0.36 39.25 -29.01
C TRP E 140 -0.43 38.05 -29.54
N THR E 141 -1.14 38.25 -30.66
CA THR E 141 -1.98 37.23 -31.34
C THR E 141 -1.68 37.27 -32.84
N LYS E 142 -1.39 36.12 -33.45
CA LYS E 142 -1.13 35.97 -34.91
C LYS E 142 -2.22 35.06 -35.50
N GLN E 143 -2.83 35.48 -36.60
CA GLN E 143 -3.95 34.79 -37.29
C GLN E 143 -3.51 34.29 -38.67
N GLU E 144 -3.61 32.98 -38.91
CA GLU E 144 -3.34 32.35 -40.23
C GLU E 144 -4.35 32.89 -41.25
N ALA E 145 -3.86 33.38 -42.39
CA ALA E 145 -4.65 34.07 -43.43
C ALA E 145 -5.54 33.05 -44.17
N GLY E 146 -6.86 33.29 -44.18
CA GLY E 146 -7.85 32.46 -44.90
C GLY E 146 -8.66 31.58 -43.97
N THR E 147 -8.14 31.26 -42.77
CA THR E 147 -8.75 30.34 -41.78
C THR E 147 -9.17 31.11 -40.52
N ASP E 148 -9.89 30.43 -39.62
CA ASP E 148 -10.34 30.96 -38.30
C ASP E 148 -9.33 30.58 -37.21
N ARG E 149 -8.19 29.99 -37.60
CA ARG E 149 -7.08 29.58 -36.68
C ARG E 149 -6.33 30.83 -36.22
N ARG E 150 -6.06 30.92 -34.91
CA ARG E 150 -5.29 32.02 -34.26
C ARG E 150 -4.37 31.44 -33.17
N CYS E 151 -3.17 31.98 -33.04
CA CYS E 151 -2.23 31.69 -31.92
C CYS E 151 -2.13 32.91 -31.00
N PHE E 152 -2.59 32.77 -29.75
CA PHE E 152 -2.37 33.75 -28.66
C PHE E 152 -1.08 33.38 -27.93
N VAL E 153 -0.18 34.36 -27.75
CA VAL E 153 1.14 34.17 -27.09
C VAL E 153 1.24 35.14 -25.91
N GLN E 154 1.92 34.72 -24.84
CA GLN E 154 2.25 35.55 -23.65
C GLN E 154 3.74 35.37 -23.32
N THR E 155 4.48 36.49 -23.28
CA THR E 155 5.88 36.57 -22.77
C THR E 155 5.83 37.25 -21.41
N ARG E 156 6.39 36.61 -20.38
CA ARG E 156 6.40 37.12 -18.98
C ARG E 156 7.85 37.18 -18.46
N LEU E 157 8.26 38.36 -17.98
CA LEU E 157 9.56 38.59 -17.30
C LEU E 157 9.32 38.60 -15.79
N ARG E 158 9.66 37.51 -15.11
CA ARG E 158 9.49 37.35 -13.64
C ARG E 158 10.88 37.25 -13.00
N GLU E 159 11.38 38.37 -12.48
CA GLU E 159 12.70 38.51 -11.81
C GLU E 159 13.80 38.13 -12.82
N ASN E 160 14.40 36.95 -12.68
CA ASN E 160 15.54 36.48 -13.52
C ASN E 160 15.07 35.35 -14.46
N VAL E 161 13.77 35.23 -14.68
CA VAL E 161 13.14 34.19 -15.55
C VAL E 161 12.41 34.88 -16.71
N LEU E 162 12.44 34.29 -17.90
CA LEU E 162 11.63 34.71 -19.07
C LEU E 162 10.76 33.53 -19.52
N LEU E 163 9.45 33.63 -19.29
CA LEU E 163 8.44 32.63 -19.72
C LEU E 163 7.93 33.00 -21.11
N GLN E 164 7.54 32.00 -21.90
CA GLN E 164 6.82 32.16 -23.19
C GLN E 164 5.85 30.98 -23.36
N ALA E 165 4.58 31.29 -23.63
CA ALA E 165 3.49 30.31 -23.81
C ALA E 165 2.69 30.66 -25.06
N LYS E 166 2.57 29.70 -26.00
CA LYS E 166 1.79 29.82 -27.25
C LYS E 166 0.70 28.75 -27.25
N VAL E 167 -0.53 29.12 -27.63
CA VAL E 167 -1.69 28.19 -27.81
C VAL E 167 -2.34 28.50 -29.16
N CYS E 168 -2.25 27.57 -30.12
CA CYS E 168 -2.80 27.68 -31.50
C CYS E 168 -4.02 26.77 -31.65
N GLN E 169 -5.13 27.31 -32.18
CA GLN E 169 -6.44 26.62 -32.33
C GLN E 169 -7.43 27.57 -32.98
N SER E 170 -8.50 27.03 -33.59
CA SER E 170 -9.68 27.80 -34.04
C SER E 170 -10.32 28.47 -32.81
N GLY E 171 -11.25 29.41 -33.03
CA GLY E 171 -11.85 30.22 -31.96
C GLY E 171 -10.81 31.05 -31.23
N ASN E 172 -10.94 31.18 -29.91
CA ASN E 172 -10.16 32.13 -29.07
C ASN E 172 -9.28 31.36 -28.08
N ALA E 173 -7.96 31.38 -28.28
CA ALA E 173 -6.95 30.71 -27.41
C ALA E 173 -6.47 31.67 -26.31
N GLY E 174 -7.12 32.84 -26.18
CA GLY E 174 -6.74 33.90 -25.22
C GLY E 174 -6.79 33.42 -23.78
N PRO E 175 -7.94 32.87 -23.32
CA PRO E 175 -8.04 32.36 -21.94
C PRO E 175 -7.09 31.20 -21.67
N ALA E 176 -6.99 30.27 -22.62
CA ALA E 176 -6.18 29.02 -22.52
C ALA E 176 -4.71 29.36 -22.24
N VAL E 177 -4.13 30.29 -23.00
CA VAL E 177 -2.68 30.67 -22.92
C VAL E 177 -2.42 31.36 -21.57
N ASN E 178 -3.38 32.15 -21.08
CA ASN E 178 -3.26 32.89 -19.80
C ASN E 178 -3.19 31.90 -18.63
N VAL E 179 -3.99 30.82 -18.70
CA VAL E 179 -4.00 29.72 -17.68
C VAL E 179 -2.66 28.99 -17.74
N LEU E 180 -2.18 28.68 -18.95
CA LEU E 180 -0.89 27.97 -19.18
C LEU E 180 0.27 28.82 -18.66
N ALA E 181 0.33 30.10 -19.04
CA ALA E 181 1.34 31.07 -18.58
C ALA E 181 1.36 31.11 -17.05
N GLY E 182 0.20 31.23 -16.42
CA GLY E 182 0.02 31.26 -14.95
C GLY E 182 0.45 29.96 -14.30
N ALA E 183 0.10 28.82 -14.91
CA ALA E 183 0.43 27.46 -14.44
C ALA E 183 1.95 27.26 -14.44
N MET E 184 2.64 27.76 -15.47
CA MET E 184 4.12 27.69 -15.62
C MET E 184 4.78 28.57 -14.55
N GLN E 185 4.19 29.74 -14.26
CA GLN E 185 4.74 30.77 -13.34
C GLN E 185 4.68 30.28 -11.89
N ASN E 186 3.67 29.48 -11.54
CA ASN E 186 3.42 28.96 -10.16
C ASN E 186 4.57 28.03 -9.74
N THR E 187 5.15 27.30 -10.70
CA THR E 187 6.23 26.30 -10.45
C THR E 187 7.55 26.99 -10.11
N LEU E 188 7.65 28.32 -10.33
CA LEU E 188 8.86 29.12 -10.00
C LEU E 188 8.98 29.28 -8.47
N GLY E 189 7.90 29.00 -7.73
CA GLY E 189 7.93 28.76 -6.27
C GLY E 189 8.21 27.29 -5.96
N LYS E 190 9.34 26.77 -6.47
CA LYS E 190 9.75 25.35 -6.38
C LYS E 190 11.06 25.15 -7.17
N HIS F 1 29.85 21.88 14.12
CA HIS F 1 30.43 20.68 14.78
C HIS F 1 31.40 19.98 13.82
N PRO F 2 32.30 19.09 14.31
CA PRO F 2 33.10 18.26 13.42
C PRO F 2 32.20 17.22 12.70
N SER F 3 32.32 17.12 11.39
CA SER F 3 31.58 16.13 10.55
C SER F 3 32.20 14.74 10.74
N GLU F 4 31.36 13.70 10.77
CA GLU F 4 31.80 12.28 10.83
C GLU F 4 32.29 11.86 9.44
N PRO F 5 33.23 10.90 9.34
CA PRO F 5 33.73 10.44 8.04
C PRO F 5 32.63 10.00 7.05
N GLY F 6 31.49 9.52 7.57
CA GLY F 6 30.40 8.90 6.80
C GLY F 6 29.66 9.87 5.88
N VAL F 7 29.77 11.18 6.10
CA VAL F 7 28.99 12.23 5.37
C VAL F 7 29.37 12.21 3.88
N VAL F 8 30.60 11.81 3.54
CA VAL F 8 31.16 11.84 2.15
C VAL F 8 30.23 11.06 1.21
N SER F 9 29.64 9.95 1.68
CA SER F 9 28.78 9.04 0.86
C SER F 9 27.43 9.70 0.55
N TYR F 10 26.98 10.64 1.39
CA TYR F 10 25.70 11.39 1.23
C TYR F 10 25.93 12.76 0.59
N ALA F 11 27.10 13.36 0.82
CA ALA F 11 27.46 14.74 0.40
C ALA F 11 27.66 14.82 -1.11
N VAL F 12 28.05 13.72 -1.75
CA VAL F 12 28.18 13.61 -3.24
C VAL F 12 26.80 13.23 -3.81
N LEU F 13 26.12 14.17 -4.46
CA LEU F 13 24.74 13.98 -5.00
C LEU F 13 24.82 13.12 -6.26
N GLY F 14 23.79 12.31 -6.50
CA GLY F 14 23.67 11.44 -7.70
C GLY F 14 23.28 12.25 -8.93
N LYS F 15 23.24 11.60 -10.09
CA LYS F 15 22.99 12.25 -11.41
C LYS F 15 21.59 12.85 -11.44
N GLY F 16 20.61 12.21 -10.78
CA GLY F 16 19.22 12.68 -10.68
C GLY F 16 19.15 14.07 -10.03
N SER F 17 19.79 14.23 -8.87
CA SER F 17 19.84 15.50 -8.08
C SER F 17 20.63 16.56 -8.85
N VAL F 18 21.78 16.18 -9.41
CA VAL F 18 22.68 17.07 -10.21
C VAL F 18 21.87 17.64 -11.39
N GLY F 19 21.11 16.79 -12.08
CA GLY F 19 20.21 17.17 -13.20
C GLY F 19 19.20 18.23 -12.77
N ASN F 20 18.58 18.05 -11.61
CA ASN F 20 17.53 18.97 -11.06
C ASN F 20 18.16 20.31 -10.69
N ILE F 21 19.45 20.35 -10.36
CA ILE F 21 20.18 21.58 -9.95
C ILE F 21 20.52 22.40 -11.21
N VAL F 22 21.17 21.78 -12.20
CA VAL F 22 21.58 22.45 -13.48
C VAL F 22 20.33 22.70 -14.34
N GLY F 23 19.29 21.88 -14.20
CA GLY F 23 18.01 22.03 -14.93
C GLY F 23 18.13 21.50 -16.34
N ALA F 24 18.69 20.29 -16.50
CA ALA F 24 18.92 19.60 -17.79
C ALA F 24 19.13 18.11 -17.52
N PRO F 25 18.86 17.21 -18.50
CA PRO F 25 19.04 15.78 -18.30
C PRO F 25 20.52 15.42 -18.07
N MET F 26 20.79 14.64 -17.02
CA MET F 26 22.13 14.08 -16.68
C MET F 26 22.00 12.57 -16.54
N GLY F 27 22.38 11.84 -17.59
CA GLY F 27 22.15 10.38 -17.75
C GLY F 27 23.34 9.54 -17.29
N TRP F 28 24.55 10.10 -17.31
CA TRP F 28 25.81 9.38 -17.00
C TRP F 28 26.50 9.97 -15.77
N GLU F 29 26.94 9.11 -14.84
CA GLU F 29 27.79 9.47 -13.69
C GLU F 29 28.82 8.34 -13.46
N ALA F 30 29.93 8.66 -12.81
CA ALA F 30 31.01 7.72 -12.40
C ALA F 30 31.61 8.18 -11.08
N VAL F 31 31.37 7.41 -10.01
CA VAL F 31 31.86 7.69 -8.63
C VAL F 31 33.35 7.33 -8.57
N PHE F 32 34.16 8.19 -7.93
CA PHE F 32 35.60 7.93 -7.62
C PHE F 32 35.79 8.08 -6.11
N THR F 33 36.37 7.06 -5.47
CA THR F 33 36.50 6.92 -3.99
C THR F 33 37.90 7.34 -3.53
N ARG F 34 38.76 7.76 -4.46
CA ARG F 34 40.19 8.11 -4.22
C ARG F 34 40.53 9.36 -5.00
N PRO F 35 41.24 10.36 -4.39
CA PRO F 35 41.73 11.52 -5.13
C PRO F 35 42.63 11.08 -6.30
N PHE F 36 42.50 11.73 -7.46
CA PHE F 36 43.19 11.37 -8.72
C PHE F 36 43.40 12.63 -9.58
N GLN F 37 44.49 12.64 -10.35
CA GLN F 37 44.86 13.72 -11.30
C GLN F 37 45.21 13.08 -12.65
N ALA F 38 44.31 13.19 -13.63
CA ALA F 38 44.44 12.60 -14.99
C ALA F 38 44.83 13.69 -15.99
N PHE F 39 45.89 14.45 -15.69
CA PHE F 39 46.42 15.55 -16.52
C PHE F 39 47.72 16.11 -15.92
N TRP F 40 48.45 16.89 -16.73
CA TRP F 40 49.51 17.83 -16.29
C TRP F 40 49.36 19.15 -17.06
N VAL F 41 49.65 20.28 -16.42
CA VAL F 41 49.45 21.66 -16.96
C VAL F 41 50.83 22.30 -17.19
N GLU F 42 50.97 23.09 -18.26
CA GLU F 42 52.25 23.76 -18.64
C GLU F 42 52.62 24.78 -17.57
N LEU F 43 51.82 25.84 -17.39
CA LEU F 43 51.95 26.80 -16.26
C LEU F 43 51.58 26.07 -14.97
N PRO F 44 52.56 25.66 -14.14
CA PRO F 44 52.29 24.72 -13.04
C PRO F 44 51.53 25.31 -11.85
N ALA F 45 51.46 26.64 -11.77
CA ALA F 45 50.71 27.40 -10.73
C ALA F 45 49.21 27.10 -10.85
N CYS F 46 48.71 26.87 -12.07
CA CYS F 46 47.27 26.64 -12.39
C CYS F 46 46.83 25.22 -12.01
N ASN F 47 47.76 24.33 -11.68
CA ASN F 47 47.52 22.89 -11.42
C ASN F 47 46.22 22.71 -10.62
N ASN F 48 46.10 23.35 -9.46
CA ASN F 48 45.04 23.11 -8.45
C ASN F 48 43.75 23.87 -8.80
N TRP F 49 43.73 24.59 -9.93
CA TRP F 49 42.52 25.28 -10.48
C TRP F 49 42.00 24.52 -11.72
N VAL F 50 42.81 23.64 -12.33
CA VAL F 50 42.44 22.87 -13.55
C VAL F 50 41.24 21.97 -13.22
N ASP F 51 41.33 21.21 -12.13
CA ASP F 51 40.32 20.19 -11.73
C ASP F 51 40.17 20.18 -10.21
N ILE F 52 39.30 19.31 -9.68
CA ILE F 52 39.01 19.17 -8.23
C ILE F 52 39.24 17.71 -7.82
N GLY F 53 39.34 17.45 -6.51
CA GLY F 53 39.62 16.11 -5.95
C GLY F 53 41.02 15.64 -6.32
N LEU F 54 42.01 16.53 -6.19
CA LEU F 54 43.41 16.29 -6.61
C LEU F 54 44.20 15.71 -5.44
N PRO F 55 45.02 14.65 -5.66
CA PRO F 55 45.87 14.08 -4.62
C PRO F 55 46.71 15.14 -3.89
N GLU F 56 47.28 16.10 -4.64
CA GLU F 56 48.10 17.21 -4.11
C GLU F 56 47.34 17.92 -2.98
N VAL F 57 46.03 18.12 -3.15
CA VAL F 57 45.16 18.91 -2.23
C VAL F 57 44.74 18.05 -1.02
N TYR F 58 44.25 16.82 -1.28
CA TYR F 58 43.48 15.99 -0.31
C TYR F 58 44.40 15.02 0.44
N ASP F 59 45.27 14.29 -0.26
CA ASP F 59 46.17 13.25 0.33
C ASP F 59 46.90 13.85 1.54
N ASP F 60 46.68 13.26 2.72
CA ASP F 60 47.21 13.74 4.03
C ASP F 60 47.09 12.58 5.02
N PRO F 61 48.05 12.41 5.97
CA PRO F 61 47.91 11.40 7.01
C PRO F 61 46.62 11.49 7.84
N ASP F 62 46.02 12.69 7.93
CA ASP F 62 44.80 12.97 8.73
C ASP F 62 43.56 13.03 7.82
N LEU F 63 43.63 12.51 6.59
CA LEU F 63 42.44 12.34 5.71
C LEU F 63 41.66 11.11 6.20
N ALA F 64 40.47 11.33 6.76
CA ALA F 64 39.61 10.28 7.35
C ALA F 64 38.89 9.51 6.24
N SER F 65 38.07 10.21 5.46
CA SER F 65 37.28 9.66 4.33
C SER F 65 37.29 10.63 3.15
N PHE F 66 37.12 10.11 1.94
CA PHE F 66 37.02 10.89 0.68
C PHE F 66 36.05 10.19 -0.27
N ASN F 67 35.24 10.99 -0.98
CA ASN F 67 34.29 10.52 -2.03
C ASN F 67 34.10 11.64 -3.05
N GLY F 68 33.76 11.28 -4.28
CA GLY F 68 33.47 12.22 -5.39
C GLY F 68 32.79 11.51 -6.54
N ALA F 69 32.29 12.28 -7.52
CA ALA F 69 31.58 11.76 -8.70
C ALA F 69 31.59 12.80 -9.82
N THR F 70 31.92 12.37 -11.04
CA THR F 70 31.81 13.16 -12.30
C THR F 70 30.48 12.80 -12.97
N THR F 71 29.67 13.80 -13.33
CA THR F 71 28.32 13.64 -13.93
C THR F 71 28.30 14.38 -15.28
N GLN F 72 27.69 13.75 -16.31
CA GLN F 72 27.59 14.30 -17.69
C GLN F 72 26.15 14.14 -18.21
N THR F 73 25.85 14.79 -19.34
CA THR F 73 24.55 14.74 -20.05
C THR F 73 24.27 13.29 -20.48
N SER F 74 25.23 12.68 -21.18
CA SER F 74 25.29 11.22 -21.48
C SER F 74 26.75 10.77 -21.42
N ALA F 75 27.03 9.51 -21.80
CA ALA F 75 28.40 8.95 -21.87
C ALA F 75 29.17 9.61 -23.03
N THR F 76 28.44 10.04 -24.07
CA THR F 76 29.00 10.57 -25.36
C THR F 76 28.64 12.05 -25.54
N ASP F 77 28.16 12.72 -24.48
CA ASP F 77 27.68 14.13 -24.51
C ASP F 77 28.18 14.86 -23.26
N GLN F 78 28.76 16.05 -23.43
CA GLN F 78 29.38 16.86 -22.35
C GLN F 78 28.73 18.26 -22.28
N THR F 79 27.52 18.43 -22.81
CA THR F 79 26.75 19.70 -22.79
C THR F 79 26.88 20.32 -21.39
N HIS F 80 26.51 19.53 -20.37
CA HIS F 80 26.77 19.79 -18.93
C HIS F 80 27.77 18.75 -18.41
N LEU F 81 28.87 19.21 -17.80
CA LEU F 81 29.81 18.35 -17.04
C LEU F 81 29.91 18.89 -15.61
N VAL F 82 29.38 18.13 -14.65
CA VAL F 82 29.42 18.45 -13.19
C VAL F 82 30.40 17.47 -12.53
N LYS F 83 31.19 17.96 -11.57
CA LYS F 83 32.11 17.14 -10.75
C LYS F 83 32.00 17.58 -9.29
N GLN F 84 32.05 16.62 -8.36
CA GLN F 84 31.98 16.84 -6.90
C GLN F 84 33.14 16.10 -6.22
N ALA F 85 33.67 16.65 -5.13
CA ALA F 85 34.69 16.03 -4.26
C ALA F 85 34.48 16.50 -2.82
N VAL F 86 34.40 15.56 -1.89
CA VAL F 86 34.22 15.83 -0.43
C VAL F 86 35.26 15.01 0.33
N GLY F 87 35.97 15.64 1.26
CA GLY F 87 37.00 15.02 2.11
C GLY F 87 36.84 15.43 3.56
N VAL F 88 36.70 14.46 4.46
CA VAL F 88 36.61 14.66 5.93
C VAL F 88 37.99 14.39 6.53
N PHE F 89 38.48 15.30 7.37
CA PHE F 89 39.82 15.24 8.00
C PHE F 89 39.67 15.01 9.51
N ALA F 90 40.68 14.38 10.12
CA ALA F 90 40.72 14.01 11.57
C ALA F 90 40.69 15.27 12.42
N SER F 91 41.25 16.38 11.93
CA SER F 91 41.32 17.69 12.62
C SER F 91 40.84 18.81 11.69
N ASN F 92 40.41 19.94 12.27
CA ASN F 92 40.05 21.18 11.53
C ASN F 92 41.31 21.75 10.87
N ASP F 93 42.47 21.59 11.52
CA ASP F 93 43.79 22.09 11.05
C ASP F 93 44.16 21.39 9.75
N ALA F 94 44.05 20.06 9.70
CA ALA F 94 44.40 19.20 8.54
C ALA F 94 43.59 19.63 7.31
N ALA F 95 42.30 19.91 7.50
CA ALA F 95 41.38 20.40 6.44
C ALA F 95 41.76 21.84 6.04
N ASP F 96 42.07 22.69 7.03
CA ASP F 96 42.46 24.11 6.84
C ASP F 96 43.74 24.19 6.01
N ARG F 97 44.69 23.27 6.23
CA ARG F 97 45.96 23.16 5.47
C ARG F 97 45.66 22.72 4.03
N ALA F 98 44.75 21.75 3.85
CA ALA F 98 44.34 21.21 2.54
C ALA F 98 43.66 22.31 1.72
N PHE F 99 42.86 23.16 2.36
CA PHE F 99 42.19 24.33 1.73
C PHE F 99 43.26 25.31 1.22
N HIS F 100 44.28 25.60 2.04
CA HIS F 100 45.37 26.57 1.74
C HIS F 100 46.36 25.99 0.72
N ARG F 101 46.29 24.70 0.42
CA ARG F 101 47.07 24.06 -0.69
C ARG F 101 46.42 24.41 -2.04
N VAL F 102 45.20 24.94 -2.03
CA VAL F 102 44.45 25.39 -3.25
C VAL F 102 44.68 26.90 -3.46
N VAL F 103 44.69 27.69 -2.38
CA VAL F 103 44.72 29.20 -2.47
C VAL F 103 46.17 29.66 -2.67
N ASP F 104 47.11 29.08 -1.91
CA ASP F 104 48.53 29.53 -1.85
C ASP F 104 49.27 29.13 -3.14
N ARG F 105 49.01 27.92 -3.66
CA ARG F 105 49.77 27.31 -4.78
C ARG F 105 49.19 27.73 -6.14
N THR F 106 48.11 28.52 -6.16
CA THR F 106 47.45 29.00 -7.40
C THR F 106 47.59 30.51 -7.54
N VAL F 107 48.56 31.11 -6.82
CA VAL F 107 48.96 32.54 -6.98
C VAL F 107 49.68 32.68 -8.33
N GLY F 108 49.22 33.60 -9.18
CA GLY F 108 49.82 33.90 -10.49
C GLY F 108 49.18 33.11 -11.63
N CYS F 109 48.10 32.36 -11.35
CA CYS F 109 47.30 31.63 -12.37
C CYS F 109 46.15 32.52 -12.88
N SER F 110 45.65 33.43 -12.03
CA SER F 110 44.55 34.38 -12.35
C SER F 110 44.93 35.19 -13.61
N GLY F 111 44.05 35.19 -14.61
CA GLY F 111 44.18 36.00 -15.84
C GLY F 111 45.10 35.37 -16.87
N GLN F 112 45.56 34.13 -16.66
CA GLN F 112 46.52 33.42 -17.55
C GLN F 112 45.76 32.43 -18.45
N THR F 113 46.37 32.08 -19.58
CA THR F 113 45.90 31.02 -20.52
C THR F 113 47.03 30.01 -20.71
N THR F 114 46.77 28.73 -20.46
CA THR F 114 47.77 27.63 -20.51
C THR F 114 47.13 26.37 -21.12
N ALA F 115 47.97 25.46 -21.63
CA ALA F 115 47.58 24.16 -22.21
C ALA F 115 47.51 23.11 -21.10
N ILE F 116 46.59 22.14 -21.24
CA ILE F 116 46.35 21.03 -20.26
C ILE F 116 46.41 19.71 -21.03
N HIS F 117 47.41 18.87 -20.72
CA HIS F 117 47.69 17.58 -21.41
C HIS F 117 47.00 16.44 -20.65
N LEU F 118 45.89 15.94 -21.17
CA LEU F 118 45.07 14.86 -20.57
C LEU F 118 45.77 13.51 -20.77
N ASP F 119 45.52 12.56 -19.87
CA ASP F 119 46.16 11.21 -19.86
C ASP F 119 45.81 10.45 -21.13
N ASP F 120 44.61 10.65 -21.69
CA ASP F 120 44.11 9.93 -22.89
C ASP F 120 44.88 10.38 -24.14
N GLY F 121 45.64 11.48 -24.06
CA GLY F 121 46.55 11.94 -25.13
C GLY F 121 46.15 13.30 -25.68
N THR F 122 44.88 13.69 -25.53
CA THR F 122 44.30 14.98 -26.01
C THR F 122 44.96 16.15 -25.28
N THR F 123 44.90 17.34 -25.88
CA THR F 123 45.35 18.63 -25.28
C THR F 123 44.24 19.68 -25.45
N GLN F 124 43.97 20.45 -24.39
CA GLN F 124 42.99 21.57 -24.39
C GLN F 124 43.69 22.82 -23.83
N VAL F 125 43.14 24.00 -24.15
CA VAL F 125 43.67 25.33 -23.69
C VAL F 125 42.54 26.05 -22.93
N TRP F 126 42.80 26.41 -21.67
CA TRP F 126 41.82 27.08 -20.76
C TRP F 126 42.42 28.37 -20.20
N SER F 127 41.64 29.44 -20.21
CA SER F 127 41.97 30.76 -19.58
C SER F 127 41.33 30.83 -18.20
N PHE F 128 42.14 31.00 -17.16
CA PHE F 128 41.72 31.02 -15.73
C PHE F 128 41.50 32.47 -15.27
N ALA F 129 40.63 32.64 -14.28
CA ALA F 129 40.23 33.96 -13.70
C ALA F 129 39.70 33.78 -12.29
N GLY F 130 40.44 34.25 -11.28
CA GLY F 130 40.11 34.14 -9.85
C GLY F 130 38.82 34.88 -9.51
N GLY F 131 37.99 34.29 -8.64
CA GLY F 131 36.70 34.85 -8.20
C GLY F 131 36.73 35.27 -6.73
N PRO F 132 35.57 35.48 -6.07
CA PRO F 132 35.53 35.91 -4.68
C PRO F 132 36.04 34.81 -3.74
N SER F 133 36.96 35.17 -2.83
CA SER F 133 37.64 34.23 -1.90
C SER F 133 37.80 34.85 -0.50
N THR F 134 37.05 34.33 0.47
CA THR F 134 37.18 34.66 1.92
C THR F 134 38.16 33.67 2.56
N GLY F 135 38.21 33.61 3.90
CA GLY F 135 39.09 32.69 4.65
C GLY F 135 38.67 31.24 4.51
N THR F 136 37.37 30.98 4.32
CA THR F 136 36.77 29.62 4.31
C THR F 136 36.15 29.29 2.94
N ASP F 137 36.25 30.19 1.95
CA ASP F 137 35.71 30.00 0.58
C ASP F 137 36.76 30.43 -0.45
N GLU F 138 36.85 29.70 -1.57
CA GLU F 138 37.69 30.02 -2.75
C GLU F 138 36.94 29.60 -4.02
N ALA F 139 36.41 30.58 -4.75
CA ALA F 139 35.71 30.40 -6.04
C ALA F 139 36.58 30.95 -7.17
N TRP F 140 36.72 30.18 -8.26
CA TRP F 140 37.38 30.60 -9.52
C TRP F 140 36.54 30.10 -10.71
N THR F 141 36.76 30.68 -11.88
CA THR F 141 36.08 30.27 -13.15
C THR F 141 37.15 30.12 -14.24
N LYS F 142 37.13 29.00 -14.97
CA LYS F 142 38.04 28.70 -16.10
C LYS F 142 37.20 28.59 -17.38
N GLN F 143 37.71 29.16 -18.48
CA GLN F 143 37.02 29.22 -19.80
C GLN F 143 37.89 28.56 -20.87
N GLU F 144 37.31 27.65 -21.66
CA GLU F 144 38.00 26.97 -22.80
C GLU F 144 38.17 27.98 -23.93
N ALA F 145 39.42 28.30 -24.27
CA ALA F 145 39.82 29.30 -25.29
C ALA F 145 39.21 28.92 -26.64
N GLY F 146 38.39 29.81 -27.22
CA GLY F 146 37.78 29.66 -28.55
C GLY F 146 36.36 29.10 -28.49
N THR F 147 35.76 29.04 -27.30
CA THR F 147 34.37 28.59 -27.06
C THR F 147 33.71 29.43 -25.96
N ASP F 148 32.38 29.38 -25.89
CA ASP F 148 31.55 30.06 -24.85
C ASP F 148 31.43 29.16 -23.61
N ARG F 149 32.07 27.98 -23.63
CA ARG F 149 32.06 26.99 -22.52
C ARG F 149 32.90 27.53 -21.36
N ARG F 150 32.30 27.57 -20.16
CA ARG F 150 32.96 28.01 -18.90
C ARG F 150 32.65 27.01 -17.78
N CYS F 151 33.63 26.76 -16.90
CA CYS F 151 33.49 25.98 -15.65
C CYS F 151 33.62 26.92 -14.45
N PHE F 152 32.53 27.10 -13.70
CA PHE F 152 32.52 27.79 -12.38
C PHE F 152 32.80 26.74 -11.30
N VAL F 153 33.77 27.02 -10.43
CA VAL F 153 34.23 26.09 -9.36
C VAL F 153 34.12 26.80 -8.01
N GLN F 154 33.69 26.08 -6.97
CA GLN F 154 33.65 26.55 -5.56
C GLN F 154 34.38 25.54 -4.68
N THR F 155 35.31 26.01 -3.85
CA THR F 155 36.00 25.24 -2.79
C THR F 155 35.61 25.83 -1.44
N ARG F 156 34.94 25.03 -0.60
CA ARG F 156 34.42 25.45 0.73
C ARG F 156 35.11 24.64 1.85
N LEU F 157 35.71 25.33 2.82
CA LEU F 157 36.28 24.74 4.07
C LEU F 157 35.25 24.89 5.19
N ARG F 158 34.58 23.79 5.56
CA ARG F 158 33.54 23.75 6.63
C ARG F 158 34.06 22.86 7.76
N GLU F 159 34.65 23.48 8.79
CA GLU F 159 35.21 22.80 10.00
C GLU F 159 36.33 21.86 9.55
N ASN F 160 36.07 20.55 9.49
CA ASN F 160 37.06 19.49 9.16
C ASN F 160 36.74 18.89 7.78
N VAL F 161 35.87 19.55 7.00
CA VAL F 161 35.42 19.10 5.65
C VAL F 161 35.95 20.09 4.60
N LEU F 162 36.38 19.59 3.44
CA LEU F 162 36.76 20.40 2.26
C LEU F 162 35.87 20.00 1.08
N LEU F 163 34.88 20.83 0.75
CA LEU F 163 33.96 20.65 -0.40
C LEU F 163 34.58 21.26 -1.65
N GLN F 164 34.42 20.59 -2.80
CA GLN F 164 34.76 21.12 -4.15
C GLN F 164 33.62 20.77 -5.10
N ALA F 165 33.06 21.77 -5.80
CA ALA F 165 31.95 21.62 -6.77
C ALA F 165 32.31 22.37 -8.06
N LYS F 166 32.23 21.68 -9.19
CA LYS F 166 32.50 22.22 -10.55
C LYS F 166 31.26 21.99 -11.43
N VAL F 167 30.89 23.01 -12.21
CA VAL F 167 29.78 22.93 -13.21
C VAL F 167 30.29 23.58 -14.52
N CYS F 168 30.41 22.78 -15.58
CA CYS F 168 30.88 23.22 -16.93
C CYS F 168 29.71 23.19 -17.91
N GLN F 169 29.52 24.28 -18.65
CA GLN F 169 28.44 24.45 -19.65
C GLN F 169 28.63 25.78 -20.39
N SER F 170 27.96 25.97 -21.52
CA SER F 170 27.78 27.28 -22.20
C SER F 170 26.95 28.19 -21.29
N GLY F 171 26.90 29.48 -21.59
CA GLY F 171 26.20 30.48 -20.76
C GLY F 171 26.89 30.64 -19.41
N ASN F 172 26.13 30.62 -18.31
CA ASN F 172 26.61 30.96 -16.94
C ASN F 172 26.26 29.84 -15.96
N ALA F 173 27.27 29.12 -15.46
CA ALA F 173 27.14 28.03 -14.47
C ALA F 173 27.28 28.58 -13.05
N GLY F 174 27.51 29.89 -12.90
CA GLY F 174 27.71 30.57 -11.61
C GLY F 174 26.60 30.22 -10.61
N PRO F 175 25.31 30.43 -10.96
CA PRO F 175 24.19 30.09 -10.08
C PRO F 175 24.14 28.59 -9.74
N ALA F 176 24.29 27.73 -10.75
CA ALA F 176 24.16 26.26 -10.66
C ALA F 176 25.17 25.69 -9.65
N VAL F 177 26.45 26.07 -9.75
CA VAL F 177 27.54 25.55 -8.89
C VAL F 177 27.30 25.98 -7.44
N ASN F 178 26.70 27.16 -7.23
CA ASN F 178 26.39 27.72 -5.89
C ASN F 178 25.29 26.87 -5.24
N VAL F 179 24.26 26.48 -6.02
CA VAL F 179 23.15 25.60 -5.56
C VAL F 179 23.74 24.23 -5.21
N LEU F 180 24.61 23.70 -6.06
CA LEU F 180 25.27 22.37 -5.89
C LEU F 180 26.11 22.39 -4.60
N ALA F 181 27.00 23.38 -4.46
CA ALA F 181 27.89 23.56 -3.30
C ALA F 181 27.05 23.62 -2.01
N GLY F 182 25.95 24.37 -2.04
CA GLY F 182 25.00 24.53 -0.91
C GLY F 182 24.29 23.22 -0.58
N ALA F 183 23.85 22.49 -1.60
CA ALA F 183 23.15 21.19 -1.48
C ALA F 183 24.08 20.15 -0.86
N MET F 184 25.36 20.13 -1.26
CA MET F 184 26.41 19.23 -0.72
C MET F 184 26.67 19.57 0.75
N GLN F 185 26.58 20.85 1.10
CA GLN F 185 26.89 21.38 2.45
C GLN F 185 25.77 21.00 3.43
N ASN F 186 24.52 20.99 2.98
CA ASN F 186 23.33 20.70 3.82
C ASN F 186 23.38 19.28 4.38
N THR F 187 24.01 18.34 3.67
CA THR F 187 24.13 16.92 4.08
C THR F 187 25.04 16.81 5.31
N LEU F 188 25.96 17.77 5.49
CA LEU F 188 26.92 17.79 6.64
C LEU F 188 26.14 18.09 7.93
N HIS G 1 -17.24 32.74 -12.20
CA HIS G 1 -16.04 33.40 -12.81
C HIS G 1 -15.94 33.02 -14.28
N PRO G 2 -14.97 33.57 -15.04
CA PRO G 2 -14.68 33.07 -16.38
C PRO G 2 -14.19 31.62 -16.27
N SER G 3 -15.11 30.65 -16.30
CA SER G 3 -14.79 29.20 -16.25
C SER G 3 -13.64 28.93 -17.23
N GLU G 4 -12.51 28.43 -16.73
CA GLU G 4 -11.30 28.13 -17.55
C GLU G 4 -11.69 27.17 -18.66
N PRO G 5 -11.09 27.29 -19.88
CA PRO G 5 -11.46 26.43 -21.00
C PRO G 5 -11.30 24.92 -20.70
N GLY G 6 -10.46 24.58 -19.72
CA GLY G 6 -10.14 23.19 -19.33
C GLY G 6 -11.33 22.44 -18.74
N VAL G 7 -12.38 23.13 -18.30
CA VAL G 7 -13.56 22.53 -17.60
C VAL G 7 -14.29 21.57 -18.56
N VAL G 8 -14.31 21.88 -19.87
CA VAL G 8 -15.09 21.11 -20.89
C VAL G 8 -14.73 19.63 -20.83
N SER G 9 -13.46 19.30 -20.54
CA SER G 9 -12.93 17.91 -20.51
C SER G 9 -13.46 17.15 -19.29
N TYR G 10 -13.83 17.86 -18.22
CA TYR G 10 -14.38 17.30 -16.95
C TYR G 10 -15.91 17.44 -16.90
N ALA G 11 -16.47 18.47 -17.55
CA ALA G 11 -17.91 18.81 -17.53
C ALA G 11 -18.72 17.80 -18.37
N VAL G 12 -18.08 17.12 -19.32
CA VAL G 12 -18.67 15.99 -20.10
C VAL G 12 -18.40 14.69 -19.33
N LEU G 13 -19.45 14.13 -18.72
CA LEU G 13 -19.37 12.91 -17.86
C LEU G 13 -19.23 11.68 -18.77
N GLY G 14 -18.51 10.66 -18.29
CA GLY G 14 -18.29 9.38 -19.00
C GLY G 14 -19.53 8.51 -18.97
N LYS G 15 -19.51 7.39 -19.70
CA LYS G 15 -20.66 6.45 -19.85
C LYS G 15 -21.04 5.87 -18.47
N GLY G 16 -20.05 5.58 -17.63
CA GLY G 16 -20.23 5.05 -16.27
C GLY G 16 -21.11 5.96 -15.42
N SER G 17 -20.77 7.25 -15.37
CA SER G 17 -21.46 8.30 -14.57
C SER G 17 -22.85 8.57 -15.16
N VAL G 18 -22.97 8.61 -16.49
CA VAL G 18 -24.27 8.80 -17.21
C VAL G 18 -25.23 7.68 -16.80
N GLY G 19 -24.74 6.43 -16.76
CA GLY G 19 -25.50 5.25 -16.36
C GLY G 19 -26.06 5.37 -14.95
N ASN G 20 -25.27 5.94 -14.02
CA ASN G 20 -25.62 6.05 -12.58
C ASN G 20 -26.52 7.29 -12.35
N ILE G 21 -26.83 8.04 -13.40
CA ILE G 21 -27.75 9.22 -13.36
C ILE G 21 -29.12 8.79 -13.93
N VAL G 22 -29.12 8.11 -15.08
CA VAL G 22 -30.36 7.59 -15.75
C VAL G 22 -30.82 6.31 -15.04
N GLY G 23 -29.90 5.61 -14.35
CA GLY G 23 -30.20 4.37 -13.59
C GLY G 23 -30.41 3.20 -14.52
N ALA G 24 -29.43 2.93 -15.38
CA ALA G 24 -29.44 1.84 -16.38
C ALA G 24 -28.02 1.63 -16.91
N PRO G 25 -27.70 0.45 -17.50
CA PRO G 25 -26.37 0.23 -18.08
C PRO G 25 -26.16 1.09 -19.33
N MET G 26 -24.99 1.74 -19.44
CA MET G 26 -24.56 2.53 -20.61
C MET G 26 -23.16 2.07 -21.03
N GLY G 27 -23.09 1.21 -22.06
CA GLY G 27 -21.87 0.50 -22.48
C GLY G 27 -21.11 1.23 -23.58
N TRP G 28 -21.81 2.03 -24.40
CA TRP G 28 -21.24 2.74 -25.58
C TRP G 28 -21.30 4.25 -25.38
N GLU G 29 -20.20 4.95 -25.67
CA GLU G 29 -20.12 6.44 -25.78
C GLU G 29 -19.17 6.81 -26.92
N ALA G 30 -19.38 7.98 -27.52
CA ALA G 30 -18.52 8.57 -28.56
C ALA G 30 -18.32 10.07 -28.27
N VAL G 31 -17.08 10.46 -27.94
CA VAL G 31 -16.69 11.87 -27.61
C VAL G 31 -16.50 12.63 -28.92
N PHE G 32 -17.17 13.78 -29.08
CA PHE G 32 -17.02 14.71 -30.23
C PHE G 32 -16.47 16.05 -29.69
N THR G 33 -15.33 16.48 -30.24
CA THR G 33 -14.53 17.65 -29.78
C THR G 33 -14.92 18.92 -30.53
N ARG G 34 -15.70 18.78 -31.63
CA ARG G 34 -16.08 19.88 -32.55
C ARG G 34 -17.59 19.85 -32.75
N PRO G 35 -18.32 20.99 -32.64
CA PRO G 35 -19.75 21.02 -32.90
C PRO G 35 -20.08 20.53 -34.32
N PHE G 36 -21.06 19.63 -34.45
CA PHE G 36 -21.54 19.08 -35.76
C PHE G 36 -23.08 19.11 -35.79
N GLN G 37 -23.63 19.09 -37.01
CA GLN G 37 -25.08 18.95 -37.30
C GLN G 37 -25.25 17.91 -38.41
N ALA G 38 -25.68 16.70 -38.06
CA ALA G 38 -25.82 15.53 -38.96
C ALA G 38 -27.30 15.34 -39.34
N PHE G 39 -27.96 16.41 -39.80
CA PHE G 39 -29.39 16.40 -40.21
C PHE G 39 -29.78 17.75 -40.85
N TRP G 40 -30.99 17.81 -41.39
CA TRP G 40 -31.73 19.06 -41.73
C TRP G 40 -33.23 18.83 -41.49
N VAL G 41 -33.92 19.84 -40.96
CA VAL G 41 -35.36 19.77 -40.53
C VAL G 41 -36.21 20.58 -41.53
N GLU G 42 -37.42 20.11 -41.83
CA GLU G 42 -38.36 20.73 -42.81
C GLU G 42 -38.79 22.11 -42.29
N LEU G 43 -39.51 22.14 -41.16
CA LEU G 43 -39.82 23.40 -40.42
C LEU G 43 -38.52 23.92 -39.81
N PRO G 44 -37.89 24.97 -40.39
CA PRO G 44 -36.52 25.35 -40.02
C PRO G 44 -36.40 26.06 -38.67
N ALA G 45 -37.53 26.49 -38.08
CA ALA G 45 -37.61 27.16 -36.76
C ALA G 45 -37.25 26.18 -35.63
N CYS G 46 -37.40 24.87 -35.86
CA CYS G 46 -37.16 23.79 -34.87
C CYS G 46 -35.70 23.33 -34.89
N ASN G 47 -34.89 23.80 -35.85
CA ASN G 47 -33.50 23.35 -36.11
C ASN G 47 -32.73 23.18 -34.79
N ASN G 48 -32.72 24.22 -33.95
CA ASN G 48 -31.86 24.31 -32.73
C ASN G 48 -32.49 23.57 -31.54
N TRP G 49 -33.66 22.94 -31.74
CA TRP G 49 -34.34 22.08 -30.74
C TRP G 49 -34.19 20.59 -31.12
N VAL G 50 -33.88 20.28 -32.38
CA VAL G 50 -33.72 18.89 -32.90
C VAL G 50 -32.61 18.19 -32.10
N ASP G 51 -31.45 18.85 -31.96
CA ASP G 51 -30.23 18.26 -31.33
C ASP G 51 -29.48 19.36 -30.56
N ILE G 52 -28.39 18.99 -29.88
CA ILE G 52 -27.52 19.90 -29.07
C ILE G 52 -26.08 19.82 -29.60
N GLY G 53 -25.26 20.82 -29.27
CA GLY G 53 -23.87 20.93 -29.73
C GLY G 53 -23.78 21.26 -31.21
N LEU G 54 -24.66 22.15 -31.67
CA LEU G 54 -24.82 22.52 -33.11
C LEU G 54 -23.85 23.65 -33.45
N PRO G 55 -23.19 23.61 -34.63
CA PRO G 55 -22.35 24.71 -35.10
C PRO G 55 -23.06 26.07 -35.03
N GLU G 56 -24.30 26.13 -35.54
CA GLU G 56 -25.16 27.34 -35.54
C GLU G 56 -25.13 28.02 -34.16
N VAL G 57 -25.12 27.22 -33.09
CA VAL G 57 -25.22 27.70 -31.67
C VAL G 57 -23.82 28.05 -31.14
N TYR G 58 -22.83 27.16 -31.36
CA TYR G 58 -21.52 27.17 -30.63
C TYR G 58 -20.43 27.87 -31.46
N ASP G 59 -20.39 27.66 -32.79
CA ASP G 59 -19.37 28.27 -33.68
C ASP G 59 -19.43 29.80 -33.52
N ASP G 60 -18.29 30.40 -33.13
CA ASP G 60 -18.16 31.83 -32.76
C ASP G 60 -16.66 32.12 -32.61
N PRO G 61 -16.16 33.31 -33.02
CA PRO G 61 -14.75 33.64 -32.84
C PRO G 61 -14.27 33.53 -31.38
N ASP G 62 -15.16 33.81 -30.42
CA ASP G 62 -14.85 33.89 -28.97
C ASP G 62 -15.10 32.55 -28.27
N LEU G 63 -15.34 31.46 -29.02
CA LEU G 63 -15.45 30.08 -28.46
C LEU G 63 -14.05 29.61 -28.05
N ALA G 64 -13.78 29.54 -26.75
CA ALA G 64 -12.45 29.22 -26.16
C ALA G 64 -12.17 27.71 -26.30
N SER G 65 -13.09 26.87 -25.80
CA SER G 65 -13.00 25.39 -25.86
C SER G 65 -14.41 24.80 -25.99
N PHE G 66 -14.50 23.60 -26.59
CA PHE G 66 -15.76 22.83 -26.76
C PHE G 66 -15.48 21.34 -26.64
N ASN G 67 -16.36 20.62 -25.94
CA ASN G 67 -16.32 19.15 -25.76
C ASN G 67 -17.75 18.63 -25.55
N GLY G 68 -18.04 17.45 -26.09
CA GLY G 68 -19.34 16.75 -25.95
C GLY G 68 -19.18 15.26 -26.14
N ALA G 69 -20.23 14.48 -25.85
CA ALA G 69 -20.24 13.01 -25.98
C ALA G 69 -21.68 12.49 -26.09
N THR G 70 -21.92 11.56 -27.02
CA THR G 70 -23.18 10.81 -27.20
C THR G 70 -23.02 9.44 -26.53
N THR G 71 -23.91 9.09 -25.59
CA THR G 71 -23.89 7.83 -24.80
C THR G 71 -25.16 7.03 -25.09
N GLN G 72 -25.04 5.71 -25.23
CA GLN G 72 -26.15 4.75 -25.46
C GLN G 72 -26.01 3.54 -24.52
N THR G 73 -27.06 2.71 -24.44
CA THR G 73 -27.08 1.46 -23.64
C THR G 73 -26.01 0.51 -24.18
N SER G 74 -26.01 0.25 -25.48
CA SER G 74 -24.96 -0.50 -26.22
C SER G 74 -24.76 0.13 -27.61
N ALA G 75 -23.83 -0.40 -28.40
CA ALA G 75 -23.52 0.05 -29.77
C ALA G 75 -24.75 -0.12 -30.67
N THR G 76 -25.53 -1.18 -30.44
CA THR G 76 -26.71 -1.59 -31.26
C THR G 76 -28.02 -1.12 -30.62
N ASP G 77 -28.03 -0.91 -29.30
CA ASP G 77 -29.26 -0.62 -28.48
C ASP G 77 -29.33 0.88 -28.19
N GLN G 78 -30.56 1.44 -28.20
CA GLN G 78 -30.83 2.88 -27.95
C GLN G 78 -31.93 3.05 -26.89
N THR G 79 -32.12 2.06 -26.01
CA THR G 79 -33.11 2.10 -24.89
C THR G 79 -32.99 3.45 -24.18
N HIS G 80 -31.74 3.81 -23.82
CA HIS G 80 -31.33 5.16 -23.36
C HIS G 80 -30.36 5.76 -24.39
N LEU G 81 -30.62 6.98 -24.85
CA LEU G 81 -29.65 7.81 -25.62
C LEU G 81 -29.47 9.13 -24.89
N VAL G 82 -28.29 9.35 -24.31
CA VAL G 82 -27.89 10.61 -23.60
C VAL G 82 -26.87 11.34 -24.47
N LYS G 83 -26.98 12.67 -24.57
CA LYS G 83 -25.99 13.54 -25.25
C LYS G 83 -25.66 14.74 -24.35
N GLN G 84 -24.39 15.14 -24.31
CA GLN G 84 -23.90 16.32 -23.54
C GLN G 84 -23.07 17.20 -24.48
N ALA G 85 -23.14 18.52 -24.28
CA ALA G 85 -22.34 19.54 -25.00
C ALA G 85 -22.02 20.69 -24.04
N VAL G 86 -20.73 21.05 -23.94
CA VAL G 86 -20.22 22.15 -23.08
C VAL G 86 -19.27 23.03 -23.91
N GLY G 87 -19.55 24.32 -23.98
CA GLY G 87 -18.71 25.34 -24.64
C GLY G 87 -18.33 26.44 -23.68
N VAL G 88 -17.02 26.72 -23.56
CA VAL G 88 -16.47 27.87 -22.80
C VAL G 88 -16.17 28.99 -23.80
N PHE G 89 -16.62 30.22 -23.50
CA PHE G 89 -16.45 31.42 -24.34
C PHE G 89 -15.49 32.40 -23.64
N ALA G 90 -14.80 33.23 -24.43
CA ALA G 90 -13.81 34.23 -23.97
C ALA G 90 -14.48 35.25 -23.05
N SER G 91 -15.74 35.63 -23.35
CA SER G 91 -16.55 36.63 -22.60
C SER G 91 -17.90 36.01 -22.21
N ASN G 92 -18.57 36.62 -21.21
CA ASN G 92 -19.96 36.27 -20.79
C ASN G 92 -20.93 36.62 -21.93
N ASP G 93 -20.68 37.72 -22.64
CA ASP G 93 -21.56 38.24 -23.73
C ASP G 93 -21.53 37.28 -24.92
N ALA G 94 -20.37 36.69 -25.23
CA ALA G 94 -20.16 35.72 -26.32
C ALA G 94 -21.03 34.48 -26.07
N ALA G 95 -21.10 34.03 -24.82
CA ALA G 95 -21.92 32.88 -24.35
C ALA G 95 -23.39 33.27 -24.35
N ASP G 96 -23.71 34.45 -23.82
CA ASP G 96 -25.10 35.00 -23.71
C ASP G 96 -25.72 35.05 -25.12
N ARG G 97 -24.95 35.44 -26.13
CA ARG G 97 -25.38 35.52 -27.55
C ARG G 97 -25.65 34.11 -28.09
N ALA G 98 -24.79 33.15 -27.75
CA ALA G 98 -24.88 31.73 -28.16
C ALA G 98 -26.15 31.10 -27.56
N PHE G 99 -26.46 31.44 -26.31
CA PHE G 99 -27.68 30.99 -25.57
C PHE G 99 -28.92 31.49 -26.32
N HIS G 100 -28.93 32.77 -26.70
CA HIS G 100 -30.08 33.46 -27.36
C HIS G 100 -30.23 32.98 -28.81
N ARG G 101 -29.17 32.41 -29.42
CA ARG G 101 -29.24 31.77 -30.76
C ARG G 101 -30.10 30.50 -30.68
N VAL G 102 -30.36 29.98 -29.46
CA VAL G 102 -31.27 28.84 -29.20
C VAL G 102 -32.69 29.36 -28.96
N VAL G 103 -32.85 30.37 -28.09
CA VAL G 103 -34.19 30.81 -27.58
C VAL G 103 -34.91 31.64 -28.66
N ASP G 104 -34.19 32.51 -29.35
CA ASP G 104 -34.75 33.50 -30.32
C ASP G 104 -35.13 32.79 -31.62
N ARG G 105 -34.30 31.86 -32.10
CA ARG G 105 -34.44 31.20 -33.43
C ARG G 105 -35.40 30.00 -33.35
N THR G 106 -35.88 29.65 -32.16
CA THR G 106 -36.84 28.54 -31.93
C THR G 106 -38.17 29.10 -31.40
N VAL G 107 -38.59 30.26 -31.91
CA VAL G 107 -39.95 30.85 -31.68
C VAL G 107 -40.89 30.30 -32.77
N GLY G 108 -41.98 29.65 -32.37
CA GLY G 108 -43.00 29.07 -33.27
C GLY G 108 -42.94 27.56 -33.31
N CYS G 109 -41.79 26.97 -32.95
CA CYS G 109 -41.53 25.51 -32.97
C CYS G 109 -42.42 24.79 -31.94
N SER G 110 -42.72 25.45 -30.81
CA SER G 110 -43.50 24.90 -29.67
C SER G 110 -44.89 24.47 -30.14
N GLY G 111 -45.19 23.16 -30.08
CA GLY G 111 -46.51 22.58 -30.40
C GLY G 111 -46.61 22.13 -31.84
N GLN G 112 -45.49 22.12 -32.58
CA GLN G 112 -45.43 21.73 -34.01
C GLN G 112 -44.86 20.31 -34.14
N THR G 113 -45.17 19.65 -35.26
CA THR G 113 -44.62 18.32 -35.67
C THR G 113 -43.99 18.47 -37.06
N THR G 114 -42.76 17.98 -37.24
CA THR G 114 -41.97 18.12 -38.49
C THR G 114 -41.08 16.88 -38.69
N ALA G 115 -40.60 16.68 -39.92
CA ALA G 115 -39.71 15.57 -40.33
C ALA G 115 -38.25 16.01 -40.22
N ILE G 116 -37.35 15.06 -39.94
CA ILE G 116 -35.89 15.29 -39.72
C ILE G 116 -35.10 14.29 -40.57
N HIS G 117 -34.46 14.75 -41.65
CA HIS G 117 -33.68 13.93 -42.61
C HIS G 117 -32.24 13.78 -42.12
N LEU G 118 -31.88 12.59 -41.62
CA LEU G 118 -30.53 12.28 -41.08
C LEU G 118 -29.55 12.07 -42.24
N ASP G 119 -28.25 12.22 -41.97
CA ASP G 119 -27.15 12.15 -42.98
C ASP G 119 -27.05 10.73 -43.54
N ASP G 120 -27.36 9.70 -42.73
CA ASP G 120 -27.26 8.27 -43.12
C ASP G 120 -28.36 7.91 -44.13
N GLY G 121 -29.37 8.77 -44.29
CA GLY G 121 -30.41 8.65 -45.33
C GLY G 121 -31.81 8.47 -44.74
N THR G 122 -31.89 8.06 -43.47
CA THR G 122 -33.17 7.78 -42.74
C THR G 122 -33.96 9.07 -42.54
N THR G 123 -35.25 8.96 -42.23
CA THR G 123 -36.15 10.08 -41.85
C THR G 123 -36.92 9.69 -40.58
N GLN G 124 -37.13 10.65 -39.68
CA GLN G 124 -37.92 10.49 -38.43
C GLN G 124 -38.83 11.71 -38.25
N VAL G 125 -40.01 11.51 -37.66
CA VAL G 125 -40.99 12.59 -37.34
C VAL G 125 -41.03 12.77 -35.81
N TRP G 126 -40.83 14.01 -35.35
CA TRP G 126 -40.79 14.39 -33.91
C TRP G 126 -41.75 15.55 -33.65
N SER G 127 -42.46 15.50 -32.53
CA SER G 127 -43.38 16.56 -32.04
C SER G 127 -42.70 17.35 -30.90
N PHE G 128 -42.33 18.61 -31.17
CA PHE G 128 -41.65 19.53 -30.22
C PHE G 128 -42.71 20.34 -29.47
N ALA G 129 -42.48 20.64 -28.19
CA ALA G 129 -43.41 21.42 -27.34
C ALA G 129 -42.75 21.81 -26.01
N GLY G 130 -43.45 22.66 -25.25
CA GLY G 130 -43.18 22.98 -23.83
C GLY G 130 -41.79 23.56 -23.61
N GLY G 131 -41.32 23.51 -22.36
CA GLY G 131 -39.98 23.96 -21.94
C GLY G 131 -40.03 25.20 -21.06
N PRO G 132 -39.96 25.06 -19.71
CA PRO G 132 -39.89 26.23 -18.82
C PRO G 132 -38.52 26.92 -18.96
N SER G 133 -38.54 28.22 -19.28
CA SER G 133 -37.33 29.03 -19.60
C SER G 133 -37.30 30.32 -18.76
N THR G 134 -36.14 30.61 -18.16
CA THR G 134 -35.80 31.89 -17.49
C THR G 134 -34.85 32.67 -18.42
N GLY G 135 -34.10 33.63 -17.89
CA GLY G 135 -33.07 34.39 -18.63
C GLY G 135 -31.84 33.54 -18.92
N THR G 136 -31.48 32.64 -18.01
CA THR G 136 -30.23 31.83 -18.03
C THR G 136 -30.53 30.34 -18.30
N ASP G 137 -31.81 29.95 -18.35
CA ASP G 137 -32.24 28.53 -18.53
C ASP G 137 -33.24 28.43 -19.68
N GLU G 138 -33.13 27.38 -20.48
CA GLU G 138 -34.09 27.03 -21.57
C GLU G 138 -34.18 25.50 -21.68
N ALA G 139 -35.31 24.94 -21.24
CA ALA G 139 -35.66 23.50 -21.38
C ALA G 139 -36.67 23.33 -22.51
N TRP G 140 -36.83 22.10 -23.00
CA TRP G 140 -37.88 21.69 -23.98
C TRP G 140 -37.93 20.16 -24.07
N THR G 141 -38.98 19.63 -24.70
CA THR G 141 -39.22 18.17 -24.89
C THR G 141 -39.63 17.90 -26.34
N LYS G 142 -39.05 16.86 -26.95
CA LYS G 142 -39.40 16.38 -28.31
C LYS G 142 -39.80 14.90 -28.22
N GLN G 143 -40.98 14.56 -28.73
CA GLN G 143 -41.56 13.19 -28.70
C GLN G 143 -41.58 12.62 -30.14
N GLU G 144 -40.97 11.45 -30.33
CA GLU G 144 -41.02 10.69 -31.61
C GLU G 144 -42.47 10.25 -31.85
N ALA G 145 -43.04 10.63 -33.00
CA ALA G 145 -44.45 10.38 -33.38
C ALA G 145 -44.67 8.88 -33.56
N GLY G 146 -45.66 8.32 -32.85
CA GLY G 146 -46.07 6.90 -32.94
C GLY G 146 -45.29 6.01 -31.98
N THR G 147 -44.70 6.59 -30.93
CA THR G 147 -43.99 5.87 -29.83
C THR G 147 -44.19 6.62 -28.51
N ASP G 148 -43.81 5.98 -27.40
CA ASP G 148 -43.85 6.56 -26.02
C ASP G 148 -42.46 7.08 -25.64
N ARG G 149 -41.53 7.14 -26.61
CA ARG G 149 -40.14 7.64 -26.46
C ARG G 149 -40.16 9.18 -26.50
N ARG G 150 -39.61 9.82 -25.47
CA ARG G 150 -39.49 11.30 -25.34
C ARG G 150 -38.05 11.65 -24.95
N CYS G 151 -37.53 12.75 -25.53
CA CYS G 151 -36.20 13.34 -25.19
C CYS G 151 -36.41 14.67 -24.46
N PHE G 152 -36.06 14.72 -23.17
CA PHE G 152 -36.04 15.96 -22.35
C PHE G 152 -34.65 16.60 -22.52
N VAL G 153 -34.62 17.90 -22.87
CA VAL G 153 -33.37 18.67 -23.12
C VAL G 153 -33.35 19.89 -22.19
N GLN G 154 -32.16 20.25 -21.69
CA GLN G 154 -31.90 21.49 -20.91
C GLN G 154 -30.71 22.23 -21.51
N THR G 155 -30.85 23.55 -21.70
CA THR G 155 -29.77 24.49 -22.10
C THR G 155 -29.58 25.49 -20.95
N ARG G 156 -28.39 25.49 -20.34
CA ARG G 156 -28.05 26.37 -19.18
C ARG G 156 -26.92 27.33 -19.59
N LEU G 157 -27.11 28.62 -19.33
CA LEU G 157 -26.09 29.70 -19.51
C LEU G 157 -25.54 30.06 -18.13
N ARG G 158 -24.32 29.62 -17.82
CA ARG G 158 -23.64 29.88 -16.54
C ARG G 158 -22.38 30.71 -16.81
N GLU G 159 -22.50 32.04 -16.66
CA GLU G 159 -21.42 33.04 -16.92
C GLU G 159 -20.99 32.93 -18.40
N ASN G 160 -19.79 32.40 -18.66
CA ASN G 160 -19.18 32.32 -20.02
C ASN G 160 -19.30 30.88 -20.55
N VAL G 161 -20.10 30.03 -19.91
CA VAL G 161 -20.30 28.60 -20.29
C VAL G 161 -21.74 28.43 -20.80
N LEU G 162 -21.92 27.60 -21.84
CA LEU G 162 -23.24 27.14 -22.34
C LEU G 162 -23.31 25.61 -22.24
N LEU G 163 -24.08 25.10 -21.27
CA LEU G 163 -24.34 23.65 -21.07
C LEU G 163 -25.56 23.24 -21.89
N GLN G 164 -25.50 22.06 -22.53
CA GLN G 164 -26.67 21.39 -23.16
C GLN G 164 -26.64 19.90 -22.77
N ALA G 165 -27.73 19.40 -22.20
CA ALA G 165 -27.91 17.99 -21.78
C ALA G 165 -29.21 17.44 -22.39
N LYS G 166 -29.15 16.26 -23.01
CA LYS G 166 -30.31 15.55 -23.63
C LYS G 166 -30.35 14.12 -23.11
N VAL G 167 -31.54 13.65 -22.72
CA VAL G 167 -31.80 12.26 -22.25
C VAL G 167 -33.03 11.72 -22.98
N CYS G 168 -32.85 10.69 -23.82
CA CYS G 168 -33.92 10.02 -24.62
C CYS G 168 -34.21 8.63 -24.05
N GLN G 169 -35.49 8.32 -23.83
CA GLN G 169 -35.97 7.05 -23.20
C GLN G 169 -37.49 7.07 -23.09
N SER G 170 -38.12 5.90 -22.99
CA SER G 170 -39.56 5.73 -22.66
C SER G 170 -39.82 6.27 -21.24
N GLY G 171 -41.08 6.52 -20.89
CA GLY G 171 -41.46 7.12 -19.59
C GLY G 171 -41.09 8.59 -19.54
N ASN G 172 -40.36 9.01 -18.50
CA ASN G 172 -40.08 10.44 -18.19
C ASN G 172 -38.57 10.62 -17.92
N ALA G 173 -37.86 11.28 -18.84
CA ALA G 173 -36.43 11.61 -18.73
C ALA G 173 -36.24 12.94 -17.98
N GLY G 174 -37.34 13.64 -17.67
CA GLY G 174 -37.35 14.96 -17.00
C GLY G 174 -36.43 15.02 -15.79
N PRO G 175 -36.64 14.16 -14.77
CA PRO G 175 -35.78 14.14 -13.58
C PRO G 175 -34.31 13.86 -13.92
N ALA G 176 -34.06 12.92 -14.84
CA ALA G 176 -32.72 12.42 -15.22
C ALA G 176 -31.88 13.55 -15.82
N VAL G 177 -32.39 14.24 -16.85
CA VAL G 177 -31.69 15.33 -17.59
C VAL G 177 -31.34 16.46 -16.61
N ASN G 178 -32.23 16.76 -15.67
CA ASN G 178 -32.05 17.83 -14.65
C ASN G 178 -30.85 17.48 -13.75
N VAL G 179 -30.73 16.22 -13.34
CA VAL G 179 -29.59 15.69 -12.52
C VAL G 179 -28.30 15.79 -13.36
N LEU G 180 -28.36 15.33 -14.61
CA LEU G 180 -27.21 15.29 -15.55
C LEU G 180 -26.68 16.72 -15.77
N ALA G 181 -27.57 17.67 -16.08
CA ALA G 181 -27.25 19.10 -16.28
C ALA G 181 -26.56 19.66 -15.03
N GLY G 182 -27.10 19.38 -13.85
CA GLY G 182 -26.58 19.83 -12.54
C GLY G 182 -25.24 19.20 -12.22
N ALA G 183 -25.04 17.94 -12.60
CA ALA G 183 -23.79 17.17 -12.42
C ALA G 183 -22.66 17.77 -13.27
N MET G 184 -22.99 18.16 -14.51
CA MET G 184 -22.06 18.84 -15.46
C MET G 184 -21.68 20.20 -14.89
N GLN G 185 -22.67 20.96 -14.40
CA GLN G 185 -22.52 22.34 -13.88
C GLN G 185 -21.60 22.36 -12.64
N ASN G 186 -21.61 21.29 -11.83
CA ASN G 186 -20.83 21.19 -10.57
C ASN G 186 -19.32 21.21 -10.87
N THR G 187 -18.91 20.71 -12.04
CA THR G 187 -17.48 20.61 -12.46
C THR G 187 -16.92 22.00 -12.76
N LEU G 188 -17.78 23.00 -12.99
CA LEU G 188 -17.38 24.41 -13.27
C LEU G 188 -16.92 25.07 -11.95
S SO4 H . 23.17 -3.37 6.70
O1 SO4 H . 24.26 -3.91 5.95
O2 SO4 H . 22.06 -4.29 6.66
O3 SO4 H . 22.76 -2.11 6.13
O4 SO4 H . 23.58 -3.17 8.07
S SO4 I . 29.16 -11.25 1.32
O1 SO4 I . 27.99 -12.07 1.28
O2 SO4 I . 30.29 -12.04 1.73
O3 SO4 I . 29.42 -10.71 0.00
O4 SO4 I . 28.97 -10.17 2.23
S SO4 J . 9.57 -16.88 14.50
O1 SO4 J . 10.47 -17.89 14.00
O2 SO4 J . 9.58 -16.91 15.95
O3 SO4 J . 10.00 -15.59 14.05
O4 SO4 J . 8.23 -17.14 14.03
S SO4 K . -10.26 -18.65 10.17
O1 SO4 K . -10.11 -20.03 9.77
O2 SO4 K . -9.49 -18.42 11.37
O3 SO4 K . -9.78 -17.80 9.12
O4 SO4 K . -11.64 -18.37 10.43
S SO4 L . -10.62 -27.96 3.84
O1 SO4 L . -10.95 -29.13 4.60
O2 SO4 L . -9.28 -28.06 3.34
O3 SO4 L . -10.73 -26.79 4.66
O4 SO4 L . -11.53 -27.84 2.72
S SO4 M . -22.46 -6.95 -3.40
O1 SO4 M . -22.54 -8.22 -4.07
O2 SO4 M . -21.75 -7.11 -2.16
O3 SO4 M . -21.76 -6.01 -4.23
O4 SO4 M . -23.79 -6.46 -3.14
S SO4 N . 1.38 15.26 -17.64
O1 SO4 N . 0.27 14.72 -16.93
O2 SO4 N . 2.60 14.95 -16.95
O3 SO4 N . 1.44 14.71 -18.97
O4 SO4 N . 1.25 16.69 -17.73
S SO4 O . 4.89 11.69 -27.25
O1 SO4 O . 6.20 11.25 -26.86
O2 SO4 O . 4.07 10.55 -27.55
O3 SO4 O . 4.99 12.53 -28.41
O4 SO4 O . 4.30 12.44 -26.17
S SO4 P . 19.97 10.75 -7.41
O1 SO4 P . 20.57 10.19 -8.59
O2 SO4 P . 20.25 9.89 -6.27
O3 SO4 P . 20.54 12.05 -7.16
O4 SO4 P . 18.55 10.87 -7.58
S SO4 Q . -17.18 7.40 -15.90
O1 SO4 Q . -17.49 6.58 -17.04
O2 SO4 Q . -17.49 6.67 -14.69
O3 SO4 Q . -15.79 7.73 -15.91
O4 SO4 Q . -17.96 8.61 -15.94
S SO4 R . -17.10 2.78 -26.43
O1 SO4 R . -17.92 1.64 -26.74
O2 SO4 R . -15.85 2.34 -25.87
O3 SO4 R . -16.85 3.52 -27.63
O4 SO4 R . -17.79 3.62 -25.48
#